data_3KHO
# 
_entry.id   3KHO 
# 
_audit_conform.dict_name       mmcif_pdbx.dic 
_audit_conform.dict_version    5.399 
_audit_conform.dict_location   http://mmcif.pdb.org/dictionaries/ascii/mmcif_pdbx.dic 
# 
loop_
_database_2.database_id 
_database_2.database_code 
_database_2.pdbx_database_accession 
_database_2.pdbx_DOI 
PDB   3KHO         pdb_00003kho 10.2210/pdb3kho/pdb 
RCSB  RCSB056005   ?            ?                   
WWPDB D_1000056005 ?            ?                   
# 
loop_
_pdbx_audit_revision_history.ordinal 
_pdbx_audit_revision_history.data_content_type 
_pdbx_audit_revision_history.major_revision 
_pdbx_audit_revision_history.minor_revision 
_pdbx_audit_revision_history.revision_date 
1 'Structure model' 1 0 2010-08-25 
2 'Structure model' 1 1 2011-07-13 
3 'Structure model' 1 2 2024-11-20 
# 
_pdbx_audit_revision_details.ordinal             1 
_pdbx_audit_revision_details.revision_ordinal    1 
_pdbx_audit_revision_details.data_content_type   'Structure model' 
_pdbx_audit_revision_details.provider            repository 
_pdbx_audit_revision_details.type                'Initial release' 
_pdbx_audit_revision_details.description         ? 
_pdbx_audit_revision_details.details             ? 
# 
loop_
_pdbx_audit_revision_group.ordinal 
_pdbx_audit_revision_group.revision_ordinal 
_pdbx_audit_revision_group.data_content_type 
_pdbx_audit_revision_group.group 
1 2 'Structure model' 'Version format compliance' 
2 3 'Structure model' 'Data collection'           
3 3 'Structure model' 'Database references'       
4 3 'Structure model' 'Derived calculations'      
5 3 'Structure model' 'Structure summary'         
# 
loop_
_pdbx_audit_revision_category.ordinal 
_pdbx_audit_revision_category.revision_ordinal 
_pdbx_audit_revision_category.data_content_type 
_pdbx_audit_revision_category.category 
1 3 'Structure model' chem_comp_atom            
2 3 'Structure model' chem_comp_bond            
3 3 'Structure model' database_2                
4 3 'Structure model' pdbx_entry_details        
5 3 'Structure model' pdbx_modification_feature 
6 3 'Structure model' struct_site               
# 
loop_
_pdbx_audit_revision_item.ordinal 
_pdbx_audit_revision_item.revision_ordinal 
_pdbx_audit_revision_item.data_content_type 
_pdbx_audit_revision_item.item 
1 3 'Structure model' '_database_2.pdbx_DOI'                
2 3 'Structure model' '_database_2.pdbx_database_accession' 
3 3 'Structure model' '_struct_site.pdbx_auth_asym_id'      
4 3 'Structure model' '_struct_site.pdbx_auth_comp_id'      
5 3 'Structure model' '_struct_site.pdbx_auth_seq_id'       
# 
_pdbx_database_status.status_code                     REL 
_pdbx_database_status.entry_id                        3KHO 
_pdbx_database_status.recvd_initial_deposition_date   2009-10-30 
_pdbx_database_status.deposit_site                    RCSB 
_pdbx_database_status.process_site                    RCSB 
_pdbx_database_status.status_code_sf                  REL 
_pdbx_database_status.status_code_mr                  ? 
_pdbx_database_status.SG_entry                        ? 
_pdbx_database_status.pdb_format_compatible           Y 
_pdbx_database_status.status_code_cs                  ? 
_pdbx_database_status.status_code_nmr_data            ? 
_pdbx_database_status.methods_development_category    ? 
# 
loop_
_pdbx_database_related.db_name 
_pdbx_database_related.db_id 
_pdbx_database_related.details 
_pdbx_database_related.content_type 
PDB 3KG5 . unspecified 
PDB 3KHQ . unspecified 
# 
loop_
_audit_author.name 
_audit_author.pdbx_ordinal 
'Radaev, S.' 1 
'Sun, P.D.'  2 
# 
_citation.id                        primary 
_citation.title                     
'Structural and Functional Studies of Igalphabeta and Its Assembly with the B Cell Antigen Receptor.' 
_citation.journal_abbrev            Structure 
_citation.journal_volume            18 
_citation.page_first                934 
_citation.page_last                 943 
_citation.year                      2010 
_citation.journal_id_ASTM           STRUE6 
_citation.country                   UK 
_citation.journal_id_ISSN           0969-2126 
_citation.journal_id_CSD            2005 
_citation.book_publisher            ? 
_citation.pdbx_database_id_PubMed   20696394 
_citation.pdbx_database_id_DOI      10.1016/j.str.2010.04.019 
# 
loop_
_citation_author.citation_id 
_citation_author.name 
_citation_author.ordinal 
_citation_author.identifier_ORCID 
primary 'Radaev, S.'    1 ? 
primary 'Zou, Z.'       2 ? 
primary 'Tolar, P.'     3 ? 
primary 'Nguyen, K.'    4 ? 
primary 'Nguyen, A.'    5 ? 
primary 'Krueger, P.D.' 6 ? 
primary 'Stutzman, N.'  7 ? 
primary 'Pierce, S.'    8 ? 
primary 'Sun, P.D.'     9 ? 
# 
loop_
_entity.id 
_entity.type 
_entity.src_method 
_entity.pdbx_description 
_entity.formula_weight 
_entity.pdbx_number_of_molecules 
_entity.pdbx_ec 
_entity.pdbx_mutation 
_entity.pdbx_fragment 
_entity.details 
1 polymer     man 'B-cell antigen receptor complex-associated protein beta chain' 15079.915 2  ? ? ? ? 
2 non-polymer syn 'SULFATE ION'                                                   96.063    2  ? ? ? ? 
3 water       nat water                                                           18.015    16 ? ? ? ? 
# 
_entity_name_com.entity_id   1 
_entity_name_com.name        'Ig-beta, B-cell-specific glycoprotein B29, Immunoglobulin-associated B29 protein' 
# 
_entity_poly.entity_id                      1 
_entity_poly.type                           'polypeptide(L)' 
_entity_poly.nstd_linkage                   no 
_entity_poly.nstd_monomer                   no 
_entity_poly.pdbx_seq_one_letter_code       
;PAMTSSDLPLNFQGSPCSQIWQHPRFAAKKRSSMVKFHCYTNHSGALTWFRKRGSQQPQELVSEEGRIVQTQNGSVYTLT
IQNIQYEDNGIYFCKQKCDSANHNVTDSCGTELLVLGFSTLDQLKRRNTLKDG
;
_entity_poly.pdbx_seq_one_letter_code_can   
;PAMTSSDLPLNFQGSPCSQIWQHPRFAAKKRSSMVKFHCYTNHSGALTWFRKRGSQQPQELVSEEGRIVQTQNGSVYTLT
IQNIQYEDNGIYFCKQKCDSANHNVTDSCGTELLVLGFSTLDQLKRRNTLKDG
;
_entity_poly.pdbx_strand_id                 B,A 
_entity_poly.pdbx_target_identifier         ? 
# 
loop_
_pdbx_entity_nonpoly.entity_id 
_pdbx_entity_nonpoly.name 
_pdbx_entity_nonpoly.comp_id 
2 'SULFATE ION' SO4 
3 water         HOH 
# 
loop_
_entity_poly_seq.entity_id 
_entity_poly_seq.num 
_entity_poly_seq.mon_id 
_entity_poly_seq.hetero 
1 1   PRO n 
1 2   ALA n 
1 3   MET n 
1 4   THR n 
1 5   SER n 
1 6   SER n 
1 7   ASP n 
1 8   LEU n 
1 9   PRO n 
1 10  LEU n 
1 11  ASN n 
1 12  PHE n 
1 13  GLN n 
1 14  GLY n 
1 15  SER n 
1 16  PRO n 
1 17  CYS n 
1 18  SER n 
1 19  GLN n 
1 20  ILE n 
1 21  TRP n 
1 22  GLN n 
1 23  HIS n 
1 24  PRO n 
1 25  ARG n 
1 26  PHE n 
1 27  ALA n 
1 28  ALA n 
1 29  LYS n 
1 30  LYS n 
1 31  ARG n 
1 32  SER n 
1 33  SER n 
1 34  MET n 
1 35  VAL n 
1 36  LYS n 
1 37  PHE n 
1 38  HIS n 
1 39  CYS n 
1 40  TYR n 
1 41  THR n 
1 42  ASN n 
1 43  HIS n 
1 44  SER n 
1 45  GLY n 
1 46  ALA n 
1 47  LEU n 
1 48  THR n 
1 49  TRP n 
1 50  PHE n 
1 51  ARG n 
1 52  LYS n 
1 53  ARG n 
1 54  GLY n 
1 55  SER n 
1 56  GLN n 
1 57  GLN n 
1 58  PRO n 
1 59  GLN n 
1 60  GLU n 
1 61  LEU n 
1 62  VAL n 
1 63  SER n 
1 64  GLU n 
1 65  GLU n 
1 66  GLY n 
1 67  ARG n 
1 68  ILE n 
1 69  VAL n 
1 70  GLN n 
1 71  THR n 
1 72  GLN n 
1 73  ASN n 
1 74  GLY n 
1 75  SER n 
1 76  VAL n 
1 77  TYR n 
1 78  THR n 
1 79  LEU n 
1 80  THR n 
1 81  ILE n 
1 82  GLN n 
1 83  ASN n 
1 84  ILE n 
1 85  GLN n 
1 86  TYR n 
1 87  GLU n 
1 88  ASP n 
1 89  ASN n 
1 90  GLY n 
1 91  ILE n 
1 92  TYR n 
1 93  PHE n 
1 94  CYS n 
1 95  LYS n 
1 96  GLN n 
1 97  LYS n 
1 98  CYS n 
1 99  ASP n 
1 100 SER n 
1 101 ALA n 
1 102 ASN n 
1 103 HIS n 
1 104 ASN n 
1 105 VAL n 
1 106 THR n 
1 107 ASP n 
1 108 SER n 
1 109 CYS n 
1 110 GLY n 
1 111 THR n 
1 112 GLU n 
1 113 LEU n 
1 114 LEU n 
1 115 VAL n 
1 116 LEU n 
1 117 GLY n 
1 118 PHE n 
1 119 SER n 
1 120 THR n 
1 121 LEU n 
1 122 ASP n 
1 123 GLN n 
1 124 LEU n 
1 125 LYS n 
1 126 ARG n 
1 127 ARG n 
1 128 ASN n 
1 129 THR n 
1 130 LEU n 
1 131 LYS n 
1 132 ASP n 
1 133 GLY n 
# 
_entity_src_gen.entity_id                          1 
_entity_src_gen.pdbx_src_id                        1 
_entity_src_gen.pdbx_alt_source_flag               sample 
_entity_src_gen.pdbx_seq_type                      ? 
_entity_src_gen.pdbx_beg_seq_num                   ? 
_entity_src_gen.pdbx_end_seq_num                   ? 
_entity_src_gen.gene_src_common_name               mouse 
_entity_src_gen.gene_src_genus                     ? 
_entity_src_gen.pdbx_gene_src_gene                 'Cd79b, Igb' 
_entity_src_gen.gene_src_species                   ? 
_entity_src_gen.gene_src_strain                    ? 
_entity_src_gen.gene_src_tissue                    ? 
_entity_src_gen.gene_src_tissue_fraction           ? 
_entity_src_gen.gene_src_details                   ? 
_entity_src_gen.pdbx_gene_src_fragment             ? 
_entity_src_gen.pdbx_gene_src_scientific_name      'Mus musculus' 
_entity_src_gen.pdbx_gene_src_ncbi_taxonomy_id     10090 
_entity_src_gen.pdbx_gene_src_variant              ? 
_entity_src_gen.pdbx_gene_src_cell_line            ? 
_entity_src_gen.pdbx_gene_src_atcc                 ? 
_entity_src_gen.pdbx_gene_src_organ                ? 
_entity_src_gen.pdbx_gene_src_organelle            ? 
_entity_src_gen.pdbx_gene_src_cell                 ? 
_entity_src_gen.pdbx_gene_src_cellular_location    ? 
_entity_src_gen.host_org_common_name               ? 
_entity_src_gen.pdbx_host_org_scientific_name      'Escherichia coli' 
_entity_src_gen.pdbx_host_org_ncbi_taxonomy_id     562 
_entity_src_gen.host_org_genus                     ? 
_entity_src_gen.pdbx_host_org_gene                 ? 
_entity_src_gen.pdbx_host_org_organ                ? 
_entity_src_gen.host_org_species                   ? 
_entity_src_gen.pdbx_host_org_tissue               ? 
_entity_src_gen.pdbx_host_org_tissue_fraction      ? 
_entity_src_gen.pdbx_host_org_strain               ? 
_entity_src_gen.pdbx_host_org_variant              ? 
_entity_src_gen.pdbx_host_org_cell_line            ? 
_entity_src_gen.pdbx_host_org_atcc                 ? 
_entity_src_gen.pdbx_host_org_culture_collection   ? 
_entity_src_gen.pdbx_host_org_cell                 ? 
_entity_src_gen.pdbx_host_org_organelle            ? 
_entity_src_gen.pdbx_host_org_cellular_location    ? 
_entity_src_gen.pdbx_host_org_vector_type          plasmid 
_entity_src_gen.pdbx_host_org_vector               ? 
_entity_src_gen.host_org_details                   ? 
_entity_src_gen.expression_system_id               ? 
_entity_src_gen.plasmid_name                       ? 
_entity_src_gen.plasmid_details                    ? 
_entity_src_gen.pdbx_description                   ? 
# 
loop_
_chem_comp.id 
_chem_comp.type 
_chem_comp.mon_nstd_flag 
_chem_comp.name 
_chem_comp.pdbx_synonyms 
_chem_comp.formula 
_chem_comp.formula_weight 
ALA 'L-peptide linking' y ALANINE         ? 'C3 H7 N O2'     89.093  
ARG 'L-peptide linking' y ARGININE        ? 'C6 H15 N4 O2 1' 175.209 
ASN 'L-peptide linking' y ASPARAGINE      ? 'C4 H8 N2 O3'    132.118 
ASP 'L-peptide linking' y 'ASPARTIC ACID' ? 'C4 H7 N O4'     133.103 
CYS 'L-peptide linking' y CYSTEINE        ? 'C3 H7 N O2 S'   121.158 
GLN 'L-peptide linking' y GLUTAMINE       ? 'C5 H10 N2 O3'   146.144 
GLU 'L-peptide linking' y 'GLUTAMIC ACID' ? 'C5 H9 N O4'     147.129 
GLY 'peptide linking'   y GLYCINE         ? 'C2 H5 N O2'     75.067  
HIS 'L-peptide linking' y HISTIDINE       ? 'C6 H10 N3 O2 1' 156.162 
HOH non-polymer         . WATER           ? 'H2 O'           18.015  
ILE 'L-peptide linking' y ISOLEUCINE      ? 'C6 H13 N O2'    131.173 
LEU 'L-peptide linking' y LEUCINE         ? 'C6 H13 N O2'    131.173 
LYS 'L-peptide linking' y LYSINE          ? 'C6 H15 N2 O2 1' 147.195 
MET 'L-peptide linking' y METHIONINE      ? 'C5 H11 N O2 S'  149.211 
PHE 'L-peptide linking' y PHENYLALANINE   ? 'C9 H11 N O2'    165.189 
PRO 'L-peptide linking' y PROLINE         ? 'C5 H9 N O2'     115.130 
SER 'L-peptide linking' y SERINE          ? 'C3 H7 N O3'     105.093 
SO4 non-polymer         . 'SULFATE ION'   ? 'O4 S -2'        96.063  
THR 'L-peptide linking' y THREONINE       ? 'C4 H9 N O3'     119.119 
TRP 'L-peptide linking' y TRYPTOPHAN      ? 'C11 H12 N2 O2'  204.225 
TYR 'L-peptide linking' y TYROSINE        ? 'C9 H11 N O3'    181.189 
VAL 'L-peptide linking' y VALINE          ? 'C5 H11 N O2'    117.146 
# 
loop_
_pdbx_poly_seq_scheme.asym_id 
_pdbx_poly_seq_scheme.entity_id 
_pdbx_poly_seq_scheme.seq_id 
_pdbx_poly_seq_scheme.mon_id 
_pdbx_poly_seq_scheme.ndb_seq_num 
_pdbx_poly_seq_scheme.pdb_seq_num 
_pdbx_poly_seq_scheme.auth_seq_num 
_pdbx_poly_seq_scheme.pdb_mon_id 
_pdbx_poly_seq_scheme.auth_mon_id 
_pdbx_poly_seq_scheme.pdb_strand_id 
_pdbx_poly_seq_scheme.pdb_ins_code 
_pdbx_poly_seq_scheme.hetero 
A 1 1   PRO 1   27  ?   ?   ?   B . n 
A 1 2   ALA 2   28  ?   ?   ?   B . n 
A 1 3   MET 3   29  ?   ?   ?   B . n 
A 1 4   THR 4   30  ?   ?   ?   B . n 
A 1 5   SER 5   31  ?   ?   ?   B . n 
A 1 6   SER 6   32  ?   ?   ?   B . n 
A 1 7   ASP 7   33  ?   ?   ?   B . n 
A 1 8   LEU 8   34  ?   ?   ?   B . n 
A 1 9   PRO 9   35  ?   ?   ?   B . n 
A 1 10  LEU 10  36  ?   ?   ?   B . n 
A 1 11  ASN 11  37  ?   ?   ?   B . n 
A 1 12  PHE 12  38  ?   ?   ?   B . n 
A 1 13  GLN 13  39  ?   ?   ?   B . n 
A 1 14  GLY 14  40  ?   ?   ?   B . n 
A 1 15  SER 15  41  ?   ?   ?   B . n 
A 1 16  PRO 16  42  ?   ?   ?   B . n 
A 1 17  CYS 17  43  43  CYS CYS B . n 
A 1 18  SER 18  44  44  SER SER B . n 
A 1 19  GLN 19  45  45  GLN GLN B . n 
A 1 20  ILE 20  46  46  ILE ILE B . n 
A 1 21  TRP 21  47  47  TRP TRP B . n 
A 1 22  GLN 22  48  48  GLN GLN B . n 
A 1 23  HIS 23  49  49  HIS HIS B . n 
A 1 24  PRO 24  50  50  PRO PRO B . n 
A 1 25  ARG 25  51  51  ARG ARG B . n 
A 1 26  PHE 26  52  52  PHE PHE B . n 
A 1 27  ALA 27  53  53  ALA ALA B . n 
A 1 28  ALA 28  54  54  ALA ALA B . n 
A 1 29  LYS 29  55  55  LYS LYS B . n 
A 1 30  LYS 30  56  56  LYS LYS B . n 
A 1 31  ARG 31  57  57  ARG ARG B . n 
A 1 32  SER 32  58  58  SER SER B . n 
A 1 33  SER 33  59  59  SER SER B . n 
A 1 34  MET 34  60  60  MET MET B . n 
A 1 35  VAL 35  61  61  VAL VAL B . n 
A 1 36  LYS 36  62  62  LYS LYS B . n 
A 1 37  PHE 37  63  63  PHE PHE B . n 
A 1 38  HIS 38  64  64  HIS HIS B . n 
A 1 39  CYS 39  65  65  CYS CYS B . n 
A 1 40  TYR 40  66  66  TYR TYR B . n 
A 1 41  THR 41  67  67  THR THR B . n 
A 1 42  ASN 42  68  68  ASN ASN B . n 
A 1 43  HIS 43  69  69  HIS HIS B . n 
A 1 44  SER 44  70  70  SER SER B . n 
A 1 45  GLY 45  71  71  GLY GLY B . n 
A 1 46  ALA 46  72  72  ALA ALA B . n 
A 1 47  LEU 47  73  73  LEU LEU B . n 
A 1 48  THR 48  74  74  THR THR B . n 
A 1 49  TRP 49  75  75  TRP TRP B . n 
A 1 50  PHE 50  76  76  PHE PHE B . n 
A 1 51  ARG 51  77  77  ARG ARG B . n 
A 1 52  LYS 52  78  78  LYS LYS B . n 
A 1 53  ARG 53  79  79  ARG ARG B . n 
A 1 54  GLY 54  80  80  GLY GLY B . n 
A 1 55  SER 55  81  81  SER SER B . n 
A 1 56  GLN 56  82  82  GLN GLN B . n 
A 1 57  GLN 57  83  83  GLN GLN B . n 
A 1 58  PRO 58  84  84  PRO PRO B . n 
A 1 59  GLN 59  85  85  GLN GLN B . n 
A 1 60  GLU 60  86  86  GLU GLU B . n 
A 1 61  LEU 61  87  87  LEU LEU B . n 
A 1 62  VAL 62  88  88  VAL VAL B . n 
A 1 63  SER 63  89  89  SER SER B . n 
A 1 64  GLU 64  90  90  GLU GLU B . n 
A 1 65  GLU 65  91  91  GLU GLU B . n 
A 1 66  GLY 66  92  92  GLY GLY B . n 
A 1 67  ARG 67  93  93  ARG ARG B . n 
A 1 68  ILE 68  94  94  ILE ILE B . n 
A 1 69  VAL 69  95  95  VAL VAL B . n 
A 1 70  GLN 70  96  96  GLN GLN B . n 
A 1 71  THR 71  97  97  THR THR B . n 
A 1 72  GLN 72  98  98  GLN GLN B . n 
A 1 73  ASN 73  99  99  ASN ASN B . n 
A 1 74  GLY 74  100 100 GLY GLY B . n 
A 1 75  SER 75  101 101 SER SER B . n 
A 1 76  VAL 76  102 102 VAL VAL B . n 
A 1 77  TYR 77  103 103 TYR TYR B . n 
A 1 78  THR 78  104 104 THR THR B . n 
A 1 79  LEU 79  105 105 LEU LEU B . n 
A 1 80  THR 80  106 106 THR THR B . n 
A 1 81  ILE 81  107 107 ILE ILE B . n 
A 1 82  GLN 82  108 108 GLN GLN B . n 
A 1 83  ASN 83  109 109 ASN ASN B . n 
A 1 84  ILE 84  110 110 ILE ILE B . n 
A 1 85  GLN 85  111 111 GLN GLN B . n 
A 1 86  TYR 86  112 112 TYR TYR B . n 
A 1 87  GLU 87  113 113 GLU GLU B . n 
A 1 88  ASP 88  114 114 ASP ASP B . n 
A 1 89  ASN 89  115 115 ASN ASN B . n 
A 1 90  GLY 90  116 116 GLY GLY B . n 
A 1 91  ILE 91  117 117 ILE ILE B . n 
A 1 92  TYR 92  118 118 TYR TYR B . n 
A 1 93  PHE 93  119 119 PHE PHE B . n 
A 1 94  CYS 94  120 120 CYS CYS B . n 
A 1 95  LYS 95  121 121 LYS LYS B . n 
A 1 96  GLN 96  122 122 GLN GLN B . n 
A 1 97  LYS 97  123 123 LYS LYS B . n 
A 1 98  CYS 98  124 124 CYS CYS B . n 
A 1 99  ASP 99  125 ?   ?   ?   B . n 
A 1 100 SER 100 126 ?   ?   ?   B . n 
A 1 101 ALA 101 127 ?   ?   ?   B . n 
A 1 102 ASN 102 128 ?   ?   ?   B . n 
A 1 103 HIS 103 129 ?   ?   ?   B . n 
A 1 104 ASN 104 130 130 ASN ASN B . n 
A 1 105 VAL 105 131 131 VAL VAL B . n 
A 1 106 THR 106 132 132 THR THR B . n 
A 1 107 ASP 107 133 133 ASP ASP B . n 
A 1 108 SER 108 134 134 SER SER B . n 
A 1 109 CYS 109 135 135 CYS CYS B . n 
A 1 110 GLY 110 136 136 GLY GLY B . n 
A 1 111 THR 111 137 137 THR THR B . n 
A 1 112 GLU 112 138 138 GLU GLU B . n 
A 1 113 LEU 113 139 139 LEU LEU B . n 
A 1 114 LEU 114 140 140 LEU LEU B . n 
A 1 115 VAL 115 141 141 VAL VAL B . n 
A 1 116 LEU 116 142 142 LEU LEU B . n 
A 1 117 GLY 117 143 ?   ?   ?   B . n 
A 1 118 PHE 118 144 ?   ?   ?   B . n 
A 1 119 SER 119 145 ?   ?   ?   B . n 
A 1 120 THR 120 146 ?   ?   ?   B . n 
A 1 121 LEU 121 147 ?   ?   ?   B . n 
A 1 122 ASP 122 148 ?   ?   ?   B . n 
A 1 123 GLN 123 149 ?   ?   ?   B . n 
A 1 124 LEU 124 150 ?   ?   ?   B . n 
A 1 125 LYS 125 151 ?   ?   ?   B . n 
A 1 126 ARG 126 152 ?   ?   ?   B . n 
A 1 127 ARG 127 153 ?   ?   ?   B . n 
A 1 128 ASN 128 154 ?   ?   ?   B . n 
A 1 129 THR 129 155 ?   ?   ?   B . n 
A 1 130 LEU 130 156 ?   ?   ?   B . n 
A 1 131 LYS 131 157 ?   ?   ?   B . n 
A 1 132 ASP 132 158 ?   ?   ?   B . n 
A 1 133 GLY 133 159 ?   ?   ?   B . n 
B 1 1   PRO 1   27  ?   ?   ?   A . n 
B 1 2   ALA 2   28  ?   ?   ?   A . n 
B 1 3   MET 3   29  ?   ?   ?   A . n 
B 1 4   THR 4   30  ?   ?   ?   A . n 
B 1 5   SER 5   31  ?   ?   ?   A . n 
B 1 6   SER 6   32  ?   ?   ?   A . n 
B 1 7   ASP 7   33  ?   ?   ?   A . n 
B 1 8   LEU 8   34  ?   ?   ?   A . n 
B 1 9   PRO 9   35  ?   ?   ?   A . n 
B 1 10  LEU 10  36  ?   ?   ?   A . n 
B 1 11  ASN 11  37  ?   ?   ?   A . n 
B 1 12  PHE 12  38  ?   ?   ?   A . n 
B 1 13  GLN 13  39  ?   ?   ?   A . n 
B 1 14  GLY 14  40  ?   ?   ?   A . n 
B 1 15  SER 15  41  ?   ?   ?   A . n 
B 1 16  PRO 16  42  ?   ?   ?   A . n 
B 1 17  CYS 17  43  ?   ?   ?   A . n 
B 1 18  SER 18  44  ?   ?   ?   A . n 
B 1 19  GLN 19  45  ?   ?   ?   A . n 
B 1 20  ILE 20  46  46  ILE ILE A . n 
B 1 21  TRP 21  47  47  TRP TRP A . n 
B 1 22  GLN 22  48  48  GLN GLN A . n 
B 1 23  HIS 23  49  49  HIS HIS A . n 
B 1 24  PRO 24  50  50  PRO PRO A . n 
B 1 25  ARG 25  51  51  ARG ARG A . n 
B 1 26  PHE 26  52  52  PHE PHE A . n 
B 1 27  ALA 27  53  53  ALA ALA A . n 
B 1 28  ALA 28  54  54  ALA ALA A . n 
B 1 29  LYS 29  55  55  LYS LYS A . n 
B 1 30  LYS 30  56  56  LYS LYS A . n 
B 1 31  ARG 31  57  57  ARG ARG A . n 
B 1 32  SER 32  58  58  SER SER A . n 
B 1 33  SER 33  59  59  SER SER A . n 
B 1 34  MET 34  60  60  MET MET A . n 
B 1 35  VAL 35  61  61  VAL VAL A . n 
B 1 36  LYS 36  62  62  LYS LYS A . n 
B 1 37  PHE 37  63  63  PHE PHE A . n 
B 1 38  HIS 38  64  64  HIS HIS A . n 
B 1 39  CYS 39  65  65  CYS CYS A . n 
B 1 40  TYR 40  66  66  TYR TYR A . n 
B 1 41  THR 41  67  67  THR THR A . n 
B 1 42  ASN 42  68  68  ASN ASN A . n 
B 1 43  HIS 43  69  69  HIS HIS A . n 
B 1 44  SER 44  70  70  SER SER A . n 
B 1 45  GLY 45  71  71  GLY GLY A . n 
B 1 46  ALA 46  72  72  ALA ALA A . n 
B 1 47  LEU 47  73  73  LEU LEU A . n 
B 1 48  THR 48  74  74  THR THR A . n 
B 1 49  TRP 49  75  75  TRP TRP A . n 
B 1 50  PHE 50  76  76  PHE PHE A . n 
B 1 51  ARG 51  77  77  ARG ARG A . n 
B 1 52  LYS 52  78  78  LYS LYS A . n 
B 1 53  ARG 53  79  79  ARG ARG A . n 
B 1 54  GLY 54  80  80  GLY GLY A . n 
B 1 55  SER 55  81  81  SER SER A . n 
B 1 56  GLN 56  82  82  GLN GLN A . n 
B 1 57  GLN 57  83  83  GLN GLN A . n 
B 1 58  PRO 58  84  84  PRO PRO A . n 
B 1 59  GLN 59  85  85  GLN GLN A . n 
B 1 60  GLU 60  86  86  GLU GLU A . n 
B 1 61  LEU 61  87  87  LEU LEU A . n 
B 1 62  VAL 62  88  88  VAL VAL A . n 
B 1 63  SER 63  89  89  SER SER A . n 
B 1 64  GLU 64  90  ?   ?   ?   A . n 
B 1 65  GLU 65  91  ?   ?   ?   A . n 
B 1 66  GLY 66  92  92  GLY GLY A . n 
B 1 67  ARG 67  93  93  ARG ARG A . n 
B 1 68  ILE 68  94  94  ILE ILE A . n 
B 1 69  VAL 69  95  95  VAL VAL A . n 
B 1 70  GLN 70  96  96  GLN GLN A . n 
B 1 71  THR 71  97  97  THR THR A . n 
B 1 72  GLN 72  98  98  GLN GLN A . n 
B 1 73  ASN 73  99  99  ASN ASN A . n 
B 1 74  GLY 74  100 100 GLY GLY A . n 
B 1 75  SER 75  101 101 SER SER A . n 
B 1 76  VAL 76  102 102 VAL VAL A . n 
B 1 77  TYR 77  103 103 TYR TYR A . n 
B 1 78  THR 78  104 104 THR THR A . n 
B 1 79  LEU 79  105 105 LEU LEU A . n 
B 1 80  THR 80  106 106 THR THR A . n 
B 1 81  ILE 81  107 107 ILE ILE A . n 
B 1 82  GLN 82  108 108 GLN GLN A . n 
B 1 83  ASN 83  109 109 ASN ASN A . n 
B 1 84  ILE 84  110 110 ILE ILE A . n 
B 1 85  GLN 85  111 111 GLN GLN A . n 
B 1 86  TYR 86  112 112 TYR TYR A . n 
B 1 87  GLU 87  113 113 GLU GLU A . n 
B 1 88  ASP 88  114 114 ASP ASP A . n 
B 1 89  ASN 89  115 115 ASN ASN A . n 
B 1 90  GLY 90  116 116 GLY GLY A . n 
B 1 91  ILE 91  117 117 ILE ILE A . n 
B 1 92  TYR 92  118 118 TYR TYR A . n 
B 1 93  PHE 93  119 119 PHE PHE A . n 
B 1 94  CYS 94  120 120 CYS CYS A . n 
B 1 95  LYS 95  121 121 LYS LYS A . n 
B 1 96  GLN 96  122 122 GLN GLN A . n 
B 1 97  LYS 97  123 123 LYS LYS A . n 
B 1 98  CYS 98  124 ?   ?   ?   A . n 
B 1 99  ASP 99  125 ?   ?   ?   A . n 
B 1 100 SER 100 126 ?   ?   ?   A . n 
B 1 101 ALA 101 127 ?   ?   ?   A . n 
B 1 102 ASN 102 128 ?   ?   ?   A . n 
B 1 103 HIS 103 129 ?   ?   ?   A . n 
B 1 104 ASN 104 130 ?   ?   ?   A . n 
B 1 105 VAL 105 131 ?   ?   ?   A . n 
B 1 106 THR 106 132 ?   ?   ?   A . n 
B 1 107 ASP 107 133 133 ASP ASP A . n 
B 1 108 SER 108 134 134 SER SER A . n 
B 1 109 CYS 109 135 135 CYS CYS A . n 
B 1 110 GLY 110 136 136 GLY GLY A . n 
B 1 111 THR 111 137 137 THR THR A . n 
B 1 112 GLU 112 138 138 GLU GLU A . n 
B 1 113 LEU 113 139 139 LEU LEU A . n 
B 1 114 LEU 114 140 140 LEU LEU A . n 
B 1 115 VAL 115 141 141 VAL VAL A . n 
B 1 116 LEU 116 142 142 LEU LEU A . n 
B 1 117 GLY 117 143 143 GLY GLY A . n 
B 1 118 PHE 118 144 144 PHE PHE A . n 
B 1 119 SER 119 145 ?   ?   ?   A . n 
B 1 120 THR 120 146 ?   ?   ?   A . n 
B 1 121 LEU 121 147 ?   ?   ?   A . n 
B 1 122 ASP 122 148 ?   ?   ?   A . n 
B 1 123 GLN 123 149 ?   ?   ?   A . n 
B 1 124 LEU 124 150 ?   ?   ?   A . n 
B 1 125 LYS 125 151 ?   ?   ?   A . n 
B 1 126 ARG 126 152 ?   ?   ?   A . n 
B 1 127 ARG 127 153 ?   ?   ?   A . n 
B 1 128 ASN 128 154 ?   ?   ?   A . n 
B 1 129 THR 129 155 ?   ?   ?   A . n 
B 1 130 LEU 130 156 ?   ?   ?   A . n 
B 1 131 LYS 131 157 ?   ?   ?   A . n 
B 1 132 ASP 132 158 ?   ?   ?   A . n 
B 1 133 GLY 133 159 ?   ?   ?   A . n 
# 
loop_
_pdbx_nonpoly_scheme.asym_id 
_pdbx_nonpoly_scheme.entity_id 
_pdbx_nonpoly_scheme.mon_id 
_pdbx_nonpoly_scheme.ndb_seq_num 
_pdbx_nonpoly_scheme.pdb_seq_num 
_pdbx_nonpoly_scheme.auth_seq_num 
_pdbx_nonpoly_scheme.pdb_mon_id 
_pdbx_nonpoly_scheme.auth_mon_id 
_pdbx_nonpoly_scheme.pdb_strand_id 
_pdbx_nonpoly_scheme.pdb_ins_code 
C 2 SO4 1  900 900 SO4 SO4 B . 
D 2 SO4 1  800 800 SO4 SO4 A . 
E 3 HOH 1  1   1   HOH HOH B . 
E 3 HOH 2  3   3   HOH HOH B . 
E 3 HOH 3  6   6   HOH HOH B . 
E 3 HOH 4  9   9   HOH HOH B . 
E 3 HOH 5  14  14  HOH HOH B . 
E 3 HOH 6  16  16  HOH HOH B . 
E 3 HOH 7  22  22  HOH HOH B . 
E 3 HOH 8  24  24  HOH HOH B . 
E 3 HOH 9  26  26  HOH HOH B . 
E 3 HOH 10 160 27  HOH HOH B . 
F 3 HOH 1  4   4   HOH HOH A . 
F 3 HOH 2  11  11  HOH HOH A . 
F 3 HOH 3  12  12  HOH HOH A . 
F 3 HOH 4  15  15  HOH HOH A . 
F 3 HOH 5  160 30  HOH HOH A . 
F 3 HOH 6  161 31  HOH HOH A . 
# 
_pdbx_unobs_or_zero_occ_atoms.id               1 
_pdbx_unobs_or_zero_occ_atoms.PDB_model_num    1 
_pdbx_unobs_or_zero_occ_atoms.polymer_flag     Y 
_pdbx_unobs_or_zero_occ_atoms.occupancy_flag   0 
_pdbx_unobs_or_zero_occ_atoms.auth_asym_id     B 
_pdbx_unobs_or_zero_occ_atoms.auth_comp_id     SER 
_pdbx_unobs_or_zero_occ_atoms.auth_seq_id      44 
_pdbx_unobs_or_zero_occ_atoms.PDB_ins_code     ? 
_pdbx_unobs_or_zero_occ_atoms.auth_atom_id     OG 
_pdbx_unobs_or_zero_occ_atoms.label_alt_id     ? 
_pdbx_unobs_or_zero_occ_atoms.label_asym_id    A 
_pdbx_unobs_or_zero_occ_atoms.label_comp_id    SER 
_pdbx_unobs_or_zero_occ_atoms.label_seq_id     18 
_pdbx_unobs_or_zero_occ_atoms.label_atom_id    OG 
# 
loop_
_software.name 
_software.classification 
_software.version 
_software.citation_id 
_software.pdbx_ordinal 
CNS      refinement       . ? 1 
HKL-2000 'data reduction' . ? 2 
HKL-2000 'data scaling'   . ? 3 
CNS      phasing          . ? 4 
# 
_cell.entry_id           3KHO 
_cell.length_a           87.97 
_cell.length_b           87.97 
_cell.length_c           75.29 
_cell.angle_alpha        90.00 
_cell.angle_beta         90.00 
_cell.angle_gamma        90.00 
_cell.Z_PDB              16 
_cell.pdbx_unique_axis   ? 
_cell.length_a_esd       ? 
_cell.length_b_esd       ? 
_cell.length_c_esd       ? 
_cell.angle_alpha_esd    ? 
_cell.angle_beta_esd     ? 
_cell.angle_gamma_esd    ? 
# 
_symmetry.entry_id                         3KHO 
_symmetry.space_group_name_H-M             'P 41 21 2' 
_symmetry.pdbx_full_space_group_name_H-M   ? 
_symmetry.cell_setting                     ? 
_symmetry.Int_Tables_number                92 
_symmetry.space_group_name_Hall            ? 
# 
_exptl.entry_id          3KHO 
_exptl.method            'X-RAY DIFFRACTION' 
_exptl.crystals_number   1 
# 
_exptl_crystal.id                    1 
_exptl_crystal.density_meas          ? 
_exptl_crystal.density_Matthews      2.41 
_exptl_crystal.density_percent_sol   49.06 
_exptl_crystal.description           ? 
_exptl_crystal.F_000                 ? 
_exptl_crystal.preparation           ? 
# 
_exptl_crystal_grow.crystal_id      1 
_exptl_crystal_grow.method          'VAPOR DIFFUSION' 
_exptl_crystal_grow.temp            298 
_exptl_crystal_grow.temp_details    ? 
_exptl_crystal_grow.pH              8.0 
_exptl_crystal_grow.pdbx_details    '0.7-1.0 M Ammonium Sulfate, 100mM Tris, pH 8.0, VAPOR DIFFUSION, temperature 298K' 
_exptl_crystal_grow.pdbx_pH_range   ? 
# 
_diffrn.id                     1 
_diffrn.ambient_temp           100 
_diffrn.ambient_temp_details   ? 
_diffrn.crystal_id             1 
# 
_diffrn_detector.diffrn_id              1 
_diffrn_detector.detector               CCD 
_diffrn_detector.type                   'MARMOSAIC 300 mm CCD' 
_diffrn_detector.pdbx_collection_date   ? 
_diffrn_detector.details                mirrors 
# 
_diffrn_radiation.diffrn_id                        1 
_diffrn_radiation.wavelength_id                    1 
_diffrn_radiation.pdbx_monochromatic_or_laue_m_l   M 
_diffrn_radiation.monochromator                    'SI(111)' 
_diffrn_radiation.pdbx_diffrn_protocol             'SINGLE WAVELENGTH' 
_diffrn_radiation.pdbx_scattering_type             x-ray 
# 
_diffrn_radiation_wavelength.id           1 
_diffrn_radiation_wavelength.wavelength   1.000 
_diffrn_radiation_wavelength.wt           1.0 
# 
_diffrn_source.diffrn_id                   1 
_diffrn_source.source                      SYNCHROTRON 
_diffrn_source.type                        'APS BEAMLINE 22-ID' 
_diffrn_source.pdbx_synchrotron_site       APS 
_diffrn_source.pdbx_synchrotron_beamline   22-ID 
_diffrn_source.pdbx_wavelength             ? 
_diffrn_source.pdbx_wavelength_list        1.000 
# 
_reflns.entry_id                     3KHO 
_reflns.observed_criterion_sigma_I   -3.0 
_reflns.observed_criterion_sigma_F   ? 
_reflns.d_resolution_low             50.0 
_reflns.d_resolution_high            3.1 
_reflns.number_obs                   5597 
_reflns.number_all                   ? 
_reflns.percent_possible_obs         ? 
_reflns.pdbx_Rmerge_I_obs            ? 
_reflns.pdbx_Rsym_value              0.135 
_reflns.pdbx_netI_over_sigmaI        14.1 
_reflns.B_iso_Wilson_estimate        59.7 
_reflns.pdbx_redundancy              6.1 
_reflns.R_free_details               ? 
_reflns.limit_h_max                  ? 
_reflns.limit_h_min                  ? 
_reflns.limit_k_max                  ? 
_reflns.limit_k_min                  ? 
_reflns.limit_l_max                  ? 
_reflns.limit_l_min                  ? 
_reflns.observed_criterion_F_max     ? 
_reflns.observed_criterion_F_min     ? 
_reflns.pdbx_chi_squared             ? 
_reflns.pdbx_scaling_rejects         ? 
_reflns.pdbx_diffrn_id               1 
_reflns.pdbx_ordinal                 1 
# 
_reflns_shell.d_res_high             3.1 
_reflns_shell.d_res_low              3.21 
_reflns_shell.percent_possible_all   ? 
_reflns_shell.Rmerge_I_obs           ? 
_reflns_shell.pdbx_Rsym_value        0.506 
_reflns_shell.meanI_over_sigI_obs    3.2 
_reflns_shell.pdbx_redundancy        5.4 
_reflns_shell.percent_possible_obs   ? 
_reflns_shell.number_unique_all      ? 
_reflns_shell.number_measured_all    ? 
_reflns_shell.number_measured_obs    ? 
_reflns_shell.number_unique_obs      ? 
_reflns_shell.pdbx_chi_squared       ? 
_reflns_shell.pdbx_diffrn_id         ? 
_reflns_shell.pdbx_ordinal           1 
# 
_refine.entry_id                                 3KHO 
_refine.ls_number_reflns_obs                     5407 
_refine.ls_number_reflns_all                     ? 
_refine.pdbx_ls_sigma_I                          ? 
_refine.pdbx_ls_sigma_F                          0.0 
_refine.pdbx_data_cutoff_high_absF               ? 
_refine.pdbx_data_cutoff_low_absF                ? 
_refine.pdbx_data_cutoff_high_rms_absF           ? 
_refine.ls_d_res_low                             48. 
_refine.ls_d_res_high                            3.11 
_refine.ls_percent_reflns_obs                    ? 
_refine.ls_R_factor_obs                          ? 
_refine.ls_R_factor_all                          ? 
_refine.ls_R_factor_R_work                       0.206 
_refine.ls_R_factor_R_free                       0.258 
_refine.ls_R_factor_R_free_error                 ? 
_refine.ls_R_factor_R_free_error_details         ? 
_refine.ls_percent_reflns_R_free                 ? 
_refine.ls_number_reflns_R_free                  300 
_refine.ls_number_parameters                     ? 
_refine.ls_number_restraints                     ? 
_refine.occupancy_min                            ? 
_refine.occupancy_max                            ? 
_refine.correlation_coeff_Fo_to_Fc               ? 
_refine.correlation_coeff_Fo_to_Fc_free          ? 
_refine.B_iso_mean                               52.1 
_refine.aniso_B[1][1]                            ? 
_refine.aniso_B[2][2]                            ? 
_refine.aniso_B[3][3]                            ? 
_refine.aniso_B[1][2]                            ? 
_refine.aniso_B[1][3]                            ? 
_refine.aniso_B[2][3]                            ? 
_refine.solvent_model_details                    ? 
_refine.solvent_model_param_ksol                 ? 
_refine.solvent_model_param_bsol                 ? 
_refine.pdbx_solvent_vdw_probe_radii             ? 
_refine.pdbx_solvent_ion_probe_radii             ? 
_refine.pdbx_solvent_shrinkage_radii             ? 
_refine.pdbx_ls_cross_valid_method               ? 
_refine.details                                  ? 
_refine.pdbx_starting_model                      ? 
_refine.pdbx_method_to_determine_struct          'MOLECULAR REPLACEMENT' 
_refine.pdbx_isotropic_thermal_model             ? 
_refine.pdbx_stereochemistry_target_values       'Engh & Huber' 
_refine.pdbx_stereochem_target_val_spec_case     ? 
_refine.pdbx_R_Free_selection_details            ? 
_refine.pdbx_overall_ESU_R                       ? 
_refine.pdbx_overall_ESU_R_Free                  ? 
_refine.overall_SU_ML                            ? 
_refine.overall_SU_B                             ? 
_refine.ls_redundancy_reflns_obs                 ? 
_refine.B_iso_min                                ? 
_refine.B_iso_max                                ? 
_refine.overall_SU_R_Cruickshank_DPI             ? 
_refine.overall_SU_R_free                        ? 
_refine.ls_wR_factor_R_free                      ? 
_refine.ls_wR_factor_R_work                      ? 
_refine.overall_FOM_free_R_set                   ? 
_refine.overall_FOM_work_R_set                   ? 
_refine.pdbx_overall_phase_error                 ? 
_refine.pdbx_refine_id                           'X-RAY DIFFRACTION' 
_refine.pdbx_diffrn_id                           1 
_refine.pdbx_TLS_residual_ADP_flag               ? 
_refine.pdbx_overall_SU_R_free_Cruickshank_DPI   ? 
_refine.pdbx_overall_SU_R_Blow_DPI               ? 
_refine.pdbx_overall_SU_R_free_Blow_DPI          ? 
# 
_refine_hist.pdbx_refine_id                   'X-RAY DIFFRACTION' 
_refine_hist.cycle_id                         LAST 
_refine_hist.pdbx_number_atoms_protein        1484 
_refine_hist.pdbx_number_atoms_nucleic_acid   0 
_refine_hist.pdbx_number_atoms_ligand         10 
_refine_hist.number_atoms_solvent             16 
_refine_hist.number_atoms_total               1510 
_refine_hist.d_res_high                       3.11 
_refine_hist.d_res_low                        48. 
# 
loop_
_refine_ls_restr.type 
_refine_ls_restr.dev_ideal 
_refine_ls_restr.dev_ideal_target 
_refine_ls_restr.weight 
_refine_ls_restr.number 
_refine_ls_restr.pdbx_refine_id 
_refine_ls_restr.pdbx_restraint_function 
c_angle_deg 1.39  ? ? ? 'X-RAY DIFFRACTION' ? 
c_bond_d    0.007 ? ? ? 'X-RAY DIFFRACTION' ? 
# 
_struct.entry_id                  3KHO 
_struct.title                     'Crystal structure of murine Ig-beta (CD79b) homodimer' 
_struct.pdbx_model_details        ? 
_struct.pdbx_CASP_flag            ? 
_struct.pdbx_model_type_details   ? 
# 
_struct_keywords.entry_id        3KHO 
_struct_keywords.pdbx_keywords   'PROTEIN BINDING' 
_struct_keywords.text            'CD79b, CD79a, Ig-beta, BCR, Ig domain, V-set, Immunoglobulin domain, PROTEIN BINDING' 
# 
loop_
_struct_asym.id 
_struct_asym.pdbx_blank_PDB_chainid_flag 
_struct_asym.pdbx_modified 
_struct_asym.entity_id 
_struct_asym.details 
A N N 1 ? 
B N N 1 ? 
C N N 2 ? 
D N N 2 ? 
E N N 3 ? 
F N N 3 ? 
# 
_struct_ref.id                         1 
_struct_ref.db_name                    UNP 
_struct_ref.db_code                    CD79B_MOUSE 
_struct_ref.pdbx_db_accession          P15530 
_struct_ref.entity_id                  1 
_struct_ref.pdbx_seq_one_letter_code   
;PAMTSSDLPLNFQGSPCSQIWQHPRFAAKKRSSMVKFHCYTNHSGALTWFRKRGSQQPQELVSEEGRIVQTQNGSVYTLT
IQNIQYEDNGIYFCKQKCDSANHNVTDSCGTELLVLGFSTLDQLKRRNTLKDG
;
_struct_ref.pdbx_align_begin           27 
_struct_ref.pdbx_db_isoform            ? 
# 
loop_
_struct_ref_seq.align_id 
_struct_ref_seq.ref_id 
_struct_ref_seq.pdbx_PDB_id_code 
_struct_ref_seq.pdbx_strand_id 
_struct_ref_seq.seq_align_beg 
_struct_ref_seq.pdbx_seq_align_beg_ins_code 
_struct_ref_seq.seq_align_end 
_struct_ref_seq.pdbx_seq_align_end_ins_code 
_struct_ref_seq.pdbx_db_accession 
_struct_ref_seq.db_align_beg 
_struct_ref_seq.pdbx_db_align_beg_ins_code 
_struct_ref_seq.db_align_end 
_struct_ref_seq.pdbx_db_align_end_ins_code 
_struct_ref_seq.pdbx_auth_seq_align_beg 
_struct_ref_seq.pdbx_auth_seq_align_end 
1 1 3KHO B 1 ? 133 ? P15530 27 ? 159 ? 27 159 
2 1 3KHO A 1 ? 133 ? P15530 27 ? 159 ? 27 159 
# 
_pdbx_struct_assembly.id                   1 
_pdbx_struct_assembly.details              author_and_software_defined_assembly 
_pdbx_struct_assembly.method_details       PISA 
_pdbx_struct_assembly.oligomeric_details   dimeric 
_pdbx_struct_assembly.oligomeric_count     2 
# 
loop_
_pdbx_struct_assembly_prop.biol_id 
_pdbx_struct_assembly_prop.type 
_pdbx_struct_assembly_prop.value 
_pdbx_struct_assembly_prop.details 
1 'ABSA (A^2)' 1400 ? 
1 MORE         -30  ? 
1 'SSA (A^2)'  9910 ? 
# 
_pdbx_struct_assembly_gen.assembly_id       1 
_pdbx_struct_assembly_gen.oper_expression   1 
_pdbx_struct_assembly_gen.asym_id_list      A,B,C,D,E,F 
# 
_pdbx_struct_oper_list.id                   1 
_pdbx_struct_oper_list.type                 'identity operation' 
_pdbx_struct_oper_list.name                 1_555 
_pdbx_struct_oper_list.symmetry_operation   x,y,z 
_pdbx_struct_oper_list.matrix[1][1]         1.0000000000 
_pdbx_struct_oper_list.matrix[1][2]         0.0000000000 
_pdbx_struct_oper_list.matrix[1][3]         0.0000000000 
_pdbx_struct_oper_list.vector[1]            0.0000000000 
_pdbx_struct_oper_list.matrix[2][1]         0.0000000000 
_pdbx_struct_oper_list.matrix[2][2]         1.0000000000 
_pdbx_struct_oper_list.matrix[2][3]         0.0000000000 
_pdbx_struct_oper_list.vector[2]            0.0000000000 
_pdbx_struct_oper_list.matrix[3][1]         0.0000000000 
_pdbx_struct_oper_list.matrix[3][2]         0.0000000000 
_pdbx_struct_oper_list.matrix[3][3]         1.0000000000 
_pdbx_struct_oper_list.vector[3]            0.0000000000 
# 
_struct_biol.id        1 
_struct_biol.details   ? 
# 
loop_
_struct_conf.conf_type_id 
_struct_conf.id 
_struct_conf.pdbx_PDB_helix_id 
_struct_conf.beg_label_comp_id 
_struct_conf.beg_label_asym_id 
_struct_conf.beg_label_seq_id 
_struct_conf.pdbx_beg_PDB_ins_code 
_struct_conf.end_label_comp_id 
_struct_conf.end_label_asym_id 
_struct_conf.end_label_seq_id 
_struct_conf.pdbx_end_PDB_ins_code 
_struct_conf.beg_auth_comp_id 
_struct_conf.beg_auth_asym_id 
_struct_conf.beg_auth_seq_id 
_struct_conf.end_auth_comp_id 
_struct_conf.end_auth_asym_id 
_struct_conf.end_auth_seq_id 
_struct_conf.pdbx_PDB_helix_class 
_struct_conf.details 
_struct_conf.pdbx_PDB_helix_length 
HELX_P HELX_P1 1 SER A 63 ? GLY A 66 ? SER B 89  GLY B 92  5 ? 4 
HELX_P HELX_P2 2 GLN A 85 ? ASN A 89 ? GLN B 111 ASN B 115 5 ? 5 
HELX_P HELX_P3 3 GLN B 85 ? ASN B 89 ? GLN A 111 ASN A 115 5 ? 5 
# 
_struct_conf_type.id          HELX_P 
_struct_conf_type.criteria    ? 
_struct_conf_type.reference   ? 
# 
loop_
_struct_conn.id 
_struct_conn.conn_type_id 
_struct_conn.pdbx_leaving_atom_flag 
_struct_conn.pdbx_PDB_id 
_struct_conn.ptnr1_label_asym_id 
_struct_conn.ptnr1_label_comp_id 
_struct_conn.ptnr1_label_seq_id 
_struct_conn.ptnr1_label_atom_id 
_struct_conn.pdbx_ptnr1_label_alt_id 
_struct_conn.pdbx_ptnr1_PDB_ins_code 
_struct_conn.pdbx_ptnr1_standard_comp_id 
_struct_conn.ptnr1_symmetry 
_struct_conn.ptnr2_label_asym_id 
_struct_conn.ptnr2_label_comp_id 
_struct_conn.ptnr2_label_seq_id 
_struct_conn.ptnr2_label_atom_id 
_struct_conn.pdbx_ptnr2_label_alt_id 
_struct_conn.pdbx_ptnr2_PDB_ins_code 
_struct_conn.ptnr1_auth_asym_id 
_struct_conn.ptnr1_auth_comp_id 
_struct_conn.ptnr1_auth_seq_id 
_struct_conn.ptnr2_auth_asym_id 
_struct_conn.ptnr2_auth_comp_id 
_struct_conn.ptnr2_auth_seq_id 
_struct_conn.ptnr2_symmetry 
_struct_conn.pdbx_ptnr3_label_atom_id 
_struct_conn.pdbx_ptnr3_label_seq_id 
_struct_conn.pdbx_ptnr3_label_comp_id 
_struct_conn.pdbx_ptnr3_label_asym_id 
_struct_conn.pdbx_ptnr3_label_alt_id 
_struct_conn.pdbx_ptnr3_PDB_ins_code 
_struct_conn.details 
_struct_conn.pdbx_dist_value 
_struct_conn.pdbx_value_order 
_struct_conn.pdbx_role 
disulf1 disulf ? ? A CYS 17  SG ? ? ? 1_555 A CYS 98  SG ? ? B CYS 43  B CYS 124 1_555 ? ? ? ? ? ? ? 2.036 ? ? 
disulf2 disulf ? ? A CYS 39  SG ? ? ? 1_555 A CYS 94  SG ? ? B CYS 65  B CYS 120 1_555 ? ? ? ? ? ? ? 2.037 ? ? 
disulf3 disulf ? ? A CYS 109 SG ? ? ? 1_555 B CYS 109 SG ? ? B CYS 135 A CYS 135 1_555 ? ? ? ? ? ? ? 2.043 ? ? 
disulf4 disulf ? ? B CYS 39  SG ? ? ? 1_555 B CYS 94  SG ? ? A CYS 65  A CYS 120 1_555 ? ? ? ? ? ? ? 2.028 ? ? 
# 
_struct_conn_type.id          disulf 
_struct_conn_type.criteria    ? 
_struct_conn_type.reference   ? 
# 
loop_
_pdbx_modification_feature.ordinal 
_pdbx_modification_feature.label_comp_id 
_pdbx_modification_feature.label_asym_id 
_pdbx_modification_feature.label_seq_id 
_pdbx_modification_feature.label_alt_id 
_pdbx_modification_feature.modified_residue_label_comp_id 
_pdbx_modification_feature.modified_residue_label_asym_id 
_pdbx_modification_feature.modified_residue_label_seq_id 
_pdbx_modification_feature.modified_residue_label_alt_id 
_pdbx_modification_feature.auth_comp_id 
_pdbx_modification_feature.auth_asym_id 
_pdbx_modification_feature.auth_seq_id 
_pdbx_modification_feature.PDB_ins_code 
_pdbx_modification_feature.symmetry 
_pdbx_modification_feature.modified_residue_auth_comp_id 
_pdbx_modification_feature.modified_residue_auth_asym_id 
_pdbx_modification_feature.modified_residue_auth_seq_id 
_pdbx_modification_feature.modified_residue_PDB_ins_code 
_pdbx_modification_feature.modified_residue_symmetry 
_pdbx_modification_feature.comp_id_linking_atom 
_pdbx_modification_feature.modified_residue_id_linking_atom 
_pdbx_modification_feature.modified_residue_id 
_pdbx_modification_feature.ref_pcm_id 
_pdbx_modification_feature.ref_comp_id 
_pdbx_modification_feature.type 
_pdbx_modification_feature.category 
1 CYS A 17  ? CYS A 98  ? CYS B 43  ? 1_555 CYS B 124 ? 1_555 SG SG . . . None 'Disulfide bridge' 
2 CYS A 39  ? CYS A 94  ? CYS B 65  ? 1_555 CYS B 120 ? 1_555 SG SG . . . None 'Disulfide bridge' 
3 CYS A 109 ? CYS B 109 ? CYS B 135 ? 1_555 CYS A 135 ? 1_555 SG SG . . . None 'Disulfide bridge' 
4 CYS B 39  ? CYS B 94  ? CYS A 65  ? 1_555 CYS A 120 ? 1_555 SG SG . . . None 'Disulfide bridge' 
# 
loop_
_struct_mon_prot_cis.pdbx_id 
_struct_mon_prot_cis.label_comp_id 
_struct_mon_prot_cis.label_seq_id 
_struct_mon_prot_cis.label_asym_id 
_struct_mon_prot_cis.label_alt_id 
_struct_mon_prot_cis.pdbx_PDB_ins_code 
_struct_mon_prot_cis.auth_comp_id 
_struct_mon_prot_cis.auth_seq_id 
_struct_mon_prot_cis.auth_asym_id 
_struct_mon_prot_cis.pdbx_label_comp_id_2 
_struct_mon_prot_cis.pdbx_label_seq_id_2 
_struct_mon_prot_cis.pdbx_label_asym_id_2 
_struct_mon_prot_cis.pdbx_PDB_ins_code_2 
_struct_mon_prot_cis.pdbx_auth_comp_id_2 
_struct_mon_prot_cis.pdbx_auth_seq_id_2 
_struct_mon_prot_cis.pdbx_auth_asym_id_2 
_struct_mon_prot_cis.pdbx_PDB_model_num 
_struct_mon_prot_cis.pdbx_omega_angle 
1 HIS 23 A . ? HIS 49 B PRO 24 A ? PRO 50 B 1 0.03  
2 HIS 23 B . ? HIS 49 A PRO 24 B ? PRO 50 A 1 -0.07 
# 
loop_
_struct_sheet.id 
_struct_sheet.type 
_struct_sheet.number_strands 
_struct_sheet.details 
A ? 4 ? 
B ? 5 ? 
C ? 4 ? 
D ? 4 ? 
E ? 5 ? 
# 
loop_
_struct_sheet_order.sheet_id 
_struct_sheet_order.range_id_1 
_struct_sheet_order.range_id_2 
_struct_sheet_order.offset 
_struct_sheet_order.sense 
A 1 2 ? anti-parallel 
A 2 3 ? anti-parallel 
A 3 4 ? anti-parallel 
B 1 2 ? parallel      
B 2 3 ? anti-parallel 
B 3 4 ? anti-parallel 
B 4 5 ? anti-parallel 
C 1 2 ? parallel      
C 2 3 ? anti-parallel 
C 3 4 ? anti-parallel 
D 1 2 ? anti-parallel 
D 2 3 ? anti-parallel 
D 3 4 ? anti-parallel 
E 1 2 ? parallel      
E 2 3 ? anti-parallel 
E 3 4 ? anti-parallel 
E 4 5 ? anti-parallel 
# 
loop_
_struct_sheet_range.sheet_id 
_struct_sheet_range.id 
_struct_sheet_range.beg_label_comp_id 
_struct_sheet_range.beg_label_asym_id 
_struct_sheet_range.beg_label_seq_id 
_struct_sheet_range.pdbx_beg_PDB_ins_code 
_struct_sheet_range.end_label_comp_id 
_struct_sheet_range.end_label_asym_id 
_struct_sheet_range.end_label_seq_id 
_struct_sheet_range.pdbx_end_PDB_ins_code 
_struct_sheet_range.beg_auth_comp_id 
_struct_sheet_range.beg_auth_asym_id 
_struct_sheet_range.beg_auth_seq_id 
_struct_sheet_range.end_auth_comp_id 
_struct_sheet_range.end_auth_asym_id 
_struct_sheet_range.end_auth_seq_id 
A 1 TRP A 21  ? HIS A 23  ? TRP B 47  HIS B 49  
A 2 VAL A 35  ? TYR A 40  ? VAL B 61  TYR B 66  
A 3 VAL A 76  ? ILE A 81  ? VAL B 102 ILE B 107 
A 4 ILE A 68  ? ASN A 73  ? ILE B 94  ASN B 99  
B 1 PHE A 26  ? LYS A 29  ? PHE B 52  LYS B 55  
B 2 THR A 111 ? VAL A 115 ? THR B 137 VAL B 141 
B 3 GLY A 90  ? GLN A 96  ? GLY B 116 GLN B 122 
B 4 LEU A 47  ? LYS A 52  ? LEU B 73  LYS B 78  
B 5 PRO A 58  ? GLU A 60  ? PRO B 84  GLU B 86  
C 1 PHE A 26  ? LYS A 29  ? PHE B 52  LYS B 55  
C 2 THR A 111 ? VAL A 115 ? THR B 137 VAL B 141 
C 3 GLY A 90  ? GLN A 96  ? GLY B 116 GLN B 122 
C 4 THR A 106 ? ASP A 107 ? THR B 132 ASP B 133 
D 1 TRP B 21  ? HIS B 23  ? TRP A 47  HIS A 49  
D 2 VAL B 35  ? TYR B 40  ? VAL A 61  TYR A 66  
D 3 VAL B 76  ? ILE B 81  ? VAL A 102 ILE A 107 
D 4 ILE B 68  ? ASN B 73  ? ILE A 94  ASN A 99  
E 1 PHE B 26  ? LYS B 29  ? PHE A 52  LYS A 55  
E 2 THR B 111 ? VAL B 115 ? THR A 137 VAL A 141 
E 3 GLY B 90  ? GLN B 96  ? GLY A 116 GLN A 122 
E 4 LEU B 47  ? LYS B 52  ? LEU A 73  LYS A 78  
E 5 GLN B 59  ? GLU B 60  ? GLN A 85  GLU A 86  
# 
loop_
_pdbx_struct_sheet_hbond.sheet_id 
_pdbx_struct_sheet_hbond.range_id_1 
_pdbx_struct_sheet_hbond.range_id_2 
_pdbx_struct_sheet_hbond.range_1_label_atom_id 
_pdbx_struct_sheet_hbond.range_1_label_comp_id 
_pdbx_struct_sheet_hbond.range_1_label_asym_id 
_pdbx_struct_sheet_hbond.range_1_label_seq_id 
_pdbx_struct_sheet_hbond.range_1_PDB_ins_code 
_pdbx_struct_sheet_hbond.range_1_auth_atom_id 
_pdbx_struct_sheet_hbond.range_1_auth_comp_id 
_pdbx_struct_sheet_hbond.range_1_auth_asym_id 
_pdbx_struct_sheet_hbond.range_1_auth_seq_id 
_pdbx_struct_sheet_hbond.range_2_label_atom_id 
_pdbx_struct_sheet_hbond.range_2_label_comp_id 
_pdbx_struct_sheet_hbond.range_2_label_asym_id 
_pdbx_struct_sheet_hbond.range_2_label_seq_id 
_pdbx_struct_sheet_hbond.range_2_PDB_ins_code 
_pdbx_struct_sheet_hbond.range_2_auth_atom_id 
_pdbx_struct_sheet_hbond.range_2_auth_comp_id 
_pdbx_struct_sheet_hbond.range_2_auth_asym_id 
_pdbx_struct_sheet_hbond.range_2_auth_seq_id 
A 1 2 N HIS A 23  ? N HIS B 49  O HIS A 38  ? O HIS B 64  
A 2 3 N PHE A 37  ? N PHE B 63  O LEU A 79  ? O LEU B 105 
A 3 4 O THR A 78  ? O THR B 104 N THR A 71  ? N THR B 97  
B 1 2 N ALA A 27  ? N ALA B 53  O LEU A 114 ? O LEU B 140 
B 2 3 O LEU A 113 ? O LEU B 139 N GLY A 90  ? N GLY B 116 
B 3 4 O PHE A 93  ? O PHE B 119 N PHE A 50  ? N PHE B 76  
B 4 5 N ARG A 51  ? N ARG B 77  O GLN A 59  ? O GLN B 85  
C 1 2 N ALA A 27  ? N ALA B 53  O LEU A 114 ? O LEU B 140 
C 2 3 O LEU A 113 ? O LEU B 139 N GLY A 90  ? N GLY B 116 
C 3 4 N GLN A 96  ? N GLN B 122 O THR A 106 ? O THR B 132 
D 1 2 N HIS B 23  ? N HIS A 49  O HIS B 38  ? O HIS A 64  
D 2 3 N PHE B 37  ? N PHE A 63  O LEU B 79  ? O LEU A 105 
D 3 4 O VAL B 76  ? O VAL A 102 N ASN B 73  ? N ASN A 99  
E 1 2 N ALA B 27  ? N ALA A 53  O LEU B 114 ? O LEU A 140 
E 2 3 O THR B 111 ? O THR A 137 N TYR B 92  ? N TYR A 118 
E 3 4 O LYS B 95  ? O LYS A 121 N THR B 48  ? N THR A 74  
E 4 5 N ARG B 51  ? N ARG A 77  O GLN B 59  ? O GLN A 85  
# 
loop_
_struct_site.id 
_struct_site.pdbx_evidence_code 
_struct_site.pdbx_auth_asym_id 
_struct_site.pdbx_auth_comp_id 
_struct_site.pdbx_auth_seq_id 
_struct_site.pdbx_auth_ins_code 
_struct_site.pdbx_num_residues 
_struct_site.details 
AC1 Software B SO4 900 ? 4 'BINDING SITE FOR RESIDUE SO4 B 900' 
AC2 Software A SO4 800 ? 4 'BINDING SITE FOR RESIDUE SO4 A 800' 
# 
loop_
_struct_site_gen.id 
_struct_site_gen.site_id 
_struct_site_gen.pdbx_num_res 
_struct_site_gen.label_comp_id 
_struct_site_gen.label_asym_id 
_struct_site_gen.label_seq_id 
_struct_site_gen.pdbx_auth_ins_code 
_struct_site_gen.auth_comp_id 
_struct_site_gen.auth_asym_id 
_struct_site_gen.auth_seq_id 
_struct_site_gen.label_atom_id 
_struct_site_gen.label_alt_id 
_struct_site_gen.symmetry 
_struct_site_gen.details 
1 AC1 4 HIS A 23  ? HIS B 49  . ? 1_555 ? 
2 AC1 4 PRO A 24  ? PRO B 50  . ? 1_555 ? 
3 AC1 4 ARG A 25  ? ARG B 51  . ? 1_555 ? 
4 AC1 4 PHE A 26  ? PHE B 52  . ? 1_555 ? 
5 AC2 4 ARG B 31  ? ARG A 57  . ? 1_555 ? 
6 AC2 4 TYR B 86  ? TYR A 112 . ? 1_555 ? 
7 AC2 4 GLY B 117 ? GLY A 143 . ? 1_555 ? 
8 AC2 4 PHE B 118 ? PHE A 144 . ? 1_555 ? 
# 
_pdbx_entry_details.entry_id                   3KHO 
_pdbx_entry_details.compound_details           ? 
_pdbx_entry_details.source_details             ? 
_pdbx_entry_details.nonpolymer_details         ? 
_pdbx_entry_details.sequence_details           ? 
_pdbx_entry_details.has_ligand_of_interest     ? 
_pdbx_entry_details.has_protein_modification   Y 
# 
loop_
_pdbx_validate_torsion.id 
_pdbx_validate_torsion.PDB_model_num 
_pdbx_validate_torsion.auth_comp_id 
_pdbx_validate_torsion.auth_asym_id 
_pdbx_validate_torsion.auth_seq_id 
_pdbx_validate_torsion.PDB_ins_code 
_pdbx_validate_torsion.label_alt_id 
_pdbx_validate_torsion.phi 
_pdbx_validate_torsion.psi 
1  1 SER B 44  ? ? -162.67 -51.41  
2  1 GLN B 45  ? ? 78.68   94.69   
3  1 PRO B 50  ? ? -87.66  -159.87 
4  1 GLN B 82  ? ? -55.78  -104.31 
5  1 GLN B 83  ? ? 176.31  162.47  
6  1 ASN B 109 ? ? 44.83   77.18   
7  1 SER A 58  ? ? 90.69   -16.86  
8  1 SER A 59  ? ? -76.53  -165.96 
9  1 THR A 67  ? ? -170.38 117.61  
10 1 ASN A 99  ? ? -158.49 88.99   
11 1 ILE A 110 ? ? -48.14  164.28  
12 1 GLN A 111 ? ? -174.35 142.40  
13 1 TYR A 112 ? ? -23.25  -35.99  
14 1 LEU A 142 ? ? -123.87 -72.72  
# 
loop_
_pdbx_unobs_or_zero_occ_residues.id 
_pdbx_unobs_or_zero_occ_residues.PDB_model_num 
_pdbx_unobs_or_zero_occ_residues.polymer_flag 
_pdbx_unobs_or_zero_occ_residues.occupancy_flag 
_pdbx_unobs_or_zero_occ_residues.auth_asym_id 
_pdbx_unobs_or_zero_occ_residues.auth_comp_id 
_pdbx_unobs_or_zero_occ_residues.auth_seq_id 
_pdbx_unobs_or_zero_occ_residues.PDB_ins_code 
_pdbx_unobs_or_zero_occ_residues.label_asym_id 
_pdbx_unobs_or_zero_occ_residues.label_comp_id 
_pdbx_unobs_or_zero_occ_residues.label_seq_id 
1  1 Y 1 B PRO 27  ? A PRO 1   
2  1 Y 1 B ALA 28  ? A ALA 2   
3  1 Y 1 B MET 29  ? A MET 3   
4  1 Y 1 B THR 30  ? A THR 4   
5  1 Y 1 B SER 31  ? A SER 5   
6  1 Y 1 B SER 32  ? A SER 6   
7  1 Y 1 B ASP 33  ? A ASP 7   
8  1 Y 1 B LEU 34  ? A LEU 8   
9  1 Y 1 B PRO 35  ? A PRO 9   
10 1 Y 1 B LEU 36  ? A LEU 10  
11 1 Y 1 B ASN 37  ? A ASN 11  
12 1 Y 1 B PHE 38  ? A PHE 12  
13 1 Y 1 B GLN 39  ? A GLN 13  
14 1 Y 1 B GLY 40  ? A GLY 14  
15 1 Y 1 B SER 41  ? A SER 15  
16 1 Y 1 B PRO 42  ? A PRO 16  
17 1 Y 1 B ASP 125 ? A ASP 99  
18 1 Y 1 B SER 126 ? A SER 100 
19 1 Y 1 B ALA 127 ? A ALA 101 
20 1 Y 1 B ASN 128 ? A ASN 102 
21 1 Y 1 B HIS 129 ? A HIS 103 
22 1 Y 1 B GLY 143 ? A GLY 117 
23 1 Y 1 B PHE 144 ? A PHE 118 
24 1 Y 1 B SER 145 ? A SER 119 
25 1 Y 1 B THR 146 ? A THR 120 
26 1 Y 1 B LEU 147 ? A LEU 121 
27 1 Y 1 B ASP 148 ? A ASP 122 
28 1 Y 1 B GLN 149 ? A GLN 123 
29 1 Y 1 B LEU 150 ? A LEU 124 
30 1 Y 1 B LYS 151 ? A LYS 125 
31 1 Y 1 B ARG 152 ? A ARG 126 
32 1 Y 1 B ARG 153 ? A ARG 127 
33 1 Y 1 B ASN 154 ? A ASN 128 
34 1 Y 1 B THR 155 ? A THR 129 
35 1 Y 1 B LEU 156 ? A LEU 130 
36 1 Y 1 B LYS 157 ? A LYS 131 
37 1 Y 1 B ASP 158 ? A ASP 132 
38 1 Y 1 B GLY 159 ? A GLY 133 
39 1 Y 1 A PRO 27  ? B PRO 1   
40 1 Y 1 A ALA 28  ? B ALA 2   
41 1 Y 1 A MET 29  ? B MET 3   
42 1 Y 1 A THR 30  ? B THR 4   
43 1 Y 1 A SER 31  ? B SER 5   
44 1 Y 1 A SER 32  ? B SER 6   
45 1 Y 1 A ASP 33  ? B ASP 7   
46 1 Y 1 A LEU 34  ? B LEU 8   
47 1 Y 1 A PRO 35  ? B PRO 9   
48 1 Y 1 A LEU 36  ? B LEU 10  
49 1 Y 1 A ASN 37  ? B ASN 11  
50 1 Y 1 A PHE 38  ? B PHE 12  
51 1 Y 1 A GLN 39  ? B GLN 13  
52 1 Y 1 A GLY 40  ? B GLY 14  
53 1 Y 1 A SER 41  ? B SER 15  
54 1 Y 1 A PRO 42  ? B PRO 16  
55 1 Y 1 A CYS 43  ? B CYS 17  
56 1 Y 1 A SER 44  ? B SER 18  
57 1 Y 1 A GLN 45  ? B GLN 19  
58 1 Y 1 A GLU 90  ? B GLU 64  
59 1 Y 1 A GLU 91  ? B GLU 65  
60 1 Y 1 A CYS 124 ? B CYS 98  
61 1 Y 1 A ASP 125 ? B ASP 99  
62 1 Y 1 A SER 126 ? B SER 100 
63 1 Y 1 A ALA 127 ? B ALA 101 
64 1 Y 1 A ASN 128 ? B ASN 102 
65 1 Y 1 A HIS 129 ? B HIS 103 
66 1 Y 1 A ASN 130 ? B ASN 104 
67 1 Y 1 A VAL 131 ? B VAL 105 
68 1 Y 1 A THR 132 ? B THR 106 
69 1 Y 1 A SER 145 ? B SER 119 
70 1 Y 1 A THR 146 ? B THR 120 
71 1 Y 1 A LEU 147 ? B LEU 121 
72 1 Y 1 A ASP 148 ? B ASP 122 
73 1 Y 1 A GLN 149 ? B GLN 123 
74 1 Y 1 A LEU 150 ? B LEU 124 
75 1 Y 1 A LYS 151 ? B LYS 125 
76 1 Y 1 A ARG 152 ? B ARG 126 
77 1 Y 1 A ARG 153 ? B ARG 127 
78 1 Y 1 A ASN 154 ? B ASN 128 
79 1 Y 1 A THR 155 ? B THR 129 
80 1 Y 1 A LEU 156 ? B LEU 130 
81 1 Y 1 A LYS 157 ? B LYS 131 
82 1 Y 1 A ASP 158 ? B ASP 132 
83 1 Y 1 A GLY 159 ? B GLY 133 
# 
loop_
_chem_comp_atom.comp_id 
_chem_comp_atom.atom_id 
_chem_comp_atom.type_symbol 
_chem_comp_atom.pdbx_aromatic_flag 
_chem_comp_atom.pdbx_stereo_config 
_chem_comp_atom.pdbx_ordinal 
ALA N    N N N 1   
ALA CA   C N S 2   
ALA C    C N N 3   
ALA O    O N N 4   
ALA CB   C N N 5   
ALA OXT  O N N 6   
ALA H    H N N 7   
ALA H2   H N N 8   
ALA HA   H N N 9   
ALA HB1  H N N 10  
ALA HB2  H N N 11  
ALA HB3  H N N 12  
ALA HXT  H N N 13  
ARG N    N N N 14  
ARG CA   C N S 15  
ARG C    C N N 16  
ARG O    O N N 17  
ARG CB   C N N 18  
ARG CG   C N N 19  
ARG CD   C N N 20  
ARG NE   N N N 21  
ARG CZ   C N N 22  
ARG NH1  N N N 23  
ARG NH2  N N N 24  
ARG OXT  O N N 25  
ARG H    H N N 26  
ARG H2   H N N 27  
ARG HA   H N N 28  
ARG HB2  H N N 29  
ARG HB3  H N N 30  
ARG HG2  H N N 31  
ARG HG3  H N N 32  
ARG HD2  H N N 33  
ARG HD3  H N N 34  
ARG HE   H N N 35  
ARG HH11 H N N 36  
ARG HH12 H N N 37  
ARG HH21 H N N 38  
ARG HH22 H N N 39  
ARG HXT  H N N 40  
ASN N    N N N 41  
ASN CA   C N S 42  
ASN C    C N N 43  
ASN O    O N N 44  
ASN CB   C N N 45  
ASN CG   C N N 46  
ASN OD1  O N N 47  
ASN ND2  N N N 48  
ASN OXT  O N N 49  
ASN H    H N N 50  
ASN H2   H N N 51  
ASN HA   H N N 52  
ASN HB2  H N N 53  
ASN HB3  H N N 54  
ASN HD21 H N N 55  
ASN HD22 H N N 56  
ASN HXT  H N N 57  
ASP N    N N N 58  
ASP CA   C N S 59  
ASP C    C N N 60  
ASP O    O N N 61  
ASP CB   C N N 62  
ASP CG   C N N 63  
ASP OD1  O N N 64  
ASP OD2  O N N 65  
ASP OXT  O N N 66  
ASP H    H N N 67  
ASP H2   H N N 68  
ASP HA   H N N 69  
ASP HB2  H N N 70  
ASP HB3  H N N 71  
ASP HD2  H N N 72  
ASP HXT  H N N 73  
CYS N    N N N 74  
CYS CA   C N R 75  
CYS C    C N N 76  
CYS O    O N N 77  
CYS CB   C N N 78  
CYS SG   S N N 79  
CYS OXT  O N N 80  
CYS H    H N N 81  
CYS H2   H N N 82  
CYS HA   H N N 83  
CYS HB2  H N N 84  
CYS HB3  H N N 85  
CYS HG   H N N 86  
CYS HXT  H N N 87  
GLN N    N N N 88  
GLN CA   C N S 89  
GLN C    C N N 90  
GLN O    O N N 91  
GLN CB   C N N 92  
GLN CG   C N N 93  
GLN CD   C N N 94  
GLN OE1  O N N 95  
GLN NE2  N N N 96  
GLN OXT  O N N 97  
GLN H    H N N 98  
GLN H2   H N N 99  
GLN HA   H N N 100 
GLN HB2  H N N 101 
GLN HB3  H N N 102 
GLN HG2  H N N 103 
GLN HG3  H N N 104 
GLN HE21 H N N 105 
GLN HE22 H N N 106 
GLN HXT  H N N 107 
GLU N    N N N 108 
GLU CA   C N S 109 
GLU C    C N N 110 
GLU O    O N N 111 
GLU CB   C N N 112 
GLU CG   C N N 113 
GLU CD   C N N 114 
GLU OE1  O N N 115 
GLU OE2  O N N 116 
GLU OXT  O N N 117 
GLU H    H N N 118 
GLU H2   H N N 119 
GLU HA   H N N 120 
GLU HB2  H N N 121 
GLU HB3  H N N 122 
GLU HG2  H N N 123 
GLU HG3  H N N 124 
GLU HE2  H N N 125 
GLU HXT  H N N 126 
GLY N    N N N 127 
GLY CA   C N N 128 
GLY C    C N N 129 
GLY O    O N N 130 
GLY OXT  O N N 131 
GLY H    H N N 132 
GLY H2   H N N 133 
GLY HA2  H N N 134 
GLY HA3  H N N 135 
GLY HXT  H N N 136 
HIS N    N N N 137 
HIS CA   C N S 138 
HIS C    C N N 139 
HIS O    O N N 140 
HIS CB   C N N 141 
HIS CG   C Y N 142 
HIS ND1  N Y N 143 
HIS CD2  C Y N 144 
HIS CE1  C Y N 145 
HIS NE2  N Y N 146 
HIS OXT  O N N 147 
HIS H    H N N 148 
HIS H2   H N N 149 
HIS HA   H N N 150 
HIS HB2  H N N 151 
HIS HB3  H N N 152 
HIS HD1  H N N 153 
HIS HD2  H N N 154 
HIS HE1  H N N 155 
HIS HE2  H N N 156 
HIS HXT  H N N 157 
HOH O    O N N 158 
HOH H1   H N N 159 
HOH H2   H N N 160 
ILE N    N N N 161 
ILE CA   C N S 162 
ILE C    C N N 163 
ILE O    O N N 164 
ILE CB   C N S 165 
ILE CG1  C N N 166 
ILE CG2  C N N 167 
ILE CD1  C N N 168 
ILE OXT  O N N 169 
ILE H    H N N 170 
ILE H2   H N N 171 
ILE HA   H N N 172 
ILE HB   H N N 173 
ILE HG12 H N N 174 
ILE HG13 H N N 175 
ILE HG21 H N N 176 
ILE HG22 H N N 177 
ILE HG23 H N N 178 
ILE HD11 H N N 179 
ILE HD12 H N N 180 
ILE HD13 H N N 181 
ILE HXT  H N N 182 
LEU N    N N N 183 
LEU CA   C N S 184 
LEU C    C N N 185 
LEU O    O N N 186 
LEU CB   C N N 187 
LEU CG   C N N 188 
LEU CD1  C N N 189 
LEU CD2  C N N 190 
LEU OXT  O N N 191 
LEU H    H N N 192 
LEU H2   H N N 193 
LEU HA   H N N 194 
LEU HB2  H N N 195 
LEU HB3  H N N 196 
LEU HG   H N N 197 
LEU HD11 H N N 198 
LEU HD12 H N N 199 
LEU HD13 H N N 200 
LEU HD21 H N N 201 
LEU HD22 H N N 202 
LEU HD23 H N N 203 
LEU HXT  H N N 204 
LYS N    N N N 205 
LYS CA   C N S 206 
LYS C    C N N 207 
LYS O    O N N 208 
LYS CB   C N N 209 
LYS CG   C N N 210 
LYS CD   C N N 211 
LYS CE   C N N 212 
LYS NZ   N N N 213 
LYS OXT  O N N 214 
LYS H    H N N 215 
LYS H2   H N N 216 
LYS HA   H N N 217 
LYS HB2  H N N 218 
LYS HB3  H N N 219 
LYS HG2  H N N 220 
LYS HG3  H N N 221 
LYS HD2  H N N 222 
LYS HD3  H N N 223 
LYS HE2  H N N 224 
LYS HE3  H N N 225 
LYS HZ1  H N N 226 
LYS HZ2  H N N 227 
LYS HZ3  H N N 228 
LYS HXT  H N N 229 
MET N    N N N 230 
MET CA   C N S 231 
MET C    C N N 232 
MET O    O N N 233 
MET CB   C N N 234 
MET CG   C N N 235 
MET SD   S N N 236 
MET CE   C N N 237 
MET OXT  O N N 238 
MET H    H N N 239 
MET H2   H N N 240 
MET HA   H N N 241 
MET HB2  H N N 242 
MET HB3  H N N 243 
MET HG2  H N N 244 
MET HG3  H N N 245 
MET HE1  H N N 246 
MET HE2  H N N 247 
MET HE3  H N N 248 
MET HXT  H N N 249 
PHE N    N N N 250 
PHE CA   C N S 251 
PHE C    C N N 252 
PHE O    O N N 253 
PHE CB   C N N 254 
PHE CG   C Y N 255 
PHE CD1  C Y N 256 
PHE CD2  C Y N 257 
PHE CE1  C Y N 258 
PHE CE2  C Y N 259 
PHE CZ   C Y N 260 
PHE OXT  O N N 261 
PHE H    H N N 262 
PHE H2   H N N 263 
PHE HA   H N N 264 
PHE HB2  H N N 265 
PHE HB3  H N N 266 
PHE HD1  H N N 267 
PHE HD2  H N N 268 
PHE HE1  H N N 269 
PHE HE2  H N N 270 
PHE HZ   H N N 271 
PHE HXT  H N N 272 
PRO N    N N N 273 
PRO CA   C N S 274 
PRO C    C N N 275 
PRO O    O N N 276 
PRO CB   C N N 277 
PRO CG   C N N 278 
PRO CD   C N N 279 
PRO OXT  O N N 280 
PRO H    H N N 281 
PRO HA   H N N 282 
PRO HB2  H N N 283 
PRO HB3  H N N 284 
PRO HG2  H N N 285 
PRO HG3  H N N 286 
PRO HD2  H N N 287 
PRO HD3  H N N 288 
PRO HXT  H N N 289 
SER N    N N N 290 
SER CA   C N S 291 
SER C    C N N 292 
SER O    O N N 293 
SER CB   C N N 294 
SER OG   O N N 295 
SER OXT  O N N 296 
SER H    H N N 297 
SER H2   H N N 298 
SER HA   H N N 299 
SER HB2  H N N 300 
SER HB3  H N N 301 
SER HG   H N N 302 
SER HXT  H N N 303 
SO4 S    S N N 304 
SO4 O1   O N N 305 
SO4 O2   O N N 306 
SO4 O3   O N N 307 
SO4 O4   O N N 308 
THR N    N N N 309 
THR CA   C N S 310 
THR C    C N N 311 
THR O    O N N 312 
THR CB   C N R 313 
THR OG1  O N N 314 
THR CG2  C N N 315 
THR OXT  O N N 316 
THR H    H N N 317 
THR H2   H N N 318 
THR HA   H N N 319 
THR HB   H N N 320 
THR HG1  H N N 321 
THR HG21 H N N 322 
THR HG22 H N N 323 
THR HG23 H N N 324 
THR HXT  H N N 325 
TRP N    N N N 326 
TRP CA   C N S 327 
TRP C    C N N 328 
TRP O    O N N 329 
TRP CB   C N N 330 
TRP CG   C Y N 331 
TRP CD1  C Y N 332 
TRP CD2  C Y N 333 
TRP NE1  N Y N 334 
TRP CE2  C Y N 335 
TRP CE3  C Y N 336 
TRP CZ2  C Y N 337 
TRP CZ3  C Y N 338 
TRP CH2  C Y N 339 
TRP OXT  O N N 340 
TRP H    H N N 341 
TRP H2   H N N 342 
TRP HA   H N N 343 
TRP HB2  H N N 344 
TRP HB3  H N N 345 
TRP HD1  H N N 346 
TRP HE1  H N N 347 
TRP HE3  H N N 348 
TRP HZ2  H N N 349 
TRP HZ3  H N N 350 
TRP HH2  H N N 351 
TRP HXT  H N N 352 
TYR N    N N N 353 
TYR CA   C N S 354 
TYR C    C N N 355 
TYR O    O N N 356 
TYR CB   C N N 357 
TYR CG   C Y N 358 
TYR CD1  C Y N 359 
TYR CD2  C Y N 360 
TYR CE1  C Y N 361 
TYR CE2  C Y N 362 
TYR CZ   C Y N 363 
TYR OH   O N N 364 
TYR OXT  O N N 365 
TYR H    H N N 366 
TYR H2   H N N 367 
TYR HA   H N N 368 
TYR HB2  H N N 369 
TYR HB3  H N N 370 
TYR HD1  H N N 371 
TYR HD2  H N N 372 
TYR HE1  H N N 373 
TYR HE2  H N N 374 
TYR HH   H N N 375 
TYR HXT  H N N 376 
VAL N    N N N 377 
VAL CA   C N S 378 
VAL C    C N N 379 
VAL O    O N N 380 
VAL CB   C N N 381 
VAL CG1  C N N 382 
VAL CG2  C N N 383 
VAL OXT  O N N 384 
VAL H    H N N 385 
VAL H2   H N N 386 
VAL HA   H N N 387 
VAL HB   H N N 388 
VAL HG11 H N N 389 
VAL HG12 H N N 390 
VAL HG13 H N N 391 
VAL HG21 H N N 392 
VAL HG22 H N N 393 
VAL HG23 H N N 394 
VAL HXT  H N N 395 
# 
loop_
_chem_comp_bond.comp_id 
_chem_comp_bond.atom_id_1 
_chem_comp_bond.atom_id_2 
_chem_comp_bond.value_order 
_chem_comp_bond.pdbx_aromatic_flag 
_chem_comp_bond.pdbx_stereo_config 
_chem_comp_bond.pdbx_ordinal 
ALA N   CA   sing N N 1   
ALA N   H    sing N N 2   
ALA N   H2   sing N N 3   
ALA CA  C    sing N N 4   
ALA CA  CB   sing N N 5   
ALA CA  HA   sing N N 6   
ALA C   O    doub N N 7   
ALA C   OXT  sing N N 8   
ALA CB  HB1  sing N N 9   
ALA CB  HB2  sing N N 10  
ALA CB  HB3  sing N N 11  
ALA OXT HXT  sing N N 12  
ARG N   CA   sing N N 13  
ARG N   H    sing N N 14  
ARG N   H2   sing N N 15  
ARG CA  C    sing N N 16  
ARG CA  CB   sing N N 17  
ARG CA  HA   sing N N 18  
ARG C   O    doub N N 19  
ARG C   OXT  sing N N 20  
ARG CB  CG   sing N N 21  
ARG CB  HB2  sing N N 22  
ARG CB  HB3  sing N N 23  
ARG CG  CD   sing N N 24  
ARG CG  HG2  sing N N 25  
ARG CG  HG3  sing N N 26  
ARG CD  NE   sing N N 27  
ARG CD  HD2  sing N N 28  
ARG CD  HD3  sing N N 29  
ARG NE  CZ   sing N N 30  
ARG NE  HE   sing N N 31  
ARG CZ  NH1  sing N N 32  
ARG CZ  NH2  doub N N 33  
ARG NH1 HH11 sing N N 34  
ARG NH1 HH12 sing N N 35  
ARG NH2 HH21 sing N N 36  
ARG NH2 HH22 sing N N 37  
ARG OXT HXT  sing N N 38  
ASN N   CA   sing N N 39  
ASN N   H    sing N N 40  
ASN N   H2   sing N N 41  
ASN CA  C    sing N N 42  
ASN CA  CB   sing N N 43  
ASN CA  HA   sing N N 44  
ASN C   O    doub N N 45  
ASN C   OXT  sing N N 46  
ASN CB  CG   sing N N 47  
ASN CB  HB2  sing N N 48  
ASN CB  HB3  sing N N 49  
ASN CG  OD1  doub N N 50  
ASN CG  ND2  sing N N 51  
ASN ND2 HD21 sing N N 52  
ASN ND2 HD22 sing N N 53  
ASN OXT HXT  sing N N 54  
ASP N   CA   sing N N 55  
ASP N   H    sing N N 56  
ASP N   H2   sing N N 57  
ASP CA  C    sing N N 58  
ASP CA  CB   sing N N 59  
ASP CA  HA   sing N N 60  
ASP C   O    doub N N 61  
ASP C   OXT  sing N N 62  
ASP CB  CG   sing N N 63  
ASP CB  HB2  sing N N 64  
ASP CB  HB3  sing N N 65  
ASP CG  OD1  doub N N 66  
ASP CG  OD2  sing N N 67  
ASP OD2 HD2  sing N N 68  
ASP OXT HXT  sing N N 69  
CYS N   CA   sing N N 70  
CYS N   H    sing N N 71  
CYS N   H2   sing N N 72  
CYS CA  C    sing N N 73  
CYS CA  CB   sing N N 74  
CYS CA  HA   sing N N 75  
CYS C   O    doub N N 76  
CYS C   OXT  sing N N 77  
CYS CB  SG   sing N N 78  
CYS CB  HB2  sing N N 79  
CYS CB  HB3  sing N N 80  
CYS SG  HG   sing N N 81  
CYS OXT HXT  sing N N 82  
GLN N   CA   sing N N 83  
GLN N   H    sing N N 84  
GLN N   H2   sing N N 85  
GLN CA  C    sing N N 86  
GLN CA  CB   sing N N 87  
GLN CA  HA   sing N N 88  
GLN C   O    doub N N 89  
GLN C   OXT  sing N N 90  
GLN CB  CG   sing N N 91  
GLN CB  HB2  sing N N 92  
GLN CB  HB3  sing N N 93  
GLN CG  CD   sing N N 94  
GLN CG  HG2  sing N N 95  
GLN CG  HG3  sing N N 96  
GLN CD  OE1  doub N N 97  
GLN CD  NE2  sing N N 98  
GLN NE2 HE21 sing N N 99  
GLN NE2 HE22 sing N N 100 
GLN OXT HXT  sing N N 101 
GLU N   CA   sing N N 102 
GLU N   H    sing N N 103 
GLU N   H2   sing N N 104 
GLU CA  C    sing N N 105 
GLU CA  CB   sing N N 106 
GLU CA  HA   sing N N 107 
GLU C   O    doub N N 108 
GLU C   OXT  sing N N 109 
GLU CB  CG   sing N N 110 
GLU CB  HB2  sing N N 111 
GLU CB  HB3  sing N N 112 
GLU CG  CD   sing N N 113 
GLU CG  HG2  sing N N 114 
GLU CG  HG3  sing N N 115 
GLU CD  OE1  doub N N 116 
GLU CD  OE2  sing N N 117 
GLU OE2 HE2  sing N N 118 
GLU OXT HXT  sing N N 119 
GLY N   CA   sing N N 120 
GLY N   H    sing N N 121 
GLY N   H2   sing N N 122 
GLY CA  C    sing N N 123 
GLY CA  HA2  sing N N 124 
GLY CA  HA3  sing N N 125 
GLY C   O    doub N N 126 
GLY C   OXT  sing N N 127 
GLY OXT HXT  sing N N 128 
HIS N   CA   sing N N 129 
HIS N   H    sing N N 130 
HIS N   H2   sing N N 131 
HIS CA  C    sing N N 132 
HIS CA  CB   sing N N 133 
HIS CA  HA   sing N N 134 
HIS C   O    doub N N 135 
HIS C   OXT  sing N N 136 
HIS CB  CG   sing N N 137 
HIS CB  HB2  sing N N 138 
HIS CB  HB3  sing N N 139 
HIS CG  ND1  sing Y N 140 
HIS CG  CD2  doub Y N 141 
HIS ND1 CE1  doub Y N 142 
HIS ND1 HD1  sing N N 143 
HIS CD2 NE2  sing Y N 144 
HIS CD2 HD2  sing N N 145 
HIS CE1 NE2  sing Y N 146 
HIS CE1 HE1  sing N N 147 
HIS NE2 HE2  sing N N 148 
HIS OXT HXT  sing N N 149 
HOH O   H1   sing N N 150 
HOH O   H2   sing N N 151 
ILE N   CA   sing N N 152 
ILE N   H    sing N N 153 
ILE N   H2   sing N N 154 
ILE CA  C    sing N N 155 
ILE CA  CB   sing N N 156 
ILE CA  HA   sing N N 157 
ILE C   O    doub N N 158 
ILE C   OXT  sing N N 159 
ILE CB  CG1  sing N N 160 
ILE CB  CG2  sing N N 161 
ILE CB  HB   sing N N 162 
ILE CG1 CD1  sing N N 163 
ILE CG1 HG12 sing N N 164 
ILE CG1 HG13 sing N N 165 
ILE CG2 HG21 sing N N 166 
ILE CG2 HG22 sing N N 167 
ILE CG2 HG23 sing N N 168 
ILE CD1 HD11 sing N N 169 
ILE CD1 HD12 sing N N 170 
ILE CD1 HD13 sing N N 171 
ILE OXT HXT  sing N N 172 
LEU N   CA   sing N N 173 
LEU N   H    sing N N 174 
LEU N   H2   sing N N 175 
LEU CA  C    sing N N 176 
LEU CA  CB   sing N N 177 
LEU CA  HA   sing N N 178 
LEU C   O    doub N N 179 
LEU C   OXT  sing N N 180 
LEU CB  CG   sing N N 181 
LEU CB  HB2  sing N N 182 
LEU CB  HB3  sing N N 183 
LEU CG  CD1  sing N N 184 
LEU CG  CD2  sing N N 185 
LEU CG  HG   sing N N 186 
LEU CD1 HD11 sing N N 187 
LEU CD1 HD12 sing N N 188 
LEU CD1 HD13 sing N N 189 
LEU CD2 HD21 sing N N 190 
LEU CD2 HD22 sing N N 191 
LEU CD2 HD23 sing N N 192 
LEU OXT HXT  sing N N 193 
LYS N   CA   sing N N 194 
LYS N   H    sing N N 195 
LYS N   H2   sing N N 196 
LYS CA  C    sing N N 197 
LYS CA  CB   sing N N 198 
LYS CA  HA   sing N N 199 
LYS C   O    doub N N 200 
LYS C   OXT  sing N N 201 
LYS CB  CG   sing N N 202 
LYS CB  HB2  sing N N 203 
LYS CB  HB3  sing N N 204 
LYS CG  CD   sing N N 205 
LYS CG  HG2  sing N N 206 
LYS CG  HG3  sing N N 207 
LYS CD  CE   sing N N 208 
LYS CD  HD2  sing N N 209 
LYS CD  HD3  sing N N 210 
LYS CE  NZ   sing N N 211 
LYS CE  HE2  sing N N 212 
LYS CE  HE3  sing N N 213 
LYS NZ  HZ1  sing N N 214 
LYS NZ  HZ2  sing N N 215 
LYS NZ  HZ3  sing N N 216 
LYS OXT HXT  sing N N 217 
MET N   CA   sing N N 218 
MET N   H    sing N N 219 
MET N   H2   sing N N 220 
MET CA  C    sing N N 221 
MET CA  CB   sing N N 222 
MET CA  HA   sing N N 223 
MET C   O    doub N N 224 
MET C   OXT  sing N N 225 
MET CB  CG   sing N N 226 
MET CB  HB2  sing N N 227 
MET CB  HB3  sing N N 228 
MET CG  SD   sing N N 229 
MET CG  HG2  sing N N 230 
MET CG  HG3  sing N N 231 
MET SD  CE   sing N N 232 
MET CE  HE1  sing N N 233 
MET CE  HE2  sing N N 234 
MET CE  HE3  sing N N 235 
MET OXT HXT  sing N N 236 
PHE N   CA   sing N N 237 
PHE N   H    sing N N 238 
PHE N   H2   sing N N 239 
PHE CA  C    sing N N 240 
PHE CA  CB   sing N N 241 
PHE CA  HA   sing N N 242 
PHE C   O    doub N N 243 
PHE C   OXT  sing N N 244 
PHE CB  CG   sing N N 245 
PHE CB  HB2  sing N N 246 
PHE CB  HB3  sing N N 247 
PHE CG  CD1  doub Y N 248 
PHE CG  CD2  sing Y N 249 
PHE CD1 CE1  sing Y N 250 
PHE CD1 HD1  sing N N 251 
PHE CD2 CE2  doub Y N 252 
PHE CD2 HD2  sing N N 253 
PHE CE1 CZ   doub Y N 254 
PHE CE1 HE1  sing N N 255 
PHE CE2 CZ   sing Y N 256 
PHE CE2 HE2  sing N N 257 
PHE CZ  HZ   sing N N 258 
PHE OXT HXT  sing N N 259 
PRO N   CA   sing N N 260 
PRO N   CD   sing N N 261 
PRO N   H    sing N N 262 
PRO CA  C    sing N N 263 
PRO CA  CB   sing N N 264 
PRO CA  HA   sing N N 265 
PRO C   O    doub N N 266 
PRO C   OXT  sing N N 267 
PRO CB  CG   sing N N 268 
PRO CB  HB2  sing N N 269 
PRO CB  HB3  sing N N 270 
PRO CG  CD   sing N N 271 
PRO CG  HG2  sing N N 272 
PRO CG  HG3  sing N N 273 
PRO CD  HD2  sing N N 274 
PRO CD  HD3  sing N N 275 
PRO OXT HXT  sing N N 276 
SER N   CA   sing N N 277 
SER N   H    sing N N 278 
SER N   H2   sing N N 279 
SER CA  C    sing N N 280 
SER CA  CB   sing N N 281 
SER CA  HA   sing N N 282 
SER C   O    doub N N 283 
SER C   OXT  sing N N 284 
SER CB  OG   sing N N 285 
SER CB  HB2  sing N N 286 
SER CB  HB3  sing N N 287 
SER OG  HG   sing N N 288 
SER OXT HXT  sing N N 289 
SO4 S   O1   doub N N 290 
SO4 S   O2   doub N N 291 
SO4 S   O3   sing N N 292 
SO4 S   O4   sing N N 293 
THR N   CA   sing N N 294 
THR N   H    sing N N 295 
THR N   H2   sing N N 296 
THR CA  C    sing N N 297 
THR CA  CB   sing N N 298 
THR CA  HA   sing N N 299 
THR C   O    doub N N 300 
THR C   OXT  sing N N 301 
THR CB  OG1  sing N N 302 
THR CB  CG2  sing N N 303 
THR CB  HB   sing N N 304 
THR OG1 HG1  sing N N 305 
THR CG2 HG21 sing N N 306 
THR CG2 HG22 sing N N 307 
THR CG2 HG23 sing N N 308 
THR OXT HXT  sing N N 309 
TRP N   CA   sing N N 310 
TRP N   H    sing N N 311 
TRP N   H2   sing N N 312 
TRP CA  C    sing N N 313 
TRP CA  CB   sing N N 314 
TRP CA  HA   sing N N 315 
TRP C   O    doub N N 316 
TRP C   OXT  sing N N 317 
TRP CB  CG   sing N N 318 
TRP CB  HB2  sing N N 319 
TRP CB  HB3  sing N N 320 
TRP CG  CD1  doub Y N 321 
TRP CG  CD2  sing Y N 322 
TRP CD1 NE1  sing Y N 323 
TRP CD1 HD1  sing N N 324 
TRP CD2 CE2  doub Y N 325 
TRP CD2 CE3  sing Y N 326 
TRP NE1 CE2  sing Y N 327 
TRP NE1 HE1  sing N N 328 
TRP CE2 CZ2  sing Y N 329 
TRP CE3 CZ3  doub Y N 330 
TRP CE3 HE3  sing N N 331 
TRP CZ2 CH2  doub Y N 332 
TRP CZ2 HZ2  sing N N 333 
TRP CZ3 CH2  sing Y N 334 
TRP CZ3 HZ3  sing N N 335 
TRP CH2 HH2  sing N N 336 
TRP OXT HXT  sing N N 337 
TYR N   CA   sing N N 338 
TYR N   H    sing N N 339 
TYR N   H2   sing N N 340 
TYR CA  C    sing N N 341 
TYR CA  CB   sing N N 342 
TYR CA  HA   sing N N 343 
TYR C   O    doub N N 344 
TYR C   OXT  sing N N 345 
TYR CB  CG   sing N N 346 
TYR CB  HB2  sing N N 347 
TYR CB  HB3  sing N N 348 
TYR CG  CD1  doub Y N 349 
TYR CG  CD2  sing Y N 350 
TYR CD1 CE1  sing Y N 351 
TYR CD1 HD1  sing N N 352 
TYR CD2 CE2  doub Y N 353 
TYR CD2 HD2  sing N N 354 
TYR CE1 CZ   doub Y N 355 
TYR CE1 HE1  sing N N 356 
TYR CE2 CZ   sing Y N 357 
TYR CE2 HE2  sing N N 358 
TYR CZ  OH   sing N N 359 
TYR OH  HH   sing N N 360 
TYR OXT HXT  sing N N 361 
VAL N   CA   sing N N 362 
VAL N   H    sing N N 363 
VAL N   H2   sing N N 364 
VAL CA  C    sing N N 365 
VAL CA  CB   sing N N 366 
VAL CA  HA   sing N N 367 
VAL C   O    doub N N 368 
VAL C   OXT  sing N N 369 
VAL CB  CG1  sing N N 370 
VAL CB  CG2  sing N N 371 
VAL CB  HB   sing N N 372 
VAL CG1 HG11 sing N N 373 
VAL CG1 HG12 sing N N 374 
VAL CG1 HG13 sing N N 375 
VAL CG2 HG21 sing N N 376 
VAL CG2 HG22 sing N N 377 
VAL CG2 HG23 sing N N 378 
VAL OXT HXT  sing N N 379 
# 
_atom_sites.entry_id                    3KHO 
_atom_sites.fract_transf_matrix[1][1]   -0.00267699 
_atom_sites.fract_transf_matrix[1][2]   0.00994513 
_atom_sites.fract_transf_matrix[1][3]   -0.00481243 
_atom_sites.fract_transf_matrix[2][1]   0.01082691 
_atom_sites.fract_transf_matrix[2][2]   0.00137507 
_atom_sites.fract_transf_matrix[2][3]   -0.00318099 
_atom_sites.fract_transf_matrix[3][1]   -0.00257126 
_atom_sites.fract_transf_matrix[3][2]   -0.00623025 
_atom_sites.fract_transf_matrix[3][3]   -0.01144483 
_atom_sites.fract_transf_vector[1]      0.373903 
_atom_sites.fract_transf_vector[2]      0.167669 
_atom_sites.fract_transf_vector[3]      0.193868 
# 
loop_
_atom_type.symbol 
C 
N 
O 
S 
# 
loop_
_atom_site.group_PDB 
_atom_site.id 
_atom_site.type_symbol 
_atom_site.label_atom_id 
_atom_site.label_alt_id 
_atom_site.label_comp_id 
_atom_site.label_asym_id 
_atom_site.label_entity_id 
_atom_site.label_seq_id 
_atom_site.pdbx_PDB_ins_code 
_atom_site.Cartn_x 
_atom_site.Cartn_y 
_atom_site.Cartn_z 
_atom_site.occupancy 
_atom_site.B_iso_or_equiv 
_atom_site.pdbx_formal_charge 
_atom_site.auth_seq_id 
_atom_site.auth_comp_id 
_atom_site.auth_asym_id 
_atom_site.auth_atom_id 
_atom_site.pdbx_PDB_model_num 
ATOM   1    N N   . CYS A 1 17  ? -3.273  -8.539  -9.590  1.00 109.84 ? 43  CYS B N   1 
ATOM   2    C CA  . CYS A 1 17  ? -4.110  -9.188  -10.635 1.00 105.46 ? 43  CYS B CA  1 
ATOM   3    C C   . CYS A 1 17  ? -5.605  -9.060  -10.332 1.00 97.17  ? 43  CYS B C   1 
ATOM   4    O O   . CYS A 1 17  ? -6.377  -9.982  -10.588 1.00 97.63  ? 43  CYS B O   1 
ATOM   5    C CB  . CYS A 1 17  ? -3.733  -10.671 -10.769 1.00 114.14 ? 43  CYS B CB  1 
ATOM   6    S SG  . CYS A 1 17  ? -2.598  -11.365 -9.508  1.00 129.03 ? 43  CYS B SG  1 
ATOM   7    N N   . SER A 1 18  ? -6.014  -7.915  -9.795  1.00 87.94  ? 44  SER B N   1 
ATOM   8    C CA  . SER A 1 18  ? -7.416  -7.709  -9.464  1.00 77.90  ? 44  SER B CA  1 
ATOM   9    C C   . SER A 1 18  ? -7.807  -6.252  -9.255  1.00 72.52  ? 44  SER B C   1 
ATOM   10   O O   . SER A 1 18  ? -8.771  -5.785  -9.857  1.00 75.97  ? 44  SER B O   1 
ATOM   11   C CB  . SER A 1 18  ? -7.772  -8.506  -8.207  1.00 78.07  ? 44  SER B CB  1 
ATOM   12   O OG  . SER A 1 18  ? -7.004  -8.073  -7.098  0.00 78.19  ? 44  SER B OG  1 
ATOM   13   N N   . GLN A 1 19  ? -7.060  -5.545  -8.407  1.00 63.33  ? 45  GLN B N   1 
ATOM   14   C CA  . GLN A 1 19  ? -7.320  -4.136  -8.062  1.00 61.15  ? 45  GLN B CA  1 
ATOM   15   C C   . GLN A 1 19  ? -8.459  -4.031  -7.042  1.00 58.24  ? 45  GLN B C   1 
ATOM   16   O O   . GLN A 1 19  ? -9.638  -3.998  -7.393  1.00 57.01  ? 45  GLN B O   1 
ATOM   17   C CB  . GLN A 1 19  ? -7.678  -3.301  -9.295  1.00 57.59  ? 45  GLN B CB  1 
ATOM   18   C CG  . GLN A 1 19  ? -8.246  -1.922  -8.933  1.00 70.86  ? 45  GLN B CG  1 
ATOM   19   C CD  . GLN A 1 19  ? -7.199  -0.820  -8.889  1.00 75.43  ? 45  GLN B CD  1 
ATOM   20   O OE1 . GLN A 1 19  ? -6.695  -0.399  -9.929  1.00 81.91  ? 45  GLN B OE1 1 
ATOM   21   N NE2 . GLN A 1 19  ? -6.872  -0.342  -7.687  1.00 64.33  ? 45  GLN B NE2 1 
ATOM   22   N N   . ILE A 1 20  ? -8.087  -3.966  -5.772  1.00 53.79  ? 46  ILE B N   1 
ATOM   23   C CA  . ILE A 1 20  ? -9.049  -3.897  -4.688  1.00 35.97  ? 46  ILE B CA  1 
ATOM   24   C C   . ILE A 1 20  ? -9.501  -2.484  -4.346  1.00 30.74  ? 46  ILE B C   1 
ATOM   25   O O   . ILE A 1 20  ? -8.691  -1.593  -4.094  1.00 33.68  ? 46  ILE B O   1 
ATOM   26   C CB  . ILE A 1 20  ? -8.458  -4.529  -3.415  1.00 34.23  ? 46  ILE B CB  1 
ATOM   27   C CG1 . ILE A 1 20  ? -7.963  -5.939  -3.728  1.00 26.91  ? 46  ILE B CG1 1 
ATOM   28   C CG2 . ILE A 1 20  ? -9.490  -4.549  -2.308  1.00 28.58  ? 46  ILE B CG2 1 
ATOM   29   C CD1 . ILE A 1 20  ? -7.177  -6.580  -2.599  1.00 32.19  ? 46  ILE B CD1 1 
ATOM   30   N N   . TRP A 1 21  ? -10.811 -2.297  -4.332  1.00 24.97  ? 47  TRP B N   1 
ATOM   31   C CA  . TRP A 1 21  ? -11.412 -1.022  -3.980  1.00 22.29  ? 47  TRP B CA  1 
ATOM   32   C C   . TRP A 1 21  ? -11.495 -0.988  -2.449  1.00 23.88  ? 47  TRP B C   1 
ATOM   33   O O   . TRP A 1 21  ? -11.708 -2.016  -1.811  1.00 12.52  ? 47  TRP B O   1 
ATOM   34   C CB  . TRP A 1 21  ? -12.809 -0.946  -4.583  1.00 17.84  ? 47  TRP B CB  1 
ATOM   35   C CG  . TRP A 1 21  ? -13.652 0.219   -4.141  1.00 31.22  ? 47  TRP B CG  1 
ATOM   36   C CD1 . TRP A 1 21  ? -13.868 1.384   -4.822  1.00 26.77  ? 47  TRP B CD1 1 
ATOM   37   C CD2 . TRP A 1 21  ? -14.466 0.290   -2.957  1.00 33.15  ? 47  TRP B CD2 1 
ATOM   38   N NE1 . TRP A 1 21  ? -14.772 2.170   -4.141  1.00 15.70  ? 47  TRP B NE1 1 
ATOM   39   C CE2 . TRP A 1 21  ? -15.154 1.525   -2.996  1.00 20.05  ? 47  TRP B CE2 1 
ATOM   40   C CE3 . TRP A 1 21  ? -14.681 -0.570  -1.871  1.00 31.14  ? 47  TRP B CE3 1 
ATOM   41   C CZ2 . TRP A 1 21  ? -16.040 1.920   -1.992  1.00 25.33  ? 47  TRP B CZ2 1 
ATOM   42   C CZ3 . TRP A 1 21  ? -15.564 -0.176  -0.870  1.00 39.24  ? 47  TRP B CZ3 1 
ATOM   43   C CH2 . TRP A 1 21  ? -16.234 1.060   -0.940  1.00 42.13  ? 47  TRP B CH2 1 
ATOM   44   N N   . GLN A 1 22  ? -11.310 0.183   -1.859  1.00 20.09  ? 48  GLN B N   1 
ATOM   45   C CA  . GLN A 1 22  ? -11.382 0.287   -0.419  1.00 19.30  ? 48  GLN B CA  1 
ATOM   46   C C   . GLN A 1 22  ? -11.863 1.660   -0.009  1.00 33.58  ? 48  GLN B C   1 
ATOM   47   O O   . GLN A 1 22  ? -11.593 2.654   -0.682  1.00 37.53  ? 48  GLN B O   1 
ATOM   48   C CB  . GLN A 1 22  ? -10.025 0.022   0.220   1.00 13.83  ? 48  GLN B CB  1 
ATOM   49   C CG  . GLN A 1 22  ? -10.059 0.125   1.743   1.00 34.53  ? 48  GLN B CG  1 
ATOM   50   C CD  . GLN A 1 22  ? -8.747  -0.249  2.393   1.00 39.79  ? 48  GLN B CD  1 
ATOM   51   O OE1 . GLN A 1 22  ? -8.090  -1.200  1.972   1.00 50.90  ? 48  GLN B OE1 1 
ATOM   52   N NE2 . GLN A 1 22  ? -8.363  0.485   3.436   1.00 26.13  ? 48  GLN B NE2 1 
ATOM   53   N N   . HIS A 1 23  ? -12.582 1.700   1.106   1.00 35.97  ? 49  HIS B N   1 
ATOM   54   C CA  . HIS A 1 23  ? -13.123 2.934   1.641   1.00 31.42  ? 49  HIS B CA  1 
ATOM   55   C C   . HIS A 1 23  ? -13.113 2.855   3.161   1.00 31.89  ? 49  HIS B C   1 
ATOM   56   O O   . HIS A 1 23  ? -13.386 1.801   3.733   1.00 25.88  ? 49  HIS B O   1 
ATOM   57   C CB  . HIS A 1 23  ? -14.557 3.124   1.162   1.00 37.21  ? 49  HIS B CB  1 
ATOM   58   C CG  . HIS A 1 23  ? -15.253 4.287   1.797   1.00 45.05  ? 49  HIS B CG  1 
ATOM   59   N ND1 . HIS A 1 23  ? -15.171 5.569   1.295   1.00 36.57  ? 49  HIS B ND1 1 
ATOM   60   C CD2 . HIS A 1 23  ? -16.021 4.366   2.909   1.00 38.28  ? 49  HIS B CD2 1 
ATOM   61   C CE1 . HIS A 1 23  ? -15.861 6.387   2.070   1.00 28.28  ? 49  HIS B CE1 1 
ATOM   62   N NE2 . HIS A 1 23  ? -16.385 5.682   3.057   1.00 40.91  ? 49  HIS B NE2 1 
ATOM   63   N N   . PRO A 1 24  ? -12.780 3.969   3.837   1.00 33.27  ? 50  PRO B N   1 
ATOM   64   C CA  . PRO A 1 24  ? -12.428 5.246   3.222   1.00 28.30  ? 50  PRO B CA  1 
ATOM   65   C C   . PRO A 1 24  ? -10.938 5.253   2.935   1.00 32.62  ? 50  PRO B C   1 
ATOM   66   O O   . PRO A 1 24  ? -10.300 4.209   2.867   1.00 35.16  ? 50  PRO B O   1 
ATOM   67   C CB  . PRO A 1 24  ? -12.784 6.238   4.306   1.00 27.27  ? 50  PRO B CB  1 
ATOM   68   C CG  . PRO A 1 24  ? -12.308 5.527   5.524   1.00 19.13  ? 50  PRO B CG  1 
ATOM   69   C CD  . PRO A 1 24  ? -12.821 4.106   5.305   1.00 33.27  ? 50  PRO B CD  1 
ATOM   70   N N   . ARG A 1 25  ? -10.381 6.437   2.771   1.00 34.25  ? 51  ARG B N   1 
ATOM   71   C CA  . ARG A 1 25  ? -8.965  6.535   2.515   1.00 40.59  ? 51  ARG B CA  1 
ATOM   72   C C   . ARG A 1 25  ? -8.373  7.056   3.801   1.00 35.44  ? 51  ARG B C   1 
ATOM   73   O O   . ARG A 1 25  ? -7.300  6.639   4.236   1.00 34.67  ? 51  ARG B O   1 
ATOM   74   C CB  . ARG A 1 25  ? -8.703  7.500   1.360   1.00 47.64  ? 51  ARG B CB  1 
ATOM   75   C CG  . ARG A 1 25  ? -7.230  7.719   1.051   1.00 72.61  ? 51  ARG B CG  1 
ATOM   76   C CD  . ARG A 1 25  ? -6.466  6.409   0.876   1.00 84.14  ? 51  ARG B CD  1 
ATOM   77   N NE  . ARG A 1 25  ? -5.328  6.587   -0.020  1.00 101.55 ? 51  ARG B NE  1 
ATOM   78   C CZ  . ARG A 1 25  ? -5.440  6.800   -1.329  1.00 108.39 ? 51  ARG B CZ  1 
ATOM   79   N NH1 . ARG A 1 25  ? -6.641  6.854   -1.894  1.00 108.12 ? 51  ARG B NH1 1 
ATOM   80   N NH2 . ARG A 1 25  ? -4.355  6.973   -2.074  1.00 106.73 ? 51  ARG B NH2 1 
ATOM   81   N N   . PHE A 1 26  ? -9.111  7.959   4.423   1.00 28.33  ? 52  PHE B N   1 
ATOM   82   C CA  . PHE A 1 26  ? -8.671  8.551   5.666   1.00 30.09  ? 52  PHE B CA  1 
ATOM   83   C C   . PHE A 1 26  ? -9.799  8.493   6.668   1.00 27.89  ? 52  PHE B C   1 
ATOM   84   O O   . PHE A 1 26  ? -10.968 8.557   6.297   1.00 33.48  ? 52  PHE B O   1 
ATOM   85   C CB  . PHE A 1 26  ? -8.253  10.007  5.435   1.00 23.11  ? 52  PHE B CB  1 
ATOM   86   C CG  . PHE A 1 26  ? -7.859  10.731  6.684   1.00 21.34  ? 52  PHE B CG  1 
ATOM   87   C CD1 . PHE A 1 26  ? -6.897  10.205  7.536   1.00 31.52  ? 52  PHE B CD1 1 
ATOM   88   C CD2 . PHE A 1 26  ? -8.464  11.933  7.022   1.00 25.68  ? 52  PHE B CD2 1 
ATOM   89   C CE1 . PHE A 1 26  ? -6.545  10.863  8.714   1.00 32.85  ? 52  PHE B CE1 1 
ATOM   90   C CE2 . PHE A 1 26  ? -8.119  12.605  8.196   1.00 30.54  ? 52  PHE B CE2 1 
ATOM   91   C CZ  . PHE A 1 26  ? -7.159  12.069  9.044   1.00 26.09  ? 52  PHE B CZ  1 
ATOM   92   N N   . ALA A 1 27  ? -9.444  8.356   7.938   1.00 18.94  ? 53  ALA B N   1 
ATOM   93   C CA  . ALA A 1 27  ? -10.438 8.326   8.991   1.00 20.60  ? 53  ALA B CA  1 
ATOM   94   C C   . ALA A 1 27  ? -9.849  8.876   10.279  1.00 27.87  ? 53  ALA B C   1 
ATOM   95   O O   . ALA A 1 27  ? -8.823  8.392   10.760  1.00 38.16  ? 53  ALA B O   1 
ATOM   96   C CB  . ALA A 1 27  ? -10.930 6.919   9.200   1.00 21.38  ? 53  ALA B CB  1 
ATOM   97   N N   . ALA A 1 28  ? -10.493 9.909   10.817  1.00 21.37  ? 54  ALA B N   1 
ATOM   98   C CA  . ALA A 1 28  ? -10.054 10.527  12.056  1.00 23.27  ? 54  ALA B CA  1 
ATOM   99   C C   . ALA A 1 28  ? -11.148 10.259  13.071  1.00 30.60  ? 54  ALA B C   1 
ATOM   100  O O   . ALA A 1 28  ? -12.315 10.527  12.807  1.00 24.35  ? 54  ALA B O   1 
ATOM   101  C CB  . ALA A 1 28  ? -9.870  12.008  11.860  1.00 20.28  ? 54  ALA B CB  1 
ATOM   102  N N   . LYS A 1 29  ? -10.770 9.719   14.227  1.00 41.27  ? 55  LYS B N   1 
ATOM   103  C CA  . LYS A 1 29  ? -11.741 9.386   15.269  1.00 42.74  ? 55  LYS B CA  1 
ATOM   104  C C   . LYS A 1 29  ? -11.177 9.607   16.667  1.00 45.08  ? 55  LYS B C   1 
ATOM   105  O O   . LYS A 1 29  ? -9.980  9.434   16.904  1.00 44.05  ? 55  LYS B O   1 
ATOM   106  C CB  . LYS A 1 29  ? -12.178 7.919   15.134  1.00 43.93  ? 55  LYS B CB  1 
ATOM   107  C CG  . LYS A 1 29  ? -12.667 7.531   13.750  1.00 37.09  ? 55  LYS B CG  1 
ATOM   108  C CD  . LYS A 1 29  ? -14.001 8.172   13.409  1.00 45.19  ? 55  LYS B CD  1 
ATOM   109  C CE  . LYS A 1 29  ? -15.128 7.638   14.289  1.00 52.01  ? 55  LYS B CE  1 
ATOM   110  N NZ  . LYS A 1 29  ? -16.469 8.191   13.921  1.00 46.66  ? 55  LYS B NZ  1 
ATOM   111  N N   . LYS A 1 30  ? -12.061 9.975   17.588  1.00 51.57  ? 56  LYS B N   1 
ATOM   112  C CA  . LYS A 1 30  ? -11.702 10.236  18.977  1.00 51.93  ? 56  LYS B CA  1 
ATOM   113  C C   . LYS A 1 30  ? -11.524 8.930   19.739  1.00 54.86  ? 56  LYS B C   1 
ATOM   114  O O   . LYS A 1 30  ? -12.274 7.981   19.530  1.00 54.00  ? 56  LYS B O   1 
ATOM   115  C CB  . LYS A 1 30  ? -12.801 11.062  19.648  1.00 52.74  ? 56  LYS B CB  1 
ATOM   116  C CG  . LYS A 1 30  ? -13.166 12.342  18.914  1.00 58.09  ? 56  LYS B CG  1 
ATOM   117  C CD  . LYS A 1 30  ? -14.478 12.915  19.447  1.00 70.06  ? 56  LYS B CD  1 
ATOM   118  C CE  . LYS A 1 30  ? -14.899 14.176  18.692  1.00 75.38  ? 56  LYS B CE  1 
ATOM   119  N NZ  . LYS A 1 30  ? -16.257 14.671  19.093  1.00 62.69  ? 56  LYS B NZ  1 
ATOM   120  N N   . ARG A 1 31  ? -10.532 8.893   20.626  1.00 61.13  ? 57  ARG B N   1 
ATOM   121  C CA  . ARG A 1 31  ? -10.256 7.705   21.431  1.00 62.80  ? 57  ARG B CA  1 
ATOM   122  C C   . ARG A 1 31  ? -11.527 7.091   22.018  1.00 60.40  ? 57  ARG B C   1 
ATOM   123  O O   . ARG A 1 31  ? -12.443 7.804   22.436  1.00 56.75  ? 57  ARG B O   1 
ATOM   124  C CB  . ARG A 1 31  ? -9.305  8.049   22.579  1.00 64.14  ? 57  ARG B CB  1 
ATOM   125  C CG  . ARG A 1 31  ? -9.016  6.871   23.498  1.00 74.83  ? 57  ARG B CG  1 
ATOM   126  C CD  . ARG A 1 31  ? -8.771  7.333   24.929  1.00 96.19  ? 57  ARG B CD  1 
ATOM   127  N NE  . ARG A 1 31  ? -7.601  8.203   25.045  1.00 112.83 ? 57  ARG B NE  1 
ATOM   128  C CZ  . ARG A 1 31  ? -7.195  8.768   26.180  1.00 115.57 ? 57  ARG B CZ  1 
ATOM   129  N NH1 . ARG A 1 31  ? -7.863  8.561   27.308  1.00 119.45 ? 57  ARG B NH1 1 
ATOM   130  N NH2 . ARG A 1 31  ? -6.114  9.537   26.189  1.00 115.82 ? 57  ARG B NH2 1 
ATOM   131  N N   . SER A 1 32  ? -11.571 5.763   22.042  1.00 57.73  ? 58  SER B N   1 
ATOM   132  C CA  . SER A 1 32  ? -12.704 5.028   22.594  1.00 52.79  ? 58  SER B CA  1 
ATOM   133  C C   . SER A 1 32  ? -13.964 5.144   21.759  1.00 42.48  ? 58  SER B C   1 
ATOM   134  O O   . SER A 1 32  ? -15.060 5.238   22.294  1.00 39.64  ? 58  SER B O   1 
ATOM   135  C CB  . SER A 1 32  ? -12.985 5.500   24.026  1.00 59.45  ? 58  SER B CB  1 
ATOM   136  O OG  . SER A 1 32  ? -11.870 5.254   24.873  1.00 64.54  ? 58  SER B OG  1 
ATOM   137  N N   . SER A 1 33  ? -13.799 5.144   20.443  1.00 44.51  ? 59  SER B N   1 
ATOM   138  C CA  . SER A 1 33  ? -14.928 5.234   19.521  1.00 43.44  ? 59  SER B CA  1 
ATOM   139  C C   . SER A 1 33  ? -14.852 4.053   18.557  1.00 38.85  ? 59  SER B C   1 
ATOM   140  O O   . SER A 1 33  ? -14.038 3.149   18.753  1.00 43.53  ? 59  SER B O   1 
ATOM   141  C CB  . SER A 1 33  ? -14.889 6.549   18.749  1.00 30.01  ? 59  SER B CB  1 
ATOM   142  O OG  . SER A 1 33  ? -13.679 6.650   18.028  1.00 52.33  ? 59  SER B OG  1 
ATOM   143  N N   . MET A 1 34  ? -15.671 4.055   17.513  1.00 26.26  ? 60  MET B N   1 
ATOM   144  C CA  . MET A 1 34  ? -15.663 2.923   16.598  1.00 32.18  ? 60  MET B CA  1 
ATOM   145  C C   . MET A 1 34  ? -15.618 3.262   15.099  1.00 34.17  ? 60  MET B C   1 
ATOM   146  O O   . MET A 1 34  ? -16.173 4.273   14.659  1.00 23.47  ? 60  MET B O   1 
ATOM   147  C CB  . MET A 1 34  ? -16.873 2.040   16.912  1.00 37.23  ? 60  MET B CB  1 
ATOM   148  C CG  . MET A 1 34  ? -17.009 0.824   16.037  1.00 47.24  ? 60  MET B CG  1 
ATOM   149  S SD  . MET A 1 34  ? -18.661 0.726   15.361  1.00 66.46  ? 60  MET B SD  1 
ATOM   150  C CE  . MET A 1 34  ? -18.561 1.898   13.965  1.00 57.87  ? 60  MET B CE  1 
ATOM   151  N N   . VAL A 1 35  ? -14.951 2.402   14.323  1.00 29.48  ? 61  VAL B N   1 
ATOM   152  C CA  . VAL A 1 35  ? -14.826 2.599   12.881  1.00 31.61  ? 61  VAL B CA  1 
ATOM   153  C C   . VAL A 1 35  ? -14.895 1.316   12.074  1.00 29.73  ? 61  VAL B C   1 
ATOM   154  O O   . VAL A 1 35  ? -14.430 0.265   12.514  1.00 25.72  ? 61  VAL B O   1 
ATOM   155  C CB  . VAL A 1 35  ? -13.492 3.271   12.506  1.00 32.36  ? 61  VAL B CB  1 
ATOM   156  C CG1 . VAL A 1 35  ? -13.355 4.585   13.222  1.00 45.29  ? 61  VAL B CG1 1 
ATOM   157  C CG2 . VAL A 1 35  ? -12.336 2.351   12.851  1.00 40.70  ? 61  VAL B CG2 1 
ATOM   158  N N   . LYS A 1 36  ? -15.464 1.428   10.878  1.00 31.06  ? 62  LYS B N   1 
ATOM   159  C CA  . LYS A 1 36  ? -15.583 0.309   9.949   1.00 33.76  ? 62  LYS B CA  1 
ATOM   160  C C   . LYS A 1 36  ? -14.834 0.701   8.679   1.00 34.66  ? 62  LYS B C   1 
ATOM   161  O O   . LYS A 1 36  ? -14.882 1.856   8.252   1.00 28.61  ? 62  LYS B O   1 
ATOM   162  C CB  . LYS A 1 36  ? -17.053 0.040   9.579   1.00 37.36  ? 62  LYS B CB  1 
ATOM   163  C CG  . LYS A 1 36  ? -17.966 -0.410  10.712  1.00 40.17  ? 62  LYS B CG  1 
ATOM   164  C CD  . LYS A 1 36  ? -19.429 -0.415  10.270  1.00 30.78  ? 62  LYS B CD  1 
ATOM   165  C CE  . LYS A 1 36  ? -20.311 -1.110  11.295  1.00 47.40  ? 62  LYS B CE  1 
ATOM   166  N NZ  . LYS A 1 36  ? -19.985 -2.576  11.419  1.00 58.46  ? 62  LYS B NZ  1 
ATOM   167  N N   . PHE A 1 37  ? -14.133 -0.261  8.090   1.00 37.03  ? 63  PHE B N   1 
ATOM   168  C CA  . PHE A 1 37  ? -13.402 -0.048  6.845   1.00 30.82  ? 63  PHE B CA  1 
ATOM   169  C C   . PHE A 1 37  ? -13.916 -1.123  5.893   1.00 28.30  ? 63  PHE B C   1 
ATOM   170  O O   . PHE A 1 37  ? -14.193 -2.252  6.305   1.00 27.07  ? 63  PHE B O   1 
ATOM   171  C CB  . PHE A 1 37  ? -11.894 -0.222  7.051   1.00 29.58  ? 63  PHE B CB  1 
ATOM   172  C CG  . PHE A 1 37  ? -11.273 0.796   7.975   1.00 36.75  ? 63  PHE B CG  1 
ATOM   173  C CD1 . PHE A 1 37  ? -10.005 0.574   8.517   1.00 42.81  ? 63  PHE B CD1 1 
ATOM   174  C CD2 . PHE A 1 37  ? -11.942 1.969   8.311   1.00 37.49  ? 63  PHE B CD2 1 
ATOM   175  C CE1 . PHE A 1 37  ? -9.413  1.503   9.382   1.00 39.91  ? 63  PHE B CE1 1 
ATOM   176  C CE2 . PHE A 1 37  ? -11.355 2.908   9.179   1.00 39.19  ? 63  PHE B CE2 1 
ATOM   177  C CZ  . PHE A 1 37  ? -10.092 2.671   9.711   1.00 34.79  ? 63  PHE B CZ  1 
ATOM   178  N N   . HIS A 1 38  ? -14.047 -0.777  4.624   1.00 25.97  ? 64  HIS B N   1 
ATOM   179  C CA  . HIS A 1 38  ? -14.541 -1.730  3.645   1.00 26.67  ? 64  HIS B CA  1 
ATOM   180  C C   . HIS A 1 38  ? -13.671 -1.797  2.401   1.00 24.78  ? 64  HIS B C   1 
ATOM   181  O O   . HIS A 1 38  ? -13.201 -0.775  1.908   1.00 29.09  ? 64  HIS B O   1 
ATOM   182  C CB  . HIS A 1 38  ? -15.948 -1.338  3.169   1.00 28.50  ? 64  HIS B CB  1 
ATOM   183  C CG  . HIS A 1 38  ? -16.892 -0.972  4.265   1.00 34.02  ? 64  HIS B CG  1 
ATOM   184  N ND1 . HIS A 1 38  ? -17.538 -1.912  5.039   1.00 50.06  ? 64  HIS B ND1 1 
ATOM   185  C CD2 . HIS A 1 38  ? -17.310 0.235   4.711   1.00 38.48  ? 64  HIS B CD2 1 
ATOM   186  C CE1 . HIS A 1 38  ? -18.315 -1.298  5.915   1.00 52.85  ? 64  HIS B CE1 1 
ATOM   187  N NE2 . HIS A 1 38  ? -18.195 0.005   5.737   1.00 49.32  ? 64  HIS B NE2 1 
ATOM   188  N N   . CYS A 1 39  ? -13.437 -3.003  1.906   1.00 24.45  ? 65  CYS B N   1 
ATOM   189  C CA  . CYS A 1 39  ? -12.747 -3.168  0.638   1.00 31.82  ? 65  CYS B CA  1 
ATOM   190  C C   . CYS A 1 39  ? -13.634 -4.171  -0.118  1.00 28.16  ? 65  CYS B C   1 
ATOM   191  O O   . CYS A 1 39  ? -14.262 -5.049  0.485   1.00 24.55  ? 65  CYS B O   1 
ATOM   192  C CB  . CYS A 1 39  ? -11.279 -3.631  0.782   1.00 33.39  ? 65  CYS B CB  1 
ATOM   193  S SG  . CYS A 1 39  ? -10.906 -4.848  2.065   1.00 64.31  ? 65  CYS B SG  1 
ATOM   194  N N   . TYR A 1 40  ? -13.741 -3.986  -1.428  1.00 22.07  ? 66  TYR B N   1 
ATOM   195  C CA  . TYR A 1 40  ? -14.575 -4.838  -2.263  1.00 25.15  ? 66  TYR B CA  1 
ATOM   196  C C   . TYR A 1 40  ? -13.753 -5.465  -3.374  1.00 30.84  ? 66  TYR B C   1 
ATOM   197  O O   . TYR A 1 40  ? -12.902 -4.810  -3.971  1.00 37.80  ? 66  TYR B O   1 
ATOM   198  C CB  . TYR A 1 40  ? -15.707 -4.008  -2.885  1.00 31.45  ? 66  TYR B CB  1 
ATOM   199  C CG  . TYR A 1 40  ? -16.437 -4.704  -4.020  1.00 34.53  ? 66  TYR B CG  1 
ATOM   200  C CD1 . TYR A 1 40  ? -17.507 -5.558  -3.772  1.00 41.95  ? 66  TYR B CD1 1 
ATOM   201  C CD2 . TYR A 1 40  ? -16.007 -4.565  -5.339  1.00 26.74  ? 66  TYR B CD2 1 
ATOM   202  C CE1 . TYR A 1 40  ? -18.121 -6.260  -4.808  1.00 43.04  ? 66  TYR B CE1 1 
ATOM   203  C CE2 . TYR A 1 40  ? -16.611 -5.261  -6.378  1.00 13.97  ? 66  TYR B CE2 1 
ATOM   204  C CZ  . TYR A 1 40  ? -17.662 -6.110  -6.107  1.00 41.04  ? 66  TYR B CZ  1 
ATOM   205  O OH  . TYR A 1 40  ? -18.230 -6.848  -7.125  1.00 59.91  ? 66  TYR B OH  1 
ATOM   206  N N   . THR A 1 41  ? -14.020 -6.734  -3.658  1.00 34.07  ? 67  THR B N   1 
ATOM   207  C CA  . THR A 1 41  ? -13.321 -7.452  -4.721  1.00 40.37  ? 67  THR B CA  1 
ATOM   208  C C   . THR A 1 41  ? -14.109 -8.721  -5.011  1.00 41.34  ? 67  THR B C   1 
ATOM   209  O O   . THR A 1 41  ? -14.370 -9.525  -4.116  1.00 43.69  ? 67  THR B O   1 
ATOM   210  C CB  . THR A 1 41  ? -11.841 -7.791  -4.323  1.00 40.67  ? 67  THR B CB  1 
ATOM   211  O OG1 . THR A 1 41  ? -11.199 -8.502  -5.387  1.00 42.21  ? 67  THR B OG1 1 
ATOM   212  C CG2 . THR A 1 41  ? -11.789 -8.636  -3.068  1.00 46.44  ? 67  THR B CG2 1 
ATOM   213  N N   . ASN A 1 42  ? -14.510 -8.871  -6.267  1.00 45.41  ? 68  ASN B N   1 
ATOM   214  C CA  . ASN A 1 42  ? -15.291 -10.019 -6.725  1.00 49.01  ? 68  ASN B CA  1 
ATOM   215  C C   . ASN A 1 42  ? -14.394 -11.229 -7.040  1.00 50.19  ? 68  ASN B C   1 
ATOM   216  O O   . ASN A 1 42  ? -14.892 -12.324 -7.310  1.00 52.29  ? 68  ASN B O   1 
ATOM   217  C CB  . ASN A 1 42  ? -16.069 -9.614  -7.973  1.00 50.17  ? 68  ASN B CB  1 
ATOM   218  C CG  . ASN A 1 42  ? -15.158 -9.042  -9.049  1.00 70.70  ? 68  ASN B CG  1 
ATOM   219  O OD1 . ASN A 1 42  ? -14.439 -8.055  -8.822  1.00 67.16  ? 68  ASN B OD1 1 
ATOM   220  N ND2 . ASN A 1 42  ? -15.170 -9.664  -10.220 1.00 74.71  ? 68  ASN B ND2 1 
ATOM   221  N N   . HIS A 1 43  ? -13.077 -11.015 -7.007  1.00 48.63  ? 69  HIS B N   1 
ATOM   222  C CA  . HIS A 1 43  ? -12.083 -12.062 -7.268  1.00 45.60  ? 69  HIS B CA  1 
ATOM   223  C C   . HIS A 1 43  ? -12.130 -13.090 -6.130  1.00 43.09  ? 69  HIS B C   1 
ATOM   224  O O   . HIS A 1 43  ? -12.112 -12.733 -4.950  1.00 37.22  ? 69  HIS B O   1 
ATOM   225  C CB  . HIS A 1 43  ? -10.684 -11.432 -7.361  1.00 54.04  ? 69  HIS B CB  1 
ATOM   226  C CG  . HIS A 1 43  ? -9.599  -12.387 -7.761  1.00 60.52  ? 69  HIS B CG  1 
ATOM   227  N ND1 . HIS A 1 43  ? -9.507  -12.926 -9.027  1.00 65.75  ? 69  HIS B ND1 1 
ATOM   228  C CD2 . HIS A 1 43  ? -8.540  -12.873 -7.069  1.00 59.63  ? 69  HIS B CD2 1 
ATOM   229  C CE1 . HIS A 1 43  ? -8.437  -13.698 -9.099  1.00 66.04  ? 69  HIS B CE1 1 
ATOM   230  N NE2 . HIS A 1 43  ? -7.832  -13.682 -7.924  1.00 61.15  ? 69  HIS B NE2 1 
ATOM   231  N N   . SER A 1 44  ? -12.173 -14.365 -6.500  1.00 38.99  ? 70  SER B N   1 
ATOM   232  C CA  . SER A 1 44  ? -12.264 -15.471 -5.547  1.00 39.09  ? 70  SER B CA  1 
ATOM   233  C C   . SER A 1 44  ? -11.121 -15.698 -4.556  1.00 31.59  ? 70  SER B C   1 
ATOM   234  O O   . SER A 1 44  ? -11.321 -16.317 -3.518  1.00 30.53  ? 70  SER B O   1 
ATOM   235  C CB  . SER A 1 44  ? -12.528 -16.768 -6.319  1.00 39.59  ? 70  SER B CB  1 
ATOM   236  O OG  . SER A 1 44  ? -11.741 -16.825 -7.497  1.00 45.77  ? 70  SER B OG  1 
ATOM   237  N N   . GLY A 1 45  ? -9.933  -15.197 -4.870  1.00 36.47  ? 71  GLY B N   1 
ATOM   238  C CA  . GLY A 1 45  ? -8.786  -15.386 -3.996  1.00 36.11  ? 71  GLY B CA  1 
ATOM   239  C C   . GLY A 1 45  ? -8.993  -15.066 -2.527  1.00 32.44  ? 71  GLY B C   1 
ATOM   240  O O   . GLY A 1 45  ? -9.842  -14.251 -2.166  1.00 30.52  ? 71  GLY B O   1 
ATOM   241  N N   . ALA A 1 46  ? -8.203  -15.708 -1.674  1.00 30.13  ? 72  ALA B N   1 
ATOM   242  C CA  . ALA A 1 46  ? -8.298  -15.493 -0.236  1.00 33.99  ? 72  ALA B CA  1 
ATOM   243  C C   . ALA A 1 46  ? -7.884  -14.070 0.114   1.00 35.44  ? 72  ALA B C   1 
ATOM   244  O O   . ALA A 1 46  ? -6.774  -13.645 -0.189  1.00 35.82  ? 72  ALA B O   1 
ATOM   245  C CB  . ALA A 1 46  ? -7.416  -16.492 0.500   1.00 22.13  ? 72  ALA B CB  1 
ATOM   246  N N   . LEU A 1 47  ? -8.781  -13.332 0.752   1.00 40.92  ? 73  LEU B N   1 
ATOM   247  C CA  . LEU A 1 47  ? -8.480  -11.960 1.135   1.00 42.12  ? 73  LEU B CA  1 
ATOM   248  C C   . LEU A 1 47  ? -8.171  -11.874 2.622   1.00 42.60  ? 73  LEU B C   1 
ATOM   249  O O   . LEU A 1 47  ? -8.764  -12.589 3.430   1.00 44.08  ? 73  LEU B O   1 
ATOM   250  C CB  . LEU A 1 47  ? -9.656  -11.052 0.786   1.00 46.74  ? 73  LEU B CB  1 
ATOM   251  C CG  . LEU A 1 47  ? -9.593  -9.583  1.191   1.00 45.05  ? 73  LEU B CG  1 
ATOM   252  C CD1 . LEU A 1 47  ? -8.243  -8.991  0.862   1.00 60.03  ? 73  LEU B CD1 1 
ATOM   253  C CD2 . LEU A 1 47  ? -10.687 -8.839  0.452   1.00 49.53  ? 73  LEU B CD2 1 
ATOM   254  N N   . THR A 1 48  ? -7.237  -11.001 2.981   1.00 38.07  ? 74  THR B N   1 
ATOM   255  C CA  . THR A 1 48  ? -6.851  -10.848 4.380   1.00 38.20  ? 74  THR B CA  1 
ATOM   256  C C   . THR A 1 48  ? -6.448  -9.410  4.731   1.00 30.32  ? 74  THR B C   1 
ATOM   257  O O   . THR A 1 48  ? -5.888  -8.690  3.912   1.00 19.20  ? 74  THR B O   1 
ATOM   258  C CB  . THR A 1 48  ? -5.701  -11.853 4.742   1.00 39.18  ? 74  THR B CB  1 
ATOM   259  O OG1 . THR A 1 48  ? -5.082  -11.468 5.975   1.00 28.82  ? 74  THR B OG1 1 
ATOM   260  C CG2 . THR A 1 48  ? -4.651  -11.904 3.634   1.00 42.94  ? 74  THR B CG2 1 
ATOM   261  N N   . TRP A 1 49  ? -6.753  -9.004  5.960   1.00 30.19  ? 75  TRP B N   1 
ATOM   262  C CA  . TRP A 1 49  ? -6.445  -7.660  6.433   1.00 30.79  ? 75  TRP B CA  1 
ATOM   263  C C   . TRP A 1 49  ? -5.051  -7.472  7.029   1.00 32.33  ? 75  TRP B C   1 
ATOM   264  O O   . TRP A 1 49  ? -4.570  -8.301  7.800   1.00 25.56  ? 75  TRP B O   1 
ATOM   265  C CB  . TRP A 1 49  ? -7.474  -7.222  7.476   1.00 31.29  ? 75  TRP B CB  1 
ATOM   266  C CG  . TRP A 1 49  ? -8.800  -6.866  6.917   1.00 32.71  ? 75  TRP B CG  1 
ATOM   267  C CD1 . TRP A 1 49  ? -9.861  -7.697  6.732   1.00 30.49  ? 75  TRP B CD1 1 
ATOM   268  C CD2 . TRP A 1 49  ? -9.216  -5.572  6.470   1.00 35.72  ? 75  TRP B CD2 1 
ATOM   269  N NE1 . TRP A 1 49  ? -10.920 -7.003  6.200   1.00 36.61  ? 75  TRP B NE1 1 
ATOM   270  C CE2 . TRP A 1 49  ? -10.552 -5.694  6.030   1.00 37.24  ? 75  TRP B CE2 1 
ATOM   271  C CE3 . TRP A 1 49  ? -8.592  -4.321  6.401   1.00 34.69  ? 75  TRP B CE3 1 
ATOM   272  C CZ2 . TRP A 1 49  ? -11.279 -4.606  5.527   1.00 31.65  ? 75  TRP B CZ2 1 
ATOM   273  C CZ3 . TRP A 1 49  ? -9.317  -3.239  5.901   1.00 42.13  ? 75  TRP B CZ3 1 
ATOM   274  C CH2 . TRP A 1 49  ? -10.646 -3.392  5.472   1.00 35.55  ? 75  TRP B CH2 1 
ATOM   275  N N   . PHE A 1 50  ? -4.421  -6.355  6.678   1.00 38.23  ? 76  PHE B N   1 
ATOM   276  C CA  . PHE A 1 50  ? -3.095  -6.025  7.178   1.00 38.28  ? 76  PHE B CA  1 
ATOM   277  C C   . PHE A 1 50  ? -3.041  -4.661  7.826   1.00 36.89  ? 76  PHE B C   1 
ATOM   278  O O   . PHE A 1 50  ? -3.840  -3.775  7.511   1.00 27.47  ? 76  PHE B O   1 
ATOM   279  C CB  . PHE A 1 50  ? -2.063  -6.071  6.060   1.00 38.03  ? 76  PHE B CB  1 
ATOM   280  C CG  . PHE A 1 50  ? -1.592  -7.445  5.746   1.00 51.78  ? 76  PHE B CG  1 
ATOM   281  C CD1 . PHE A 1 50  ? -2.408  -8.330  5.055   1.00 53.49  ? 76  PHE B CD1 1 
ATOM   282  C CD2 . PHE A 1 50  ? -0.345  -7.879  6.183   1.00 55.10  ? 76  PHE B CD2 1 
ATOM   283  C CE1 . PHE A 1 50  ? -1.992  -9.626  4.806   1.00 54.36  ? 76  PHE B CE1 1 
ATOM   284  C CE2 . PHE A 1 50  ? 0.081   -9.176  5.941   1.00 45.53  ? 76  PHE B CE2 1 
ATOM   285  C CZ  . PHE A 1 50  ? -0.744  -10.051 5.252   1.00 50.36  ? 76  PHE B CZ  1 
ATOM   286  N N   . ARG A 1 51  ? -2.072  -4.500  8.718   1.00 31.94  ? 77  ARG B N   1 
ATOM   287  C CA  . ARG A 1 51  ? -1.888  -3.252  9.427   1.00 33.33  ? 77  ARG B CA  1 
ATOM   288  C C   . ARG A 1 51  ? -0.409  -2.860  9.457   1.00 37.16  ? 77  ARG B C   1 
ATOM   289  O O   . ARG A 1 51  ? 0.445   -3.645  9.869   1.00 41.51  ? 77  ARG B O   1 
ATOM   290  C CB  . ARG A 1 51  ? -2.431  -3.394  10.849  1.00 38.41  ? 77  ARG B CB  1 
ATOM   291  C CG  . ARG A 1 51  ? -2.434  -2.108  11.645  1.00 43.62  ? 77  ARG B CG  1 
ATOM   292  C CD  . ARG A 1 51  ? -1.856  -2.348  13.023  1.00 49.61  ? 77  ARG B CD  1 
ATOM   293  N NE  . ARG A 1 51  ? -2.816  -2.073  14.086  1.00 57.70  ? 77  ARG B NE  1 
ATOM   294  C CZ  . ARG A 1 51  ? -3.081  -2.918  15.078  1.00 64.62  ? 77  ARG B CZ  1 
ATOM   295  N NH1 . ARG A 1 51  ? -2.455  -4.094  15.132  1.00 51.68  ? 77  ARG B NH1 1 
ATOM   296  N NH2 . ARG A 1 51  ? -3.964  -2.583  16.013  1.00 62.87  ? 77  ARG B NH2 1 
ATOM   297  N N   . LYS A 1 52  ? -0.111  -1.640  9.017   1.00 42.50  ? 78  LYS B N   1 
ATOM   298  C CA  . LYS A 1 52  ? 1.259   -1.119  8.988   1.00 43.74  ? 78  LYS B CA  1 
ATOM   299  C C   . LYS A 1 52  ? 1.332   0.111   9.907   1.00 45.74  ? 78  LYS B C   1 
ATOM   300  O O   . LYS A 1 52  ? 0.868   1.195   9.551   1.00 38.56  ? 78  LYS B O   1 
ATOM   301  C CB  . LYS A 1 52  ? 1.630   -0.770  7.538   1.00 40.18  ? 78  LYS B CB  1 
ATOM   302  C CG  . LYS A 1 52  ? 2.714   0.262   7.347   1.00 41.09  ? 78  LYS B CG  1 
ATOM   303  C CD  . LYS A 1 52  ? 4.079   -0.213  7.769   1.00 41.12  ? 78  LYS B CD  1 
ATOM   304  C CE  . LYS A 1 52  ? 5.117   0.824   7.371   1.00 45.47  ? 78  LYS B CE  1 
ATOM   305  N NZ  . LYS A 1 52  ? 4.719   2.221   7.764   1.00 38.40  ? 78  LYS B NZ  1 
ATOM   306  N N   . ARG A 1 53  ? 1.894   -0.090  11.100  1.00 53.58  ? 79  ARG B N   1 
ATOM   307  C CA  . ARG A 1 53  ? 2.030   0.959   12.114  1.00 50.77  ? 79  ARG B CA  1 
ATOM   308  C C   . ARG A 1 53  ? 3.424   1.545   12.199  1.00 51.20  ? 79  ARG B C   1 
ATOM   309  O O   . ARG A 1 53  ? 4.418   0.825   12.225  1.00 53.20  ? 79  ARG B O   1 
ATOM   310  C CB  . ARG A 1 53  ? 1.651   0.426   13.502  1.00 46.80  ? 79  ARG B CB  1 
ATOM   311  C CG  . ARG A 1 53  ? 0.172   0.170   13.715  1.00 53.06  ? 79  ARG B CG  1 
ATOM   312  C CD  . ARG A 1 53  ? -0.190  0.200   15.202  1.00 57.69  ? 79  ARG B CD  1 
ATOM   313  N NE  . ARG A 1 53  ? -0.356  -1.127  15.792  1.00 59.88  ? 79  ARG B NE  1 
ATOM   314  C CZ  . ARG A 1 53  ? 0.623   -2.013  15.963  1.00 64.90  ? 79  ARG B CZ  1 
ATOM   315  N NH1 . ARG A 1 53  ? 1.861   -1.723  15.587  1.00 67.42  ? 79  ARG B NH1 1 
ATOM   316  N NH2 . ARG A 1 53  ? 0.360   -3.193  16.508  1.00 59.32  ? 79  ARG B NH2 1 
ATOM   317  N N   . GLY A 1 54  ? 3.484   2.867   12.267  1.00 58.99  ? 80  GLY B N   1 
ATOM   318  C CA  . GLY A 1 54  ? 4.762   3.546   12.362  1.00 66.47  ? 80  GLY B CA  1 
ATOM   319  C C   . GLY A 1 54  ? 5.783   3.101   11.335  1.00 69.86  ? 80  GLY B C   1 
ATOM   320  O O   . GLY A 1 54  ? 5.509   3.102   10.131  1.00 64.40  ? 80  GLY B O   1 
ATOM   321  N N   . SER A 1 55  ? 6.969   2.728   11.812  1.00 74.71  ? 81  SER B N   1 
ATOM   322  C CA  . SER A 1 55  ? 8.033   2.286   10.922  1.00 82.12  ? 81  SER B CA  1 
ATOM   323  C C   . SER A 1 55  ? 8.218   0.770   10.971  1.00 85.31  ? 81  SER B C   1 
ATOM   324  O O   . SER A 1 55  ? 9.141   0.240   10.354  1.00 84.12  ? 81  SER B O   1 
ATOM   325  C CB  . SER A 1 55  ? 9.352   2.990   11.273  1.00 75.78  ? 81  SER B CB  1 
ATOM   326  O OG  . SER A 1 55  ? 9.339   4.345   10.858  1.00 60.88  ? 81  SER B OG  1 
ATOM   327  N N   . GLN A 1 56  ? 7.342   0.076   11.697  1.00 87.39  ? 82  GLN B N   1 
ATOM   328  C CA  . GLN A 1 56  ? 7.421   -1.381  11.798  1.00 85.40  ? 82  GLN B CA  1 
ATOM   329  C C   . GLN A 1 56  ? 7.392   -2.002  10.403  1.00 79.41  ? 82  GLN B C   1 
ATOM   330  O O   . GLN A 1 56  ? 8.370   -1.955  9.662   1.00 83.47  ? 82  GLN B O   1 
ATOM   331  C CB  . GLN A 1 56  ? 6.247   -1.926  12.629  1.00 89.68  ? 82  GLN B CB  1 
ATOM   332  C CG  . GLN A 1 56  ? 6.281   -1.522  14.107  1.00 100.25 ? 82  GLN B CG  1 
ATOM   333  C CD  . GLN A 1 56  ? 4.906   -1.558  14.783  1.00 103.41 ? 82  GLN B CD  1 
ATOM   334  O OE1 . GLN A 1 56  ? 4.159   -2.535  14.665  1.00 106.56 ? 82  GLN B OE1 1 
ATOM   335  N NE2 . GLN A 1 56  ? 4.583   -0.496  15.515  1.00 98.80  ? 82  GLN B NE2 1 
ATOM   336  N N   . GLN A 1 57  ? 6.251   -2.563  10.045  1.00 70.50  ? 83  GLN B N   1 
ATOM   337  C CA  . GLN A 1 57  ? 6.098   -3.212  8.758   1.00 59.14  ? 83  GLN B CA  1 
ATOM   338  C C   . GLN A 1 57  ? 4.694   -3.773  8.837   1.00 59.97  ? 83  GLN B C   1 
ATOM   339  O O   . GLN A 1 57  ? 4.129   -3.893  9.927   1.00 65.95  ? 83  GLN B O   1 
ATOM   340  C CB  . GLN A 1 57  ? 7.098   -4.352  8.633   1.00 47.73  ? 83  GLN B CB  1 
ATOM   341  C CG  . GLN A 1 57  ? 7.991   -4.300  7.420   1.00 57.32  ? 83  GLN B CG  1 
ATOM   342  C CD  . GLN A 1 57  ? 8.982   -5.468  7.390   1.00 64.12  ? 83  GLN B CD  1 
ATOM   343  O OE1 . GLN A 1 57  ? 9.910   -5.532  8.202   1.00 56.49  ? 83  GLN B OE1 1 
ATOM   344  N NE2 . GLN A 1 57  ? 8.781   -6.397  6.453   1.00 59.03  ? 83  GLN B NE2 1 
ATOM   345  N N   . PRO A 1 58  ? 4.103   -4.124  7.691   1.00 48.90  ? 84  PRO B N   1 
ATOM   346  C CA  . PRO A 1 58  ? 2.743   -4.661  7.756   1.00 40.80  ? 84  PRO B CA  1 
ATOM   347  C C   . PRO A 1 58  ? 2.659   -5.917  8.609   1.00 35.46  ? 84  PRO B C   1 
ATOM   348  O O   . PRO A 1 58  ? 3.621   -6.660  8.721   1.00 36.91  ? 84  PRO B O   1 
ATOM   349  C CB  . PRO A 1 58  ? 2.409   -4.910  6.290   1.00 37.67  ? 84  PRO B CB  1 
ATOM   350  C CG  . PRO A 1 58  ? 3.165   -3.809  5.606   1.00 40.24  ? 84  PRO B CG  1 
ATOM   351  C CD  . PRO A 1 58  ? 4.507   -3.879  6.300   1.00 41.90  ? 84  PRO B CD  1 
ATOM   352  N N   . GLN A 1 59  ? 1.510   -6.133  9.233   1.00 41.06  ? 85  GLN B N   1 
ATOM   353  C CA  . GLN A 1 59  ? 1.303   -7.307  10.071  1.00 46.38  ? 85  GLN B CA  1 
ATOM   354  C C   . GLN A 1 59  ? -0.099  -7.816  9.788   1.00 48.94  ? 85  GLN B C   1 
ATOM   355  O O   . GLN A 1 59  ? -1.048  -7.027  9.733   1.00 48.42  ? 85  GLN B O   1 
ATOM   356  C CB  . GLN A 1 59  ? 1.375   -6.949  11.558  1.00 48.43  ? 85  GLN B CB  1 
ATOM   357  C CG  . GLN A 1 59  ? 2.654   -6.288  12.036  1.00 65.05  ? 85  GLN B CG  1 
ATOM   358  C CD  . GLN A 1 59  ? 3.810   -7.250  12.141  1.00 70.15  ? 85  GLN B CD  1 
ATOM   359  O OE1 . GLN A 1 59  ? 3.680   -8.324  12.732  1.00 80.02  ? 85  GLN B OE1 1 
ATOM   360  N NE2 . GLN A 1 59  ? 4.958   -6.869  11.579  1.00 68.76  ? 85  GLN B NE2 1 
ATOM   361  N N   . GLU A 1 60  ? -0.241  -9.121  9.594   1.00 49.34  ? 86  GLU B N   1 
ATOM   362  C CA  . GLU A 1 60  ? -1.567  -9.662  9.367   1.00 49.54  ? 86  GLU B CA  1 
ATOM   363  C C   . GLU A 1 60  ? -2.299  -9.240  10.629  1.00 53.45  ? 86  GLU B C   1 
ATOM   364  O O   . GLU A 1 60  ? -1.754  -9.367  11.721  1.00 45.05  ? 86  GLU B O   1 
ATOM   365  C CB  . GLU A 1 60  ? -1.517  -11.177 9.271   1.00 46.65  ? 86  GLU B CB  1 
ATOM   366  C CG  . GLU A 1 60  ? -2.705  -11.778 8.567   1.00 62.92  ? 86  GLU B CG  1 
ATOM   367  C CD  . GLU A 1 60  ? -2.571  -13.274 8.413   1.00 71.91  ? 86  GLU B CD  1 
ATOM   368  O OE1 . GLU A 1 60  ? -1.502  -13.715 7.938   1.00 77.21  ? 86  GLU B OE1 1 
ATOM   369  O OE2 . GLU A 1 60  ? -3.526  -14.005 8.761   1.00 71.10  ? 86  GLU B OE2 1 
ATOM   370  N N   . LEU A 1 61  ? -3.514  -8.716  10.486  1.00 67.02  ? 87  LEU B N   1 
ATOM   371  C CA  . LEU A 1 61  ? -4.277  -8.256  11.644  1.00 67.57  ? 87  LEU B CA  1 
ATOM   372  C C   . LEU A 1 61  ? -4.557  -9.308  12.707  1.00 75.25  ? 87  LEU B C   1 
ATOM   373  O O   . LEU A 1 61  ? -4.884  -10.455 12.397  1.00 70.14  ? 87  LEU B O   1 
ATOM   374  C CB  . LEU A 1 61  ? -5.590  -7.630  11.194  1.00 61.50  ? 87  LEU B CB  1 
ATOM   375  C CG  . LEU A 1 61  ? -5.558  -6.109  11.144  1.00 56.74  ? 87  LEU B CG  1 
ATOM   376  C CD1 . LEU A 1 61  ? -6.966  -5.584  10.943  1.00 66.15  ? 87  LEU B CD1 1 
ATOM   377  C CD2 . LEU A 1 61  ? -4.998  -5.578  12.446  1.00 59.02  ? 87  LEU B CD2 1 
ATOM   378  N N   . VAL A 1 62  ? -4.440  -8.885  13.965  1.00 83.73  ? 88  VAL B N   1 
ATOM   379  C CA  . VAL A 1 62  ? -4.651  -9.749  15.128  1.00 91.54  ? 88  VAL B CA  1 
ATOM   380  C C   . VAL A 1 62  ? -6.101  -9.765  15.645  1.00 95.62  ? 88  VAL B C   1 
ATOM   381  O O   . VAL A 1 62  ? -6.845  -8.794  15.473  1.00 97.30  ? 88  VAL B O   1 
ATOM   382  C CB  . VAL A 1 62  ? -3.718  -9.323  16.289  1.00 91.47  ? 88  VAL B CB  1 
ATOM   383  C CG1 . VAL A 1 62  ? -2.273  -9.289  15.804  1.00 88.02  ? 88  VAL B CG1 1 
ATOM   384  C CG2 . VAL A 1 62  ? -4.129  -7.950  16.818  1.00 89.57  ? 88  VAL B CG2 1 
ATOM   385  N N   . SER A 1 63  ? -6.487  -10.870 16.283  1.00 95.75  ? 89  SER B N   1 
ATOM   386  C CA  . SER A 1 63  ? -7.832  -11.027 16.834  1.00 98.71  ? 89  SER B CA  1 
ATOM   387  C C   . SER A 1 63  ? -8.217  -9.878  17.766  1.00 103.15 ? 89  SER B C   1 
ATOM   388  O O   . SER A 1 63  ? -9.401  -9.589  17.956  1.00 100.87 ? 89  SER B O   1 
ATOM   389  C CB  . SER A 1 63  ? -7.932  -12.347 17.598  1.00 97.66  ? 89  SER B CB  1 
ATOM   390  O OG  . SER A 1 63  ? -9.148  -12.421 18.323  1.00 104.07 ? 89  SER B OG  1 
ATOM   391  N N   . GLU A 1 64  ? -7.209  -9.233  18.347  1.00 110.13 ? 90  GLU B N   1 
ATOM   392  C CA  . GLU A 1 64  ? -7.410  -8.113  19.265  1.00 114.95 ? 90  GLU B CA  1 
ATOM   393  C C   . GLU A 1 64  ? -8.365  -8.404  20.413  1.00 116.51 ? 90  GLU B C   1 
ATOM   394  O O   . GLU A 1 64  ? -9.068  -7.503  20.886  1.00 117.82 ? 90  GLU B O   1 
ATOM   395  C CB  . GLU A 1 64  ? -7.903  -6.875  18.513  1.00 114.56 ? 90  GLU B CB  1 
ATOM   396  C CG  . GLU A 1 64  ? -6.815  -5.849  18.260  1.00 115.90 ? 90  GLU B CG  1 
ATOM   397  C CD  . GLU A 1 64  ? -5.976  -5.575  19.495  1.00 111.10 ? 90  GLU B CD  1 
ATOM   398  O OE1 . GLU A 1 64  ? -6.560  -5.343  20.576  1.00 108.06 ? 90  GLU B OE1 1 
ATOM   399  O OE2 . GLU A 1 64  ? -4.732  -5.592  19.378  1.00 106.70 ? 90  GLU B OE2 1 
ATOM   400  N N   . GLU A 1 65  ? -8.381  -9.657  20.861  1.00 112.75 ? 91  GLU B N   1 
ATOM   401  C CA  . GLU A 1 65  ? -9.245  -10.075 21.961  1.00 104.62 ? 91  GLU B CA  1 
ATOM   402  C C   . GLU A 1 65  ? -10.700 -9.976  21.534  1.00 98.75  ? 91  GLU B C   1 
ATOM   403  O O   . GLU A 1 65  ? -11.604 -10.239 22.328  1.00 100.71 ? 91  GLU B O   1 
ATOM   404  C CB  . GLU A 1 65  ? -9.033  -9.175  23.180  1.00 106.97 ? 91  GLU B CB  1 
ATOM   405  C CG  . GLU A 1 65  ? -7.600  -9.054  23.655  1.00 107.14 ? 91  GLU B CG  1 
ATOM   406  C CD  . GLU A 1 65  ? -7.424  -7.918  24.646  1.00 106.28 ? 91  GLU B CD  1 
ATOM   407  O OE1 . GLU A 1 65  ? -7.673  -6.752  24.261  1.00 108.89 ? 91  GLU B OE1 1 
ATOM   408  O OE2 . GLU A 1 65  ? -7.046  -8.189  25.805  1.00 100.28 ? 91  GLU B OE2 1 
ATOM   409  N N   . GLY A 1 66  ? -10.922 -9.590  20.284  1.00 86.74  ? 92  GLY B N   1 
ATOM   410  C CA  . GLY A 1 66  ? -12.278 -9.444  19.799  1.00 74.45  ? 92  GLY B CA  1 
ATOM   411  C C   . GLY A 1 66  ? -12.669 -7.983  19.705  1.00 65.21  ? 92  GLY B C   1 
ATOM   412  O O   . GLY A 1 66  ? -13.850 -7.656  19.580  1.00 60.93  ? 92  GLY B O   1 
ATOM   413  N N   . ARG A 1 67  ? -11.675 -7.098  19.786  1.00 61.54  ? 93  ARG B N   1 
ATOM   414  C CA  . ARG A 1 67  ? -11.923 -5.663  19.671  1.00 53.72  ? 93  ARG B CA  1 
ATOM   415  C C   . ARG A 1 67  ? -11.994 -5.374  18.183  1.00 52.27  ? 93  ARG B C   1 
ATOM   416  O O   . ARG A 1 67  ? -12.886 -4.668  17.714  1.00 47.13  ? 93  ARG B O   1 
ATOM   417  C CB  . ARG A 1 67  ? -10.794 -4.856  20.297  1.00 41.68  ? 93  ARG B CB  1 
ATOM   418  C CG  . ARG A 1 67  ? -11.079 -3.370  20.337  1.00 41.57  ? 93  ARG B CG  1 
ATOM   419  C CD  . ARG A 1 67  ? -10.065 -2.645  21.200  1.00 46.25  ? 93  ARG B CD  1 
ATOM   420  N NE  . ARG A 1 67  ? -8.706  -2.813  20.700  1.00 49.86  ? 93  ARG B NE  1 
ATOM   421  C CZ  . ARG A 1 67  ? -7.970  -1.827  20.199  1.00 59.98  ? 93  ARG B CZ  1 
ATOM   422  N NH1 . ARG A 1 67  ? -8.464  -0.596  20.135  1.00 70.95  ? 93  ARG B NH1 1 
ATOM   423  N NH2 . ARG A 1 67  ? -6.741  -2.073  19.761  1.00 63.35  ? 93  ARG B NH2 1 
ATOM   424  N N   . ILE A 1 68  ? -11.039 -5.938  17.449  1.00 50.63  ? 94  ILE B N   1 
ATOM   425  C CA  . ILE A 1 68  ? -11.007 -5.787  16.004  1.00 49.85  ? 94  ILE B CA  1 
ATOM   426  C C   . ILE A 1 68  ? -11.719 -6.992  15.402  1.00 48.20  ? 94  ILE B C   1 
ATOM   427  O O   . ILE A 1 68  ? -11.304 -8.141  15.598  1.00 47.76  ? 94  ILE B O   1 
ATOM   428  C CB  . ILE A 1 68  ? -9.564  -5.712  15.471  1.00 46.02  ? 94  ILE B CB  1 
ATOM   429  C CG1 . ILE A 1 68  ? -8.896  -4.442  16.012  1.00 34.57  ? 94  ILE B CG1 1 
ATOM   430  C CG2 . ILE A 1 68  ? -9.572  -5.733  13.939  1.00 36.38  ? 94  ILE B CG2 1 
ATOM   431  C CD1 . ILE A 1 68  ? -7.544  -4.144  15.419  1.00 31.82  ? 94  ILE B CD1 1 
ATOM   432  N N   . VAL A 1 69  ? -12.797 -6.724  14.674  1.00 38.28  ? 95  VAL B N   1 
ATOM   433  C CA  . VAL A 1 69  ? -13.578 -7.791  14.077  1.00 31.04  ? 95  VAL B CA  1 
ATOM   434  C C   . VAL A 1 69  ? -13.566 -7.728  12.569  1.00 26.76  ? 95  VAL B C   1 
ATOM   435  O O   . VAL A 1 69  ? -13.616 -6.647  11.988  1.00 35.46  ? 95  VAL B O   1 
ATOM   436  C CB  . VAL A 1 69  ? -15.038 -7.734  14.565  1.00 32.34  ? 95  VAL B CB  1 
ATOM   437  C CG1 . VAL A 1 69  ? -15.803 -8.945  14.064  1.00 27.86  ? 95  VAL B CG1 1 
ATOM   438  C CG2 . VAL A 1 69  ? -15.072 -7.674  16.083  1.00 35.93  ? 95  VAL B CG2 1 
ATOM   439  N N   . GLN A 1 70  ? -13.514 -8.897  11.941  1.00 18.53  ? 96  GLN B N   1 
ATOM   440  C CA  . GLN A 1 70  ? -13.501 -8.990  10.489  1.00 18.06  ? 96  GLN B CA  1 
ATOM   441  C C   . GLN A 1 70  ? -14.734 -9.711  9.962   1.00 27.11  ? 96  GLN B C   1 
ATOM   442  O O   . GLN A 1 70  ? -14.841 -10.931 10.060  1.00 34.63  ? 96  GLN B O   1 
ATOM   443  C CB  . GLN A 1 70  ? -12.260 -9.739  10.019  1.00 2.85   ? 96  GLN B CB  1 
ATOM   444  C CG  . GLN A 1 70  ? -10.977 -9.097  10.444  1.00 25.81  ? 96  GLN B CG  1 
ATOM   445  C CD  . GLN A 1 70  ? -9.756  -9.831  9.932   1.00 33.19  ? 96  GLN B CD  1 
ATOM   446  O OE1 . GLN A 1 70  ? -9.826  -10.571 8.945   1.00 32.52  ? 96  GLN B OE1 1 
ATOM   447  N NE2 . GLN A 1 70  ? -8.617  -9.611  10.591  1.00 38.51  ? 96  GLN B NE2 1 
ATOM   448  N N   . THR A 1 71  ? -15.675 -8.960  9.408   1.00 34.97  ? 97  THR B N   1 
ATOM   449  C CA  . THR A 1 71  ? -16.867 -9.576  8.856   1.00 30.91  ? 97  THR B CA  1 
ATOM   450  C C   . THR A 1 71  ? -16.770 -9.537  7.344   1.00 28.63  ? 97  THR B C   1 
ATOM   451  O O   . THR A 1 71  ? -15.861 -8.927  6.782   1.00 30.63  ? 97  THR B O   1 
ATOM   452  C CB  . THR A 1 71  ? -18.157 -8.864  9.321   1.00 26.59  ? 97  THR B CB  1 
ATOM   453  O OG1 . THR A 1 71  ? -18.062 -7.461  9.055   1.00 37.95  ? 97  THR B OG1 1 
ATOM   454  C CG2 . THR A 1 71  ? -18.364 -9.079  10.808  1.00 29.54  ? 97  THR B CG2 1 
ATOM   455  N N   . GLN A 1 72  ? -17.707 -10.204 6.690   1.00 35.40  ? 98  GLN B N   1 
ATOM   456  C CA  . GLN A 1 72  ? -17.737 -10.256 5.242   1.00 36.58  ? 98  GLN B CA  1 
ATOM   457  C C   . GLN A 1 72  ? -19.160 -10.512 4.760   1.00 38.14  ? 98  GLN B C   1 
ATOM   458  O O   . GLN A 1 72  ? -19.932 -11.207 5.416   1.00 39.07  ? 98  GLN B O   1 
ATOM   459  C CB  . GLN A 1 72  ? -16.822 -11.365 4.747   1.00 26.87  ? 98  GLN B CB  1 
ATOM   460  C CG  . GLN A 1 72  ? -17.108 -11.765 3.321   1.00 49.76  ? 98  GLN B CG  1 
ATOM   461  C CD  . GLN A 1 72  ? -16.557 -13.126 2.998   1.00 56.53  ? 98  GLN B CD  1 
ATOM   462  O OE1 . GLN A 1 72  ? -16.645 -14.040 3.816   1.00 66.90  ? 98  GLN B OE1 1 
ATOM   463  N NE2 . GLN A 1 72  ? -15.996 -13.281 1.801   1.00 50.48  ? 98  GLN B NE2 1 
ATOM   464  N N   . ASN A 1 73  ? -19.499 -9.940  3.611   1.00 37.62  ? 99  ASN B N   1 
ATOM   465  C CA  . ASN A 1 73  ? -20.817 -10.110 3.030   1.00 34.25  ? 99  ASN B CA  1 
ATOM   466  C C   . ASN A 1 73  ? -20.696 -10.089 1.534   1.00 36.74  ? 99  ASN B C   1 
ATOM   467  O O   . ASN A 1 73  ? -20.614 -9.021  0.932   1.00 40.17  ? 99  ASN B O   1 
ATOM   468  C CB  . ASN A 1 73  ? -21.741 -8.998  3.492   1.00 39.71  ? 99  ASN B CB  1 
ATOM   469  C CG  . ASN A 1 73  ? -22.276 -9.246  4.872   1.00 54.16  ? 99  ASN B CG  1 
ATOM   470  O OD1 . ASN A 1 73  ? -23.308 -9.899  5.033   1.00 60.42  ? 99  ASN B OD1 1 
ATOM   471  N ND2 . ASN A 1 73  ? -21.563 -8.758  5.889   1.00 51.64  ? 99  ASN B ND2 1 
ATOM   472  N N   . GLY A 1 74  ? -20.680 -11.279 0.943   1.00 35.71  ? 100 GLY B N   1 
ATOM   473  C CA  . GLY A 1 74  ? -20.555 -11.400 -0.496  1.00 36.98  ? 100 GLY B CA  1 
ATOM   474  C C   . GLY A 1 74  ? -19.132 -11.090 -0.899  1.00 43.91  ? 100 GLY B C   1 
ATOM   475  O O   . GLY A 1 74  ? -18.232 -11.889 -0.650  1.00 52.29  ? 100 GLY B O   1 
ATOM   476  N N   . SER A 1 75  ? -18.931 -9.921  -1.506  1.00 41.04  ? 101 SER B N   1 
ATOM   477  C CA  . SER A 1 75  ? -17.613 -9.476  -1.948  1.00 31.98  ? 101 SER B CA  1 
ATOM   478  C C   . SER A 1 75  ? -17.153 -8.264  -1.142  1.00 31.25  ? 101 SER B C   1 
ATOM   479  O O   . SER A 1 75  ? -16.077 -7.706  -1.381  1.00 31.12  ? 101 SER B O   1 
ATOM   480  C CB  . SER A 1 75  ? -17.654 -9.123  -3.431  1.00 33.83  ? 101 SER B CB  1 
ATOM   481  O OG  . SER A 1 75  ? -17.978 -10.251 -4.218  1.00 40.42  ? 101 SER B OG  1 
ATOM   482  N N   . VAL A 1 76  ? -17.974 -7.871  -0.175  1.00 32.67  ? 102 VAL B N   1 
ATOM   483  C CA  . VAL A 1 76  ? -17.677 -6.728  0.676   1.00 33.20  ? 102 VAL B CA  1 
ATOM   484  C C   . VAL A 1 76  ? -17.124 -7.186  2.028   1.00 34.40  ? 102 VAL B C   1 
ATOM   485  O O   . VAL A 1 76  ? -17.865 -7.608  2.923   1.00 33.15  ? 102 VAL B O   1 
ATOM   486  C CB  . VAL A 1 76  ? -18.948 -5.880  0.888   1.00 24.90  ? 102 VAL B CB  1 
ATOM   487  C CG1 . VAL A 1 76  ? -18.613 -4.582  1.597   1.00 17.67  ? 102 VAL B CG1 1 
ATOM   488  C CG2 . VAL A 1 76  ? -19.600 -5.606  -0.446  1.00 26.25  ? 102 VAL B CG2 1 
ATOM   489  N N   . TYR A 1 77  ? -15.809 -7.104  2.166   1.00 25.57  ? 103 TYR B N   1 
ATOM   490  C CA  . TYR A 1 77  ? -15.158 -7.505  3.399   1.00 28.97  ? 103 TYR B CA  1 
ATOM   491  C C   . TYR A 1 77  ? -15.058 -6.285  4.291   1.00 28.48  ? 103 TYR B C   1 
ATOM   492  O O   . TYR A 1 77  ? -14.726 -5.200  3.816   1.00 28.91  ? 103 TYR B O   1 
ATOM   493  C CB  . TYR A 1 77  ? -13.764 -8.044  3.095   1.00 31.53  ? 103 TYR B CB  1 
ATOM   494  C CG  . TYR A 1 77  ? -13.768 -9.131  2.048   1.00 27.34  ? 103 TYR B CG  1 
ATOM   495  C CD1 . TYR A 1 77  ? -14.055 -8.844  0.716   1.00 29.01  ? 103 TYR B CD1 1 
ATOM   496  C CD2 . TYR A 1 77  ? -13.524 -10.453 2.396   1.00 23.59  ? 103 TYR B CD2 1 
ATOM   497  C CE1 . TYR A 1 77  ? -14.104 -9.847  -0.245  1.00 34.60  ? 103 TYR B CE1 1 
ATOM   498  C CE2 . TYR A 1 77  ? -13.569 -11.467 1.446   1.00 37.98  ? 103 TYR B CE2 1 
ATOM   499  C CZ  . TYR A 1 77  ? -13.865 -11.163 0.128   1.00 39.33  ? 103 TYR B CZ  1 
ATOM   500  O OH  . TYR A 1 77  ? -13.970 -12.181 -0.798  1.00 41.66  ? 103 TYR B OH  1 
ATOM   501  N N   . THR A 1 78  ? -15.327 -6.454  5.581   1.00 23.03  ? 104 THR B N   1 
ATOM   502  C CA  . THR A 1 78  ? -15.280 -5.319  6.488   1.00 24.36  ? 104 THR B CA  1 
ATOM   503  C C   . THR A 1 78  ? -14.374 -5.487  7.701   1.00 31.20  ? 104 THR B C   1 
ATOM   504  O O   . THR A 1 78  ? -14.201 -6.596  8.216   1.00 36.92  ? 104 THR B O   1 
ATOM   505  C CB  . THR A 1 78  ? -16.698 -4.970  6.978   1.00 21.81  ? 104 THR B CB  1 
ATOM   506  O OG1 . THR A 1 78  ? -17.540 -4.719  5.842   1.00 27.39  ? 104 THR B OG1 1 
ATOM   507  C CG2 . THR A 1 78  ? -16.676 -3.737  7.872   1.00 13.93  ? 104 THR B CG2 1 
ATOM   508  N N   . LEU A 1 79  ? -13.781 -4.374  8.134   1.00 28.33  ? 105 LEU B N   1 
ATOM   509  C CA  . LEU A 1 79  ? -12.919 -4.347  9.314   1.00 24.73  ? 105 LEU B CA  1 
ATOM   510  C C   . LEU A 1 79  ? -13.566 -3.378  10.297  1.00 29.64  ? 105 LEU B C   1 
ATOM   511  O O   . LEU A 1 79  ? -14.004 -2.295  9.907   1.00 26.81  ? 105 LEU B O   1 
ATOM   512  C CB  . LEU A 1 79  ? -11.517 -3.848  8.974   1.00 20.83  ? 105 LEU B CB  1 
ATOM   513  C CG  . LEU A 1 79  ? -10.562 -3.870  10.176  1.00 25.10  ? 105 LEU B CG  1 
ATOM   514  C CD1 . LEU A 1 79  ? -10.333 -5.310  10.599  1.00 29.01  ? 105 LEU B CD1 1 
ATOM   515  C CD2 . LEU A 1 79  ? -9.236  -3.216  9.830   1.00 25.44  ? 105 LEU B CD2 1 
ATOM   516  N N   . THR A 1 80  ? -13.631 -3.762  11.566  1.00 32.85  ? 106 THR B N   1 
ATOM   517  C CA  . THR A 1 80  ? -14.256 -2.906  12.561  1.00 35.79  ? 106 THR B CA  1 
ATOM   518  C C   . THR A 1 80  ? -13.481 -2.771  13.859  1.00 40.48  ? 106 THR B C   1 
ATOM   519  O O   . THR A 1 80  ? -13.419 -3.705  14.655  1.00 51.20  ? 106 THR B O   1 
ATOM   520  C CB  . THR A 1 80  ? -15.661 -3.413  12.914  1.00 36.69  ? 106 THR B CB  1 
ATOM   521  O OG1 . THR A 1 80  ? -16.471 -3.449  11.729  1.00 42.77  ? 106 THR B OG1 1 
ATOM   522  C CG2 . THR A 1 80  ? -16.305 -2.504  13.958  1.00 29.60  ? 106 THR B CG2 1 
ATOM   523  N N   . ILE A 1 81  ? -12.887 -1.605  14.071  1.00 41.01  ? 107 ILE B N   1 
ATOM   524  C CA  . ILE A 1 81  ? -12.158 -1.355  15.303  1.00 45.04  ? 107 ILE B CA  1 
ATOM   525  C C   . ILE A 1 81  ? -13.196 -0.826  16.280  1.00 42.89  ? 107 ILE B C   1 
ATOM   526  O O   . ILE A 1 81  ? -13.961 0.071   15.942  1.00 51.98  ? 107 ILE B O   1 
ATOM   527  C CB  . ILE A 1 81  ? -11.055 -0.261  15.141  1.00 48.90  ? 107 ILE B CB  1 
ATOM   528  C CG1 . ILE A 1 81  ? -9.910  -0.760  14.254  1.00 35.92  ? 107 ILE B CG1 1 
ATOM   529  C CG2 . ILE A 1 81  ? -10.517 0.139   16.513  1.00 54.10  ? 107 ILE B CG2 1 
ATOM   530  C CD1 . ILE A 1 81  ? -10.233 -0.778  12.788  1.00 40.69  ? 107 ILE B CD1 1 
ATOM   531  N N   . GLN A 1 82  ? -13.236 -1.383  17.480  1.00 39.67  ? 108 GLN B N   1 
ATOM   532  C CA  . GLN A 1 82  ? -14.182 -0.921  18.487  1.00 44.39  ? 108 GLN B CA  1 
ATOM   533  C C   . GLN A 1 82  ? -13.338 -0.298  19.588  1.00 43.85  ? 108 GLN B C   1 
ATOM   534  O O   . GLN A 1 82  ? -12.213 -0.740  19.827  1.00 43.60  ? 108 GLN B O   1 
ATOM   535  C CB  . GLN A 1 82  ? -14.986 -2.098  19.030  1.00 45.64  ? 108 GLN B CB  1 
ATOM   536  C CG  . GLN A 1 82  ? -15.471 -3.035  17.948  1.00 42.92  ? 108 GLN B CG  1 
ATOM   537  C CD  . GLN A 1 82  ? -16.231 -4.214  18.506  1.00 47.12  ? 108 GLN B CD  1 
ATOM   538  O OE1 . GLN A 1 82  ? -17.384 -4.086  18.926  1.00 45.28  ? 108 GLN B OE1 1 
ATOM   539  N NE2 . GLN A 1 82  ? -15.585 -5.378  18.524  1.00 49.05  ? 108 GLN B NE2 1 
ATOM   540  N N   . ASN A 1 83  ? -13.865 0.724   20.257  1.00 42.27  ? 109 ASN B N   1 
ATOM   541  C CA  . ASN A 1 83  ? -13.097 1.384   21.304  1.00 42.17  ? 109 ASN B CA  1 
ATOM   542  C C   . ASN A 1 83  ? -11.679 1.595   20.763  1.00 42.90  ? 109 ASN B C   1 
ATOM   543  O O   . ASN A 1 83  ? -10.749 0.858   21.097  1.00 37.21  ? 109 ASN B O   1 
ATOM   544  C CB  . ASN A 1 83  ? -13.065 0.512   22.563  1.00 46.42  ? 109 ASN B CB  1 
ATOM   545  C CG  . ASN A 1 83  ? -12.319 1.166   23.714  1.00 52.55  ? 109 ASN B CG  1 
ATOM   546  O OD1 . ASN A 1 83  ? -12.491 2.353   23.985  1.00 62.12  ? 109 ASN B OD1 1 
ATOM   547  N ND2 . ASN A 1 83  ? -11.497 0.386   24.409  1.00 52.98  ? 109 ASN B ND2 1 
ATOM   548  N N   . ILE A 1 84  ? -11.537 2.602   19.907  1.00 42.71  ? 110 ILE B N   1 
ATOM   549  C CA  . ILE A 1 84  ? -10.259 2.933   19.284  1.00 43.12  ? 110 ILE B CA  1 
ATOM   550  C C   . ILE A 1 84  ? -9.248  3.487   20.281  1.00 44.36  ? 110 ILE B C   1 
ATOM   551  O O   . ILE A 1 84  ? -9.514  4.479   20.963  1.00 45.47  ? 110 ILE B O   1 
ATOM   552  C CB  . ILE A 1 84  ? -10.448 3.981   18.155  1.00 42.99  ? 110 ILE B CB  1 
ATOM   553  C CG1 . ILE A 1 84  ? -11.363 3.421   17.067  1.00 39.48  ? 110 ILE B CG1 1 
ATOM   554  C CG2 . ILE A 1 84  ? -9.099  4.362   17.552  1.00 30.34  ? 110 ILE B CG2 1 
ATOM   555  C CD1 . ILE A 1 84  ? -11.621 4.397   15.943  1.00 44.95  ? 110 ILE B CD1 1 
ATOM   556  N N   . GLN A 1 85  ? -8.083  2.855   20.351  1.00 40.10  ? 111 GLN B N   1 
ATOM   557  C CA  . GLN A 1 85  ? -7.040  3.306   21.260  1.00 45.58  ? 111 GLN B CA  1 
ATOM   558  C C   . GLN A 1 85  ? -5.970  4.038   20.462  1.00 42.59  ? 111 GLN B C   1 
ATOM   559  O O   . GLN A 1 85  ? -5.799  3.773   19.276  1.00 45.01  ? 111 GLN B O   1 
ATOM   560  C CB  . GLN A 1 85  ? -6.444  2.105   22.006  1.00 47.49  ? 111 GLN B CB  1 
ATOM   561  C CG  . GLN A 1 85  ? -7.464  1.342   22.845  1.00 43.67  ? 111 GLN B CG  1 
ATOM   562  C CD  . GLN A 1 85  ? -8.163  2.222   23.880  1.00 50.34  ? 111 GLN B CD  1 
ATOM   563  O OE1 . GLN A 1 85  ? -8.673  3.297   23.563  1.00 58.04  ? 111 GLN B OE1 1 
ATOM   564  N NE2 . GLN A 1 85  ? -8.197  1.759   25.123  1.00 55.34  ? 111 GLN B NE2 1 
ATOM   565  N N   . TYR A 1 86  ? -5.255  4.959   21.100  1.00 43.29  ? 112 TYR B N   1 
ATOM   566  C CA  . TYR A 1 86  ? -4.209  5.713   20.405  1.00 50.94  ? 112 TYR B CA  1 
ATOM   567  C C   . TYR A 1 86  ? -3.205  4.823   19.669  1.00 45.54  ? 112 TYR B C   1 
ATOM   568  O O   . TYR A 1 86  ? -2.526  5.259   18.745  1.00 37.83  ? 112 TYR B O   1 
ATOM   569  C CB  . TYR A 1 86  ? -3.445  6.609   21.390  1.00 58.79  ? 112 TYR B CB  1 
ATOM   570  C CG  . TYR A 1 86  ? -4.142  7.905   21.747  1.00 66.78  ? 112 TYR B CG  1 
ATOM   571  C CD1 . TYR A 1 86  ? -5.346  7.904   22.447  1.00 73.53  ? 112 TYR B CD1 1 
ATOM   572  C CD2 . TYR A 1 86  ? -3.583  9.136   21.403  1.00 73.04  ? 112 TYR B CD2 1 
ATOM   573  C CE1 . TYR A 1 86  ? -5.973  9.094   22.802  1.00 74.49  ? 112 TYR B CE1 1 
ATOM   574  C CE2 . TYR A 1 86  ? -4.205  10.334  21.752  1.00 77.68  ? 112 TYR B CE2 1 
ATOM   575  C CZ  . TYR A 1 86  ? -5.398  10.302  22.454  1.00 76.21  ? 112 TYR B CZ  1 
ATOM   576  O OH  . TYR A 1 86  ? -6.011  11.476  22.826  1.00 83.56  ? 112 TYR B OH  1 
ATOM   577  N N   . GLU A 1 87  ? -3.120  3.570   20.093  1.00 48.11  ? 113 GLU B N   1 
ATOM   578  C CA  . GLU A 1 87  ? -2.195  2.609   19.511  1.00 47.45  ? 113 GLU B CA  1 
ATOM   579  C C   . GLU A 1 87  ? -2.596  2.086   18.133  1.00 40.37  ? 113 GLU B C   1 
ATOM   580  O O   . GLU A 1 87  ? -1.867  1.305   17.534  1.00 37.81  ? 113 GLU B O   1 
ATOM   581  C CB  . GLU A 1 87  ? -2.046  1.436   20.476  1.00 57.94  ? 113 GLU B CB  1 
ATOM   582  C CG  . GLU A 1 87  ? -3.397  0.913   20.946  1.00 81.49  ? 113 GLU B CG  1 
ATOM   583  C CD  . GLU A 1 87  ? -3.299  -0.193  21.980  1.00 93.85  ? 113 GLU B CD  1 
ATOM   584  O OE1 . GLU A 1 87  ? -2.825  -1.301  21.633  1.00 93.32  ? 113 GLU B OE1 1 
ATOM   585  O OE2 . GLU A 1 87  ? -3.702  0.051   23.140  1.00 99.76  ? 113 GLU B OE2 1 
ATOM   586  N N   . ASP A 1 88  ? -3.746  2.509   17.622  1.00 41.36  ? 114 ASP B N   1 
ATOM   587  C CA  . ASP A 1 88  ? -4.197  2.022   16.319  1.00 46.31  ? 114 ASP B CA  1 
ATOM   588  C C   . ASP A 1 88  ? -3.923  2.983   15.170  1.00 46.60  ? 114 ASP B C   1 
ATOM   589  O O   . ASP A 1 88  ? -4.391  2.773   14.051  1.00 46.52  ? 114 ASP B O   1 
ATOM   590  C CB  . ASP A 1 88  ? -5.689  1.691   16.365  1.00 44.54  ? 114 ASP B CB  1 
ATOM   591  C CG  . ASP A 1 88  ? -6.030  0.682   17.447  1.00 42.70  ? 114 ASP B CG  1 
ATOM   592  O OD1 . ASP A 1 88  ? -5.454  -0.429  17.428  1.00 47.32  ? 114 ASP B OD1 1 
ATOM   593  O OD2 . ASP A 1 88  ? -6.874  1.004   18.313  1.00 30.09  ? 114 ASP B OD2 1 
ATOM   594  N N   . ASN A 1 89  ? -3.167  4.037   15.446  1.00 44.46  ? 115 ASN B N   1 
ATOM   595  C CA  . ASN A 1 89  ? -2.829  5.004   14.413  1.00 40.52  ? 115 ASN B CA  1 
ATOM   596  C C   . ASN A 1 89  ? -2.015  4.308   13.323  1.00 38.43  ? 115 ASN B C   1 
ATOM   597  O O   . ASN A 1 89  ? -0.889  3.869   13.560  1.00 46.12  ? 115 ASN B O   1 
ATOM   598  C CB  . ASN A 1 89  ? -2.026  6.175   15.012  1.00 23.32  ? 115 ASN B CB  1 
ATOM   599  C CG  . ASN A 1 89  ? -2.921  7.271   15.583  1.00 44.28  ? 115 ASN B CG  1 
ATOM   600  O OD1 . ASN A 1 89  ? -3.723  7.872   14.861  1.00 55.41  ? 115 ASN B OD1 1 
ATOM   601  N ND2 . ASN A 1 89  ? -2.790  7.537   16.879  1.00 44.18  ? 115 ASN B ND2 1 
ATOM   602  N N   . GLY A 1 90  ? -2.586  4.192   12.130  1.00 30.87  ? 116 GLY B N   1 
ATOM   603  C CA  . GLY A 1 90  ? -1.848  3.556   11.061  1.00 31.81  ? 116 GLY B CA  1 
ATOM   604  C C   . GLY A 1 90  ? -2.559  3.435   9.733   1.00 34.80  ? 116 GLY B C   1 
ATOM   605  O O   . GLY A 1 90  ? -3.512  4.152   9.432   1.00 35.92  ? 116 GLY B O   1 
ATOM   606  N N   . ILE A 1 91  ? -2.055  2.512   8.925   1.00 34.01  ? 117 ILE B N   1 
ATOM   607  C CA  . ILE A 1 91  ? -2.602  2.229   7.615   1.00 33.51  ? 117 ILE B CA  1 
ATOM   608  C C   . ILE A 1 91  ? -3.187  0.831   7.676   1.00 36.86  ? 117 ILE B C   1 
ATOM   609  O O   . ILE A 1 91  ? -2.543  -0.083  8.183   1.00 46.85  ? 117 ILE B O   1 
ATOM   610  C CB  . ILE A 1 91  ? -1.501  2.234   6.545   1.00 37.14  ? 117 ILE B CB  1 
ATOM   611  C CG1 . ILE A 1 91  ? -1.158  3.667   6.155   1.00 36.93  ? 117 ILE B CG1 1 
ATOM   612  C CG2 . ILE A 1 91  ? -1.963  1.446   5.323   1.00 37.21  ? 117 ILE B CG2 1 
ATOM   613  C CD1 . ILE A 1 91  ? -2.257  4.329   5.369   1.00 42.57  ? 117 ILE B CD1 1 
ATOM   614  N N   . TYR A 1 92  ? -4.404  0.667   7.167   1.00 34.30  ? 118 TYR B N   1 
ATOM   615  C CA  . TYR A 1 92  ? -5.060  -0.636  7.154   1.00 27.49  ? 118 TYR B CA  1 
ATOM   616  C C   . TYR A 1 92  ? -5.454  -0.991  5.719   1.00 29.53  ? 118 TYR B C   1 
ATOM   617  O O   . TYR A 1 92  ? -6.236  -0.275  5.081   1.00 27.96  ? 118 TYR B O   1 
ATOM   618  C CB  . TYR A 1 92  ? -6.301  -0.619  8.058   1.00 26.78  ? 118 TYR B CB  1 
ATOM   619  C CG  . TYR A 1 92  ? -5.995  -0.391  9.526   1.00 34.26  ? 118 TYR B CG  1 
ATOM   620  C CD1 . TYR A 1 92  ? -5.684  0.888   10.010  1.00 29.07  ? 118 TYR B CD1 1 
ATOM   621  C CD2 . TYR A 1 92  ? -5.998  -1.456  10.428  1.00 30.72  ? 118 TYR B CD2 1 
ATOM   622  C CE1 . TYR A 1 92  ? -5.387  1.098   11.356  1.00 26.66  ? 118 TYR B CE1 1 
ATOM   623  C CE2 . TYR A 1 92  ? -5.701  -1.261  11.775  1.00 33.39  ? 118 TYR B CE2 1 
ATOM   624  C CZ  . TYR A 1 92  ? -5.396  0.017   12.239  1.00 42.12  ? 118 TYR B CZ  1 
ATOM   625  O OH  . TYR A 1 92  ? -5.109  0.203   13.586  1.00 39.26  ? 118 TYR B OH  1 
ATOM   626  N N   . PHE A 1 93  ? -4.906  -2.091  5.207   1.00 22.60  ? 119 PHE B N   1 
ATOM   627  C CA  . PHE A 1 93  ? -5.210  -2.507  3.844   1.00 26.53  ? 119 PHE B CA  1 
ATOM   628  C C   . PHE A 1 93  ? -5.528  -3.980  3.725   1.00 30.76  ? 119 PHE B C   1 
ATOM   629  O O   . PHE A 1 93  ? -5.283  -4.762  4.638   1.00 32.64  ? 119 PHE B O   1 
ATOM   630  C CB  . PHE A 1 93  ? -4.062  -2.150  2.898   1.00 25.78  ? 119 PHE B CB  1 
ATOM   631  C CG  . PHE A 1 93  ? -2.752  -2.795  3.257   1.00 30.71  ? 119 PHE B CG  1 
ATOM   632  C CD1 . PHE A 1 93  ? -2.305  -3.919  2.578   1.00 30.17  ? 119 PHE B CD1 1 
ATOM   633  C CD2 . PHE A 1 93  ? -1.965  -2.281  4.282   1.00 30.26  ? 119 PHE B CD2 1 
ATOM   634  C CE1 . PHE A 1 93  ? -1.093  -4.519  2.919   1.00 32.76  ? 119 PHE B CE1 1 
ATOM   635  C CE2 . PHE A 1 93  ? -0.755  -2.877  4.626   1.00 27.09  ? 119 PHE B CE2 1 
ATOM   636  C CZ  . PHE A 1 93  ? -0.319  -3.998  3.944   1.00 24.85  ? 119 PHE B CZ  1 
ATOM   637  N N   . CYS A 1 94  ? -6.066  -4.344  2.568   1.00 39.82  ? 120 CYS B N   1 
ATOM   638  C CA  . CYS A 1 94  ? -6.478  -5.710  2.277   1.00 41.83  ? 120 CYS B CA  1 
ATOM   639  C C   . CYS A 1 94  ? -5.463  -6.354  1.322   1.00 36.94  ? 120 CYS B C   1 
ATOM   640  O O   . CYS A 1 94  ? -4.919  -5.683  0.450   1.00 42.38  ? 120 CYS B O   1 
ATOM   641  C CB  . CYS A 1 94  ? -7.900  -5.662  1.670   1.00 43.04  ? 120 CYS B CB  1 
ATOM   642  S SG  . CYS A 1 94  ? -8.974  -4.506  2.611   1.00 60.48  ? 120 CYS B SG  1 
ATOM   643  N N   . LYS A 1 95  ? -5.189  -7.642  1.517   1.00 30.06  ? 121 LYS B N   1 
ATOM   644  C CA  . LYS A 1 95  ? -4.246  -8.380  0.679   1.00 24.02  ? 121 LYS B CA  1 
ATOM   645  C C   . LYS A 1 95  ? -4.994  -9.572  0.108   1.00 26.22  ? 121 LYS B C   1 
ATOM   646  O O   . LYS A 1 95  ? -5.661  -10.286 0.854   1.00 30.47  ? 121 LYS B O   1 
ATOM   647  C CB  . LYS A 1 95  ? -3.063  -8.863  1.521   1.00 28.45  ? 121 LYS B CB  1 
ATOM   648  C CG  . LYS A 1 95  ? -1.704  -8.795  0.819   1.00 36.24  ? 121 LYS B CG  1 
ATOM   649  C CD  . LYS A 1 95  ? -0.597  -8.519  1.838   1.00 44.36  ? 121 LYS B CD  1 
ATOM   650  C CE  . LYS A 1 95  ? 0.672   -7.980  1.183   1.00 54.10  ? 121 LYS B CE  1 
ATOM   651  N NZ  . LYS A 1 95  ? 1.635   -7.419  2.188   1.00 59.42  ? 121 LYS B NZ  1 
ATOM   652  N N   . GLN A 1 96  ? -4.888  -9.791  -1.202  1.00 28.07  ? 122 GLN B N   1 
ATOM   653  C CA  . GLN A 1 96  ? -5.595  -10.902 -1.851  1.00 34.56  ? 122 GLN B CA  1 
ATOM   654  C C   . GLN A 1 96  ? -4.746  -11.746 -2.800  1.00 36.33  ? 122 GLN B C   1 
ATOM   655  O O   . GLN A 1 96  ? -4.028  -11.218 -3.642  1.00 37.11  ? 122 GLN B O   1 
ATOM   656  C CB  . GLN A 1 96  ? -6.806  -10.367 -2.616  1.00 33.81  ? 122 GLN B CB  1 
ATOM   657  C CG  . GLN A 1 96  ? -7.710  -11.443 -3.181  1.00 28.84  ? 122 GLN B CG  1 
ATOM   658  C CD  . GLN A 1 96  ? -8.798  -10.876 -4.068  1.00 34.47  ? 122 GLN B CD  1 
ATOM   659  O OE1 . GLN A 1 96  ? -8.523  -10.293 -5.118  1.00 36.27  ? 122 GLN B OE1 1 
ATOM   660  N NE2 . GLN A 1 96  ? -10.043 -11.040 -3.649  1.00 32.73  ? 122 GLN B NE2 1 
ATOM   661  N N   . LYS A 1 97  ? -4.859  -13.063 -2.677  1.00 44.98  ? 123 LYS B N   1 
ATOM   662  C CA  . LYS A 1 97  ? -4.096  -13.982 -3.511  1.00 55.38  ? 123 LYS B CA  1 
ATOM   663  C C   . LYS A 1 97  ? -4.580  -14.058 -4.953  1.00 62.53  ? 123 LYS B C   1 
ATOM   664  O O   . LYS A 1 97  ? -5.776  -14.128 -5.220  1.00 59.57  ? 123 LYS B O   1 
ATOM   665  C CB  . LYS A 1 97  ? -4.100  -15.380 -2.888  1.00 55.91  ? 123 LYS B CB  1 
ATOM   666  C CG  . LYS A 1 97  ? -3.281  -15.466 -1.608  1.00 65.59  ? 123 LYS B CG  1 
ATOM   667  C CD  . LYS A 1 97  ? -3.272  -16.865 -1.014  1.00 72.19  ? 123 LYS B CD  1 
ATOM   668  C CE  . LYS A 1 97  ? -2.517  -16.882 0.313   1.00 72.94  ? 123 LYS B CE  1 
ATOM   669  N NZ  . LYS A 1 97  ? -2.560  -18.214 0.978   1.00 72.16  ? 123 LYS B NZ  1 
ATOM   670  N N   . CYS A 1 98  ? -3.625  -14.041 -5.876  1.00 75.45  ? 124 CYS B N   1 
ATOM   671  C CA  . CYS A 1 98  ? -3.914  -14.119 -7.301  1.00 88.42  ? 124 CYS B CA  1 
ATOM   672  C C   . CYS A 1 98  ? -2.631  -14.317 -8.106  1.00 93.05  ? 124 CYS B C   1 
ATOM   673  O O   . CYS A 1 98  ? -2.669  -14.652 -9.292  1.00 95.69  ? 124 CYS B O   1 
ATOM   674  C CB  . CYS A 1 98  ? -4.629  -12.849 -7.775  1.00 100.36 ? 124 CYS B CB  1 
ATOM   675  S SG  . CYS A 1 98  ? -3.651  -11.305 -7.766  1.00 117.74 ? 124 CYS B SG  1 
ATOM   676  N N   . ASN A 1 104 ? 1.516   -13.331 -8.331  1.00 72.80  ? 130 ASN B N   1 
ATOM   677  C CA  . ASN A 1 104 ? 1.482   -12.152 -7.472  1.00 77.68  ? 130 ASN B CA  1 
ATOM   678  C C   . ASN A 1 104 ? 0.373   -12.233 -6.421  1.00 77.61  ? 130 ASN B C   1 
ATOM   679  O O   . ASN A 1 104 ? -0.156  -13.313 -6.141  1.00 76.52  ? 130 ASN B O   1 
ATOM   680  C CB  . ASN A 1 104 ? 1.274   -10.884 -8.317  1.00 74.01  ? 130 ASN B CB  1 
ATOM   681  C CG  . ASN A 1 104 ? 2.576   -10.171 -8.655  1.00 71.36  ? 130 ASN B CG  1 
ATOM   682  O OD1 . ASN A 1 104 ? 2.560   -9.056  -9.191  1.00 72.71  ? 130 ASN B OD1 1 
ATOM   683  N ND2 . ASN A 1 104 ? 3.706   -10.808 -8.353  1.00 60.38  ? 130 ASN B ND2 1 
ATOM   684  N N   . VAL A 1 105 ? 0.062   -11.073 -5.834  1.00 71.14  ? 131 VAL B N   1 
ATOM   685  C CA  . VAL A 1 105 ? -1.001  -10.889 -4.837  1.00 53.01  ? 131 VAL B CA  1 
ATOM   686  C C   . VAL A 1 105 ? -1.259  -9.391  -4.814  1.00 49.91  ? 131 VAL B C   1 
ATOM   687  O O   . VAL A 1 105 ? -0.314  -8.601  -4.815  1.00 48.88  ? 131 VAL B O   1 
ATOM   688  C CB  . VAL A 1 105 ? -0.605  -11.336 -3.410  1.00 36.69  ? 131 VAL B CB  1 
ATOM   689  C CG1 . VAL A 1 105 ? -0.146  -12.773 -3.428  1.00 39.75  ? 131 VAL B CG1 1 
ATOM   690  C CG2 . VAL A 1 105 ? 0.450   -10.422 -2.843  1.00 26.59  ? 131 VAL B CG2 1 
ATOM   691  N N   . THR A 1 106 ? -2.534  -9.007  -4.794  1.00 45.83  ? 132 THR B N   1 
ATOM   692  C CA  . THR A 1 106 ? -2.924  -7.601  -4.805  1.00 42.73  ? 132 THR B CA  1 
ATOM   693  C C   . THR A 1 106 ? -3.137  -6.935  -3.438  1.00 40.21  ? 132 THR B C   1 
ATOM   694  O O   . THR A 1 106 ? -3.468  -7.578  -2.445  1.00 37.99  ? 132 THR B O   1 
ATOM   695  C CB  . THR A 1 106 ? -4.225  -7.404  -5.607  1.00 47.52  ? 132 THR B CB  1 
ATOM   696  O OG1 . THR A 1 106 ? -4.599  -8.637  -6.233  1.00 58.49  ? 132 THR B OG1 1 
ATOM   697  C CG2 . THR A 1 106 ? -4.036  -6.347  -6.665  1.00 54.84  ? 132 THR B CG2 1 
ATOM   698  N N   . ASP A 1 107 ? -2.943  -5.623  -3.414  1.00 37.29  ? 133 ASP B N   1 
ATOM   699  C CA  . ASP A 1 107 ? -3.141  -4.825  -2.216  1.00 39.25  ? 133 ASP B CA  1 
ATOM   700  C C   . ASP A 1 107 ? -4.123  -3.712  -2.603  1.00 45.16  ? 133 ASP B C   1 
ATOM   701  O O   . ASP A 1 107 ? -4.353  -3.443  -3.788  1.00 45.17  ? 133 ASP B O   1 
ATOM   702  C CB  . ASP A 1 107 ? -1.821  -4.193  -1.759  1.00 52.25  ? 133 ASP B CB  1 
ATOM   703  C CG  . ASP A 1 107 ? -0.725  -5.222  -1.513  1.00 57.43  ? 133 ASP B CG  1 
ATOM   704  O OD1 . ASP A 1 107 ? -0.756  -6.278  -2.174  1.00 65.80  ? 133 ASP B OD1 1 
ATOM   705  O OD2 . ASP A 1 107 ? 0.181   -4.965  -0.682  1.00 43.23  ? 133 ASP B OD2 1 
ATOM   706  N N   . SER A 1 108 ? -4.713  -3.085  -1.598  1.00 43.00  ? 134 SER B N   1 
ATOM   707  C CA  . SER A 1 108 ? -5.641  -1.986  -1.812  1.00 44.59  ? 134 SER B CA  1 
ATOM   708  C C   . SER A 1 108 ? -4.859  -0.756  -1.336  1.00 50.48  ? 134 SER B C   1 
ATOM   709  O O   . SER A 1 108 ? -3.871  -0.912  -0.624  1.00 52.05  ? 134 SER B O   1 
ATOM   710  C CB  . SER A 1 108 ? -6.897  -2.210  -0.970  1.00 42.11  ? 134 SER B CB  1 
ATOM   711  O OG  . SER A 1 108 ? -6.557  -2.587  0.356   1.00 31.42  ? 134 SER B OG  1 
ATOM   712  N N   . CYS A 1 109 ? -5.258  0.453   -1.723  1.00 51.03  ? 135 CYS B N   1 
ATOM   713  C CA  . CYS A 1 109 ? -4.501  1.622   -1.278  1.00 53.00  ? 135 CYS B CA  1 
ATOM   714  C C   . CYS A 1 109 ? -4.584  1.836   0.230   1.00 47.77  ? 135 CYS B C   1 
ATOM   715  O O   . CYS A 1 109 ? -3.782  2.573   0.797   1.00 50.71  ? 135 CYS B O   1 
ATOM   716  C CB  . CYS A 1 109 ? -4.936  2.889   -2.024  1.00 61.54  ? 135 CYS B CB  1 
ATOM   717  S SG  . CYS A 1 109 ? -4.316  3.038   -3.746  1.00 93.47  ? 135 CYS B SG  1 
ATOM   718  N N   . GLY A 1 110 ? -5.554  1.188   0.871   1.00 49.50  ? 136 GLY B N   1 
ATOM   719  C CA  . GLY A 1 110 ? -5.708  1.280   2.317   1.00 42.01  ? 136 GLY B CA  1 
ATOM   720  C C   . GLY A 1 110 ? -6.308  2.538   2.919   1.00 39.67  ? 136 GLY B C   1 
ATOM   721  O O   . GLY A 1 110 ? -6.587  3.515   2.220   1.00 31.56  ? 136 GLY B O   1 
ATOM   722  N N   . THR A 1 111 ? -6.494  2.505   4.240   1.00 41.42  ? 137 THR B N   1 
ATOM   723  C CA  . THR A 1 111 ? -7.059  3.625   4.999   1.00 39.64  ? 137 THR B CA  1 
ATOM   724  C C   . THR A 1 111 ? -6.091  4.186   6.041   1.00 38.91  ? 137 THR B C   1 
ATOM   725  O O   . THR A 1 111 ? -5.440  3.429   6.761   1.00 41.44  ? 137 THR B O   1 
ATOM   726  C CB  . THR A 1 111 ? -8.326  3.206   5.775   1.00 30.92  ? 137 THR B CB  1 
ATOM   727  O OG1 . THR A 1 111 ? -9.342  2.786   4.861   1.00 33.19  ? 137 THR B OG1 1 
ATOM   728  C CG2 . THR A 1 111 ? -8.849  4.371   6.594   1.00 38.71  ? 137 THR B CG2 1 
ATOM   729  N N   . GLU A 1 112 ? -6.003  5.511   6.131   1.00 33.37  ? 138 GLU B N   1 
ATOM   730  C CA  . GLU A 1 112 ? -5.145  6.132   7.130   1.00 32.44  ? 138 GLU B CA  1 
ATOM   731  C C   . GLU A 1 112 ? -6.003  6.487   8.325   1.00 33.94  ? 138 GLU B C   1 
ATOM   732  O O   . GLU A 1 112 ? -6.848  7.378   8.256   1.00 35.58  ? 138 GLU B O   1 
ATOM   733  C CB  . GLU A 1 112 ? -4.472  7.387   6.580   1.00 36.92  ? 138 GLU B CB  1 
ATOM   734  C CG  . GLU A 1 112 ? -3.036  7.155   6.155   1.00 44.29  ? 138 GLU B CG  1 
ATOM   735  C CD  . GLU A 1 112 ? -2.664  7.867   4.865   1.00 54.02  ? 138 GLU B CD  1 
ATOM   736  O OE1 . GLU A 1 112 ? -3.399  7.746   3.850   1.00 50.60  ? 138 GLU B OE1 1 
ATOM   737  O OE2 . GLU A 1 112 ? -1.618  8.544   4.866   1.00 64.44  ? 138 GLU B OE2 1 
ATOM   738  N N   . LEU A 1 113 ? -5.803  5.766   9.419   1.00 29.17  ? 139 LEU B N   1 
ATOM   739  C CA  . LEU A 1 113 ? -6.569  6.018   10.621  1.00 25.77  ? 139 LEU B CA  1 
ATOM   740  C C   . LEU A 1 113 ? -5.808  6.927   11.560  1.00 31.10  ? 139 LEU B C   1 
ATOM   741  O O   . LEU A 1 113 ? -4.638  6.699   11.860  1.00 34.03  ? 139 LEU B O   1 
ATOM   742  C CB  . LEU A 1 113 ? -6.884  4.718   11.338  1.00 25.03  ? 139 LEU B CB  1 
ATOM   743  C CG  . LEU A 1 113 ? -7.402  4.909   12.763  1.00 23.22  ? 139 LEU B CG  1 
ATOM   744  C CD1 . LEU A 1 113 ? -8.641  5.806   12.760  1.00 6.98   ? 139 LEU B CD1 1 
ATOM   745  C CD2 . LEU A 1 113 ? -7.701  3.542   13.365  1.00 16.13  ? 139 LEU B CD2 1 
ATOM   746  N N   . LEU A 1 114 ? -6.491  7.960   12.024  1.00 28.36  ? 140 LEU B N   1 
ATOM   747  C CA  . LEU A 1 114 ? -5.902  8.918   12.925  1.00 25.45  ? 140 LEU B CA  1 
ATOM   748  C C   . LEU A 1 114 ? -6.727  8.956   14.192  1.00 33.10  ? 140 LEU B C   1 
ATOM   749  O O   . LEU A 1 114 ? -7.942  9.168   14.145  1.00 26.66  ? 140 LEU B O   1 
ATOM   750  C CB  . LEU A 1 114 ? -5.889  10.293  12.270  1.00 26.42  ? 140 LEU B CB  1 
ATOM   751  C CG  . LEU A 1 114 ? -5.442  11.459  13.148  1.00 27.65  ? 140 LEU B CG  1 
ATOM   752  C CD1 . LEU A 1 114 ? -4.020  11.245  13.649  1.00 12.04  ? 140 LEU B CD1 1 
ATOM   753  C CD2 . LEU A 1 114 ? -5.551  12.733  12.340  1.00 31.67  ? 140 LEU B CD2 1 
ATOM   754  N N   . VAL A 1 115 ? -6.059  8.749   15.322  1.00 36.91  ? 141 VAL B N   1 
ATOM   755  C CA  . VAL A 1 115 ? -6.719  8.760   16.620  1.00 35.25  ? 141 VAL B CA  1 
ATOM   756  C C   . VAL A 1 115 ? -6.455  10.080  17.365  1.00 40.14  ? 141 VAL B C   1 
ATOM   757  O O   . VAL A 1 115 ? -5.305  10.427  17.677  1.00 38.06  ? 141 VAL B O   1 
ATOM   758  C CB  . VAL A 1 115 ? -6.257  7.549   17.468  1.00 31.49  ? 141 VAL B CB  1 
ATOM   759  C CG1 . VAL A 1 115 ? -7.110  7.422   18.730  1.00 19.90  ? 141 VAL B CG1 1 
ATOM   760  C CG2 . VAL A 1 115 ? -6.353  6.277   16.625  1.00 20.30  ? 141 VAL B CG2 1 
ATOM   761  N N   . LEU A 1 116 ? -7.550  10.797  17.631  1.00 41.32  ? 142 LEU B N   1 
ATOM   762  C CA  . LEU A 1 116 ? -7.571  12.100  18.311  1.00 39.85  ? 142 LEU B CA  1 
ATOM   763  C C   . LEU A 1 116 ? -8.049  11.977  19.758  1.00 45.33  ? 142 LEU B C   1 
ATOM   764  O O   . LEU A 1 116 ? -7.652  12.818  20.604  1.00 40.65  ? 142 LEU B O   1 
ATOM   765  C CB  . LEU A 1 116 ? -8.524  13.047  17.580  1.00 26.70  ? 142 LEU B CB  1 
ATOM   766  C CG  . LEU A 1 116 ? -8.486  12.956  16.058  1.00 28.46  ? 142 LEU B CG  1 
ATOM   767  C CD1 . LEU A 1 116 ? -9.614  13.770  15.473  1.00 7.15   ? 142 LEU B CD1 1 
ATOM   768  C CD2 . LEU A 1 116 ? -7.129  13.421  15.544  1.00 23.04  ? 142 LEU B CD2 1 
ATOM   769  N N   . ILE B 1 20  ? -4.556  5.455   -11.049 1.00 53.26  ? 46  ILE A N   1 
ATOM   770  C CA  . ILE B 1 20  ? -3.732  4.341   -11.605 1.00 57.95  ? 46  ILE A CA  1 
ATOM   771  C C   . ILE B 1 20  ? -3.442  3.287   -10.548 1.00 56.94  ? 46  ILE A C   1 
ATOM   772  O O   . ILE B 1 20  ? -3.183  3.592   -9.385  1.00 55.09  ? 46  ILE A O   1 
ATOM   773  C CB  . ILE B 1 20  ? -2.378  4.831   -12.153 1.00 62.65  ? 46  ILE A CB  1 
ATOM   774  C CG1 . ILE B 1 20  ? -2.595  5.818   -13.297 1.00 69.35  ? 46  ILE A CG1 1 
ATOM   775  C CG2 . ILE B 1 20  ? -1.571  3.647   -12.659 1.00 59.25  ? 46  ILE A CG2 1 
ATOM   776  C CD1 . ILE B 1 20  ? -1.300  6.393   -13.850 1.00 72.83  ? 46  ILE A CD1 1 
ATOM   777  N N   . TRP B 1 21  ? -3.456  2.038   -10.981 1.00 53.90  ? 47  TRP A N   1 
ATOM   778  C CA  . TRP B 1 21  ? -3.240  0.902   -10.104 1.00 50.90  ? 47  TRP A CA  1 
ATOM   779  C C   . TRP B 1 21  ? -1.757  0.569   -9.939  1.00 47.89  ? 47  TRP A C   1 
ATOM   780  O O   . TRP B 1 21  ? -1.082  0.233   -10.910 1.00 50.68  ? 47  TRP A O   1 
ATOM   781  C CB  . TRP B 1 21  ? -4.040  -0.266  -10.690 1.00 51.63  ? 47  TRP A CB  1 
ATOM   782  C CG  . TRP B 1 21  ? -3.891  -1.579  -10.037 1.00 53.31  ? 47  TRP A CG  1 
ATOM   783  C CD1 . TRP B 1 21  ? -3.571  -1.829  -8.736  1.00 53.10  ? 47  TRP A CD1 1 
ATOM   784  C CD2 . TRP B 1 21  ? -4.070  -2.849  -10.663 1.00 62.54  ? 47  TRP A CD2 1 
ATOM   785  N NE1 . TRP B 1 21  ? -3.533  -3.185  -8.513  1.00 55.18  ? 47  TRP A NE1 1 
ATOM   786  C CE2 . TRP B 1 21  ? -3.835  -3.835  -9.683  1.00 64.62  ? 47  TRP A CE2 1 
ATOM   787  C CE3 . TRP B 1 21  ? -4.405  -3.252  -11.966 1.00 63.02  ? 47  TRP A CE3 1 
ATOM   788  C CZ2 . TRP B 1 21  ? -3.922  -5.209  -9.962  1.00 70.71  ? 47  TRP A CZ2 1 
ATOM   789  C CZ3 . TRP B 1 21  ? -4.491  -4.619  -12.245 1.00 67.48  ? 47  TRP A CZ3 1 
ATOM   790  C CH2 . TRP B 1 21  ? -4.250  -5.579  -11.247 1.00 63.92  ? 47  TRP A CH2 1 
ATOM   791  N N   . GLN B 1 22  ? -1.248  0.680   -8.713  1.00 44.23  ? 48  GLN A N   1 
ATOM   792  C CA  . GLN B 1 22  ? 0.160   0.386   -8.453  1.00 43.00  ? 48  GLN A CA  1 
ATOM   793  C C   . GLN B 1 22  ? 0.330   -0.659  -7.373  1.00 44.68  ? 48  GLN A C   1 
ATOM   794  O O   . GLN B 1 22  ? -0.460  -0.726  -6.438  1.00 50.40  ? 48  GLN A O   1 
ATOM   795  C CB  . GLN B 1 22  ? 0.923   1.639   -8.036  1.00 43.79  ? 48  GLN A CB  1 
ATOM   796  C CG  . GLN B 1 22  ? 2.413   1.392   -7.895  1.00 49.58  ? 48  GLN A CG  1 
ATOM   797  C CD  . GLN B 1 22  ? 3.175   2.606   -7.410  1.00 54.19  ? 48  GLN A CD  1 
ATOM   798  O OE1 . GLN B 1 22  ? 2.924   3.732   -7.851  1.00 52.70  ? 48  GLN A OE1 1 
ATOM   799  N NE2 . GLN B 1 22  ? 4.125   2.385   -6.506  1.00 37.21  ? 48  GLN A NE2 1 
ATOM   800  N N   . HIS B 1 23  ? 1.379   -1.463  -7.507  1.00 45.83  ? 49  HIS A N   1 
ATOM   801  C CA  . HIS B 1 23  ? 1.667   -2.524  -6.553  1.00 44.82  ? 49  HIS A CA  1 
ATOM   802  C C   . HIS B 1 23  ? 3.175   -2.723  -6.421  1.00 40.78  ? 49  HIS A C   1 
ATOM   803  O O   . HIS B 1 23  ? 3.905   -2.614  -7.404  1.00 43.06  ? 49  HIS A O   1 
ATOM   804  C CB  . HIS B 1 23  ? 1.010   -3.821  -7.021  1.00 51.68  ? 49  HIS A CB  1 
ATOM   805  C CG  . HIS B 1 23  ? 1.318   -5.005  -6.156  1.00 61.21  ? 49  HIS A CG  1 
ATOM   806  N ND1 . HIS B 1 23  ? 0.954   -5.073  -4.828  1.00 62.73  ? 49  HIS A ND1 1 
ATOM   807  C CD2 . HIS B 1 23  ? 1.960   -6.166  -6.429  1.00 64.09  ? 49  HIS A CD2 1 
ATOM   808  C CE1 . HIS B 1 23  ? 1.359   -6.223  -4.319  1.00 55.84  ? 49  HIS A CE1 1 
ATOM   809  N NE2 . HIS B 1 23  ? 1.972   -6.904  -5.270  1.00 68.96  ? 49  HIS A NE2 1 
ATOM   810  N N   . PRO B 1 24  ? 3.662   -3.021  -5.202  1.00 34.07  ? 50  PRO A N   1 
ATOM   811  C CA  . PRO B 1 24  ? 2.930   -3.185  -3.942  1.00 36.68  ? 50  PRO A CA  1 
ATOM   812  C C   . PRO B 1 24  ? 2.510   -1.860  -3.310  1.00 36.81  ? 50  PRO A C   1 
ATOM   813  O O   . PRO B 1 24  ? 2.617   -0.802  -3.930  1.00 43.73  ? 50  PRO A O   1 
ATOM   814  C CB  . PRO B 1 24  ? 3.935   -3.929  -3.077  1.00 25.15  ? 50  PRO A CB  1 
ATOM   815  C CG  . PRO B 1 24  ? 5.194   -3.287  -3.477  1.00 19.58  ? 50  PRO A CG  1 
ATOM   816  C CD  . PRO B 1 24  ? 5.091   -3.293  -4.986  1.00 23.67  ? 50  PRO A CD  1 
ATOM   817  N N   . ARG B 1 25  ? 2.010   -1.928  -2.081  1.00 33.31  ? 51  ARG A N   1 
ATOM   818  C CA  . ARG B 1 25  ? 1.613   -0.724  -1.364  1.00 41.03  ? 51  ARG A CA  1 
ATOM   819  C C   . ARG B 1 25  ? 2.820   -0.365  -0.521  1.00 40.18  ? 51  ARG A C   1 
ATOM   820  O O   . ARG B 1 25  ? 3.259   0.781   -0.490  1.00 46.49  ? 51  ARG A O   1 
ATOM   821  C CB  . ARG B 1 25  ? 0.406   -0.994  -0.462  1.00 34.27  ? 51  ARG A CB  1 
ATOM   822  C CG  . ARG B 1 25  ? -0.786  -0.092  -0.746  1.00 48.15  ? 51  ARG A CG  1 
ATOM   823  C CD  . ARG B 1 25  ? -0.800  1.174   0.109   1.00 43.52  ? 51  ARG A CD  1 
ATOM   824  N NE  . ARG B 1 25  ? 0.346   2.050   -0.116  1.00 55.53  ? 51  ARG A NE  1 
ATOM   825  C CZ  . ARG B 1 25  ? 0.515   3.227   0.486   1.00 56.47  ? 51  ARG A CZ  1 
ATOM   826  N NH1 . ARG B 1 25  ? -0.390  3.673   1.351   1.00 39.45  ? 51  ARG A NH1 1 
ATOM   827  N NH2 . ARG B 1 25  ? 1.597   3.959   0.231   1.00 56.88  ? 51  ARG A NH2 1 
ATOM   828  N N   . PHE B 1 26  ? 3.351   -1.376  0.156   1.00 45.25  ? 52  PHE A N   1 
ATOM   829  C CA  . PHE B 1 26  ? 4.522   -1.223  0.997   1.00 40.58  ? 52  PHE A CA  1 
ATOM   830  C C   . PHE B 1 26  ? 5.577   -2.185  0.511   1.00 43.96  ? 52  PHE A C   1 
ATOM   831  O O   . PHE B 1 26  ? 5.278   -3.124  -0.230  1.00 48.00  ? 52  PHE A O   1 
ATOM   832  C CB  . PHE B 1 26  ? 4.195   -1.537  2.450   1.00 41.82  ? 52  PHE A CB  1 
ATOM   833  C CG  . PHE B 1 26  ? 3.231   -0.582  3.068   1.00 51.99  ? 52  PHE A CG  1 
ATOM   834  C CD1 . PHE B 1 26  ? 1.863   -0.765  2.923   1.00 58.48  ? 52  PHE A CD1 1 
ATOM   835  C CD2 . PHE B 1 26  ? 3.689   0.517   3.782   1.00 52.42  ? 52  PHE A CD2 1 
ATOM   836  C CE1 . PHE B 1 26  ? 0.963   0.133   3.481   1.00 64.69  ? 52  PHE A CE1 1 
ATOM   837  C CE2 . PHE B 1 26  ? 2.801   1.418   4.342   1.00 64.21  ? 52  PHE A CE2 1 
ATOM   838  C CZ  . PHE B 1 26  ? 1.432   1.228   4.193   1.00 63.78  ? 52  PHE A CZ  1 
ATOM   839  N N   . ALA B 1 27  ? 6.814   -1.946  0.934   1.00 40.29  ? 53  ALA A N   1 
ATOM   840  C CA  . ALA B 1 27  ? 7.935   -2.789  0.546   1.00 29.39  ? 53  ALA A CA  1 
ATOM   841  C C   . ALA B 1 27  ? 9.084   -2.561  1.518   1.00 27.17  ? 53  ALA A C   1 
ATOM   842  O O   . ALA B 1 27  ? 9.418   -1.417  1.837   1.00 30.52  ? 53  ALA A O   1 
ATOM   843  C CB  . ALA B 1 27  ? 8.363   -2.448  -0.887  1.00 15.01  ? 53  ALA A CB  1 
ATOM   844  N N   . ALA B 1 28  ? 9.673   -3.646  2.010   1.00 24.97  ? 54  ALA A N   1 
ATOM   845  C CA  . ALA B 1 28  ? 10.797  -3.536  2.941   1.00 35.63  ? 54  ALA A CA  1 
ATOM   846  C C   . ALA B 1 28  ? 11.937  -4.418  2.450   1.00 40.40  ? 54  ALA A C   1 
ATOM   847  O O   . ALA B 1 28  ? 11.775  -5.631  2.337   1.00 45.59  ? 54  ALA A O   1 
ATOM   848  C CB  . ALA B 1 28  ? 10.372  -3.959  4.334   1.00 26.41  ? 54  ALA A CB  1 
ATOM   849  N N   . LYS B 1 29  ? 13.087  -3.814  2.160   1.00 40.81  ? 55  LYS A N   1 
ATOM   850  C CA  . LYS B 1 29  ? 14.227  -4.570  1.655   1.00 35.60  ? 55  LYS A CA  1 
ATOM   851  C C   . LYS B 1 29  ? 15.510  -4.193  2.357   1.00 38.09  ? 55  LYS A C   1 
ATOM   852  O O   . LYS B 1 29  ? 15.600  -3.115  2.939   1.00 37.35  ? 55  LYS A O   1 
ATOM   853  C CB  . LYS B 1 29  ? 14.373  -4.320  0.163   1.00 39.40  ? 55  LYS A CB  1 
ATOM   854  C CG  . LYS B 1 29  ? 13.105  -4.612  -0.620  1.00 35.19  ? 55  LYS A CG  1 
ATOM   855  C CD  . LYS B 1 29  ? 12.755  -6.104  -0.631  1.00 45.35  ? 55  LYS A CD  1 
ATOM   856  C CE  . LYS B 1 29  ? 13.827  -6.960  -1.316  1.00 47.92  ? 55  LYS A CE  1 
ATOM   857  N NZ  . LYS B 1 29  ? 13.386  -8.375  -1.495  1.00 46.79  ? 55  LYS A NZ  1 
ATOM   858  N N   . LYS B 1 30  ? 16.498  -5.084  2.306   1.00 41.20  ? 56  LYS A N   1 
ATOM   859  C CA  . LYS B 1 30  ? 17.788  -4.820  2.941   1.00 43.60  ? 56  LYS A CA  1 
ATOM   860  C C   . LYS B 1 30  ? 18.684  -4.026  2.005   1.00 47.81  ? 56  LYS A C   1 
ATOM   861  O O   . LYS B 1 30  ? 18.615  -4.174  0.781   1.00 46.18  ? 56  LYS A O   1 
ATOM   862  C CB  . LYS B 1 30  ? 18.518  -6.118  3.298   1.00 41.49  ? 56  LYS A CB  1 
ATOM   863  C CG  . LYS B 1 30  ? 17.780  -7.045  4.234   1.00 55.05  ? 56  LYS A CG  1 
ATOM   864  C CD  . LYS B 1 30  ? 16.942  -8.030  3.455   1.00 63.02  ? 56  LYS A CD  1 
ATOM   865  C CE  . LYS B 1 30  ? 16.452  -9.149  4.352   1.00 66.30  ? 56  LYS A CE  1 
ATOM   866  N NZ  . LYS B 1 30  ? 15.642  -10.126 3.573   1.00 69.24  ? 56  LYS A NZ  1 
ATOM   867  N N   . ARG B 1 31  ? 19.526  -3.178  2.583   1.00 46.62  ? 57  ARG A N   1 
ATOM   868  C CA  . ARG B 1 31  ? 20.455  -2.390  1.788   1.00 47.82  ? 57  ARG A CA  1 
ATOM   869  C C   . ARG B 1 31  ? 21.204  -3.335  0.842   1.00 51.54  ? 57  ARG A C   1 
ATOM   870  O O   . ARG B 1 31  ? 21.604  -4.429  1.240   1.00 57.69  ? 57  ARG A O   1 
ATOM   871  C CB  . ARG B 1 31  ? 21.450  -1.669  2.702   1.00 45.91  ? 57  ARG A CB  1 
ATOM   872  C CG  . ARG B 1 31  ? 22.572  -0.975  1.945   1.00 54.63  ? 57  ARG A CG  1 
ATOM   873  C CD  . ARG B 1 31  ? 23.419  -0.072  2.830   1.00 50.81  ? 57  ARG A CD  1 
ATOM   874  N NE  . ARG B 1 31  ? 24.657  -0.692  3.302   1.00 42.80  ? 57  ARG A NE  1 
ATOM   875  C CZ  . ARG B 1 31  ? 24.726  -1.592  4.276   1.00 56.10  ? 57  ARG A CZ  1 
ATOM   876  N NH1 . ARG B 1 31  ? 23.615  -1.989  4.883   1.00 62.12  ? 57  ARG A NH1 1 
ATOM   877  N NH2 . ARG B 1 31  ? 25.906  -2.075  4.658   1.00 52.24  ? 57  ARG A NH2 1 
ATOM   878  N N   . SER B 1 32  ? 21.367  -2.905  -0.407  1.00 53.44  ? 58  SER A N   1 
ATOM   879  C CA  . SER B 1 32  ? 22.066  -3.657  -1.456  1.00 46.43  ? 58  SER A CA  1 
ATOM   880  C C   . SER B 1 32  ? 21.161  -4.565  -2.274  1.00 46.42  ? 58  SER A C   1 
ATOM   881  O O   . SER B 1 32  ? 21.554  -5.002  -3.351  1.00 53.61  ? 58  SER A O   1 
ATOM   882  C CB  . SER B 1 32  ? 23.203  -4.510  -0.882  1.00 49.53  ? 58  SER A CB  1 
ATOM   883  O OG  . SER B 1 32  ? 22.739  -5.801  -0.504  1.00 45.87  ? 58  SER A OG  1 
ATOM   884  N N   . SER B 1 33  ? 19.961  -4.861  -1.780  1.00 39.13  ? 59  SER A N   1 
ATOM   885  C CA  . SER B 1 33  ? 19.071  -5.741  -2.536  1.00 42.48  ? 59  SER A CA  1 
ATOM   886  C C   . SER B 1 33  ? 18.419  -5.018  -3.709  1.00 43.23  ? 59  SER A C   1 
ATOM   887  O O   . SER B 1 33  ? 18.850  -3.934  -4.096  1.00 41.36  ? 59  SER A O   1 
ATOM   888  C CB  . SER B 1 33  ? 18.002  -6.368  -1.623  1.00 40.32  ? 59  SER A CB  1 
ATOM   889  O OG  . SER B 1 33  ? 17.273  -5.396  -0.900  1.00 55.54  ? 59  SER A OG  1 
ATOM   890  N N   . MET B 1 34  ? 17.388  -5.628  -4.280  1.00 48.44  ? 60  MET A N   1 
ATOM   891  C CA  . MET B 1 34  ? 16.683  -5.046  -5.412  1.00 48.08  ? 60  MET A CA  1 
ATOM   892  C C   . MET B 1 34  ? 15.171  -5.174  -5.244  1.00 51.42  ? 60  MET A C   1 
ATOM   893  O O   . MET B 1 34  ? 14.698  -6.005  -4.466  1.00 55.33  ? 60  MET A O   1 
ATOM   894  C CB  . MET B 1 34  ? 17.102  -5.751  -6.702  1.00 54.92  ? 60  MET A CB  1 
ATOM   895  C CG  . MET B 1 34  ? 16.431  -5.207  -7.951  1.00 66.18  ? 60  MET A CG  1 
ATOM   896  S SD  . MET B 1 34  ? 16.256  -6.454  -9.238  1.00 84.37  ? 60  MET A SD  1 
ATOM   897  C CE  . MET B 1 34  ? 14.570  -7.079  -8.907  1.00 58.83  ? 60  MET A CE  1 
ATOM   898  N N   . VAL B 1 35  ? 14.423  -4.350  -5.979  1.00 52.61  ? 61  VAL A N   1 
ATOM   899  C CA  . VAL B 1 35  ? 12.959  -4.370  -5.945  1.00 51.47  ? 61  VAL A CA  1 
ATOM   900  C C   . VAL B 1 35  ? 12.367  -3.960  -7.286  1.00 50.27  ? 61  VAL A C   1 
ATOM   901  O O   . VAL B 1 35  ? 13.072  -3.461  -8.166  1.00 50.92  ? 61  VAL A O   1 
ATOM   902  C CB  . VAL B 1 35  ? 12.381  -3.409  -4.887  1.00 49.02  ? 61  VAL A CB  1 
ATOM   903  C CG1 . VAL B 1 35  ? 12.888  -3.777  -3.521  1.00 56.08  ? 61  VAL A CG1 1 
ATOM   904  C CG2 . VAL B 1 35  ? 12.750  -1.973  -5.227  1.00 52.96  ? 61  VAL A CG2 1 
ATOM   905  N N   . LYS B 1 36  ? 11.062  -4.176  -7.419  1.00 44.88  ? 62  LYS A N   1 
ATOM   906  C CA  . LYS B 1 36  ? 10.318  -3.827  -8.623  1.00 40.08  ? 62  LYS A CA  1 
ATOM   907  C C   . LYS B 1 36  ? 8.938   -3.360  -8.215  1.00 42.06  ? 62  LYS A C   1 
ATOM   908  O O   . LYS B 1 36  ? 8.279   -3.966  -7.371  1.00 47.11  ? 62  LYS A O   1 
ATOM   909  C CB  . LYS B 1 36  ? 10.159  -5.030  -9.553  1.00 35.38  ? 62  LYS A CB  1 
ATOM   910  C CG  . LYS B 1 36  ? 11.415  -5.468  -10.242 1.00 38.06  ? 62  LYS A CG  1 
ATOM   911  C CD  . LYS B 1 36  ? 11.149  -6.668  -11.114 1.00 34.64  ? 62  LYS A CD  1 
ATOM   912  C CE  . LYS B 1 36  ? 12.336  -6.931  -12.012 1.00 46.58  ? 62  LYS A CE  1 
ATOM   913  N NZ  . LYS B 1 36  ? 12.643  -5.752  -12.873 1.00 42.73  ? 62  LYS A NZ  1 
ATOM   914  N N   . PHE B 1 37  ? 8.499   -2.272  -8.816  1.00 43.80  ? 63  PHE A N   1 
ATOM   915  C CA  . PHE B 1 37  ? 7.186   -1.749  -8.524  1.00 40.82  ? 63  PHE A CA  1 
ATOM   916  C C   . PHE B 1 37  ? 6.463   -1.856  -9.848  1.00 43.90  ? 63  PHE A C   1 
ATOM   917  O O   . PHE B 1 37  ? 7.074   -1.687  -10.903 1.00 39.73  ? 63  PHE A O   1 
ATOM   918  C CB  . PHE B 1 37  ? 7.292   -0.291  -8.074  1.00 41.00  ? 63  PHE A CB  1 
ATOM   919  C CG  . PHE B 1 37  ? 8.066   -0.099  -6.786  1.00 41.56  ? 63  PHE A CG  1 
ATOM   920  C CD1 . PHE B 1 37  ? 8.497   1.170   -6.403  1.00 42.21  ? 63  PHE A CD1 1 
ATOM   921  C CD2 . PHE B 1 37  ? 8.348   -1.176  -5.950  1.00 37.76  ? 63  PHE A CD2 1 
ATOM   922  C CE1 . PHE B 1 37  ? 9.197   1.360   -5.214  1.00 36.88  ? 63  PHE A CE1 1 
ATOM   923  C CE2 . PHE B 1 37  ? 9.049   -0.996  -4.755  1.00 30.02  ? 63  PHE A CE2 1 
ATOM   924  C CZ  . PHE B 1 37  ? 9.473   0.273   -4.389  1.00 38.64  ? 63  PHE A CZ  1 
ATOM   925  N N   . HIS B 1 38  ? 5.175   -2.167  -9.804  1.00 49.71  ? 64  HIS A N   1 
ATOM   926  C CA  . HIS B 1 38  ? 4.399   -2.281  -11.026 1.00 44.89  ? 64  HIS A CA  1 
ATOM   927  C C   . HIS B 1 38  ? 3.231   -1.313  -11.022 1.00 47.50  ? 64  HIS A C   1 
ATOM   928  O O   . HIS B 1 38  ? 2.560   -1.124  -10.006 1.00 44.24  ? 64  HIS A O   1 
ATOM   929  C CB  . HIS B 1 38  ? 3.854   -3.694  -11.189 1.00 48.13  ? 64  HIS A CB  1 
ATOM   930  C CG  . HIS B 1 38  ? 4.894   -4.761  -11.077 1.00 56.84  ? 64  HIS A CG  1 
ATOM   931  N ND1 . HIS B 1 38  ? 5.941   -4.873  -11.966 1.00 52.16  ? 64  HIS A ND1 1 
ATOM   932  C CD2 . HIS B 1 38  ? 5.047   -5.765  -10.181 1.00 61.82  ? 64  HIS A CD2 1 
ATOM   933  C CE1 . HIS B 1 38  ? 6.697   -5.902  -11.621 1.00 58.07  ? 64  HIS A CE1 1 
ATOM   934  N NE2 . HIS B 1 38  ? 6.176   -6.459  -10.542 1.00 64.42  ? 64  HIS A NE2 1 
ATOM   935  N N   . CYS B 1 39  ? 3.015   -0.695  -12.174 1.00 52.77  ? 65  CYS A N   1 
ATOM   936  C CA  . CYS B 1 39  ? 1.915   0.229   -12.390 1.00 52.13  ? 65  CYS A CA  1 
ATOM   937  C C   . CYS B 1 39  ? 1.197   -0.347  -13.598 1.00 50.49  ? 65  CYS A C   1 
ATOM   938  O O   . CYS B 1 39  ? 1.809   -0.590  -14.638 1.00 51.18  ? 65  CYS A O   1 
ATOM   939  C CB  . CYS B 1 39  ? 2.437   1.643   -12.680 1.00 58.62  ? 65  CYS A CB  1 
ATOM   940  S SG  . CYS B 1 39  ? 2.728   2.625   -11.168 1.00 82.81  ? 65  CYS A SG  1 
ATOM   941  N N   . TYR B 1 40  ? -0.093  -0.608  -13.450 1.00 53.12  ? 66  TYR A N   1 
ATOM   942  C CA  . TYR B 1 40  ? -0.869  -1.168  -14.543 1.00 60.72  ? 66  TYR A CA  1 
ATOM   943  C C   . TYR B 1 40  ? -1.837  -0.117  -15.056 1.00 64.92  ? 66  TYR A C   1 
ATOM   944  O O   . TYR B 1 40  ? -2.406  0.634   -14.264 1.00 70.29  ? 66  TYR A O   1 
ATOM   945  C CB  . TYR B 1 40  ? -1.629  -2.400  -14.057 1.00 56.03  ? 66  TYR A CB  1 
ATOM   946  C CG  . TYR B 1 40  ? -0.758  -3.368  -13.288 1.00 64.70  ? 66  TYR A CG  1 
ATOM   947  C CD1 . TYR B 1 40  ? -0.451  -3.147  -11.946 1.00 65.13  ? 66  TYR A CD1 1 
ATOM   948  C CD2 . TYR B 1 40  ? -0.227  -4.499  -13.907 1.00 70.18  ? 66  TYR A CD2 1 
ATOM   949  C CE1 . TYR B 1 40  ? 0.364   -4.031  -11.240 1.00 74.49  ? 66  TYR A CE1 1 
ATOM   950  C CE2 . TYR B 1 40  ? 0.589   -5.387  -13.213 1.00 70.82  ? 66  TYR A CE2 1 
ATOM   951  C CZ  . TYR B 1 40  ? 0.882   -5.153  -11.881 1.00 77.55  ? 66  TYR A CZ  1 
ATOM   952  O OH  . TYR B 1 40  ? 1.684   -6.043  -11.190 1.00 84.24  ? 66  TYR A OH  1 
ATOM   953  N N   . THR B 1 41  ? -2.023  -0.049  -16.372 1.00 70.34  ? 67  THR A N   1 
ATOM   954  C CA  . THR B 1 41  ? -2.934  0.939   -16.938 1.00 79.73  ? 67  THR A CA  1 
ATOM   955  C C   . THR B 1 41  ? -3.235  0.769   -18.421 1.00 87.94  ? 67  THR A C   1 
ATOM   956  O O   . THR B 1 41  ? -2.338  0.866   -19.261 1.00 88.04  ? 67  THR A O   1 
ATOM   957  C CB  . THR B 1 41  ? -2.391  2.362   -16.734 1.00 78.78  ? 67  THR A CB  1 
ATOM   958  O OG1 . THR B 1 41  ? -3.260  3.301   -17.374 1.00 80.08  ? 67  THR A OG1 1 
ATOM   959  C CG2 . THR B 1 41  ? -0.997  2.486   -17.323 1.00 78.15  ? 67  THR A CG2 1 
ATOM   960  N N   . ASN B 1 42  ? -4.505  0.525   -18.742 1.00 97.81  ? 68  ASN A N   1 
ATOM   961  C CA  . ASN B 1 42  ? -4.907  0.375   -20.138 1.00 103.37 ? 68  ASN A CA  1 
ATOM   962  C C   . ASN B 1 42  ? -4.940  1.751   -20.818 1.00 104.72 ? 68  ASN A C   1 
ATOM   963  O O   . ASN B 1 42  ? -4.632  1.864   -22.004 1.00 105.77 ? 68  ASN A O   1 
ATOM   964  C CB  . ASN B 1 42  ? -6.265  -0.356  -20.254 1.00 100.12 ? 68  ASN A CB  1 
ATOM   965  C CG  . ASN B 1 42  ? -7.314  0.162   -19.277 1.00 105.13 ? 68  ASN A CG  1 
ATOM   966  O OD1 . ASN B 1 42  ? -7.073  0.247   -18.072 1.00 105.85 ? 68  ASN A OD1 1 
ATOM   967  N ND2 . ASN B 1 42  ? -8.494  0.491   -19.796 1.00 101.96 ? 68  ASN A ND2 1 
ATOM   968  N N   . HIS B 1 43  ? -5.297  2.795   -20.066 1.00 106.85 ? 69  HIS A N   1 
ATOM   969  C CA  . HIS B 1 43  ? -5.315  4.150   -20.620 1.00 103.17 ? 69  HIS A CA  1 
ATOM   970  C C   . HIS B 1 43  ? -3.835  4.427   -20.865 1.00 102.02 ? 69  HIS A C   1 
ATOM   971  O O   . HIS B 1 43  ? -3.104  4.720   -19.921 1.00 102.51 ? 69  HIS A O   1 
ATOM   972  C CB  . HIS B 1 43  ? -5.822  5.194   -19.604 1.00 104.53 ? 69  HIS A CB  1 
ATOM   973  C CG  . HIS B 1 43  ? -6.753  4.659   -18.553 1.00 110.65 ? 69  HIS A CG  1 
ATOM   974  N ND1 . HIS B 1 43  ? -8.065  4.323   -18.810 1.00 114.20 ? 69  HIS A ND1 1 
ATOM   975  C CD2 . HIS B 1 43  ? -6.567  4.449   -17.226 1.00 111.19 ? 69  HIS A CD2 1 
ATOM   976  C CE1 . HIS B 1 43  ? -8.648  3.934   -17.690 1.00 111.56 ? 69  HIS A CE1 1 
ATOM   977  N NE2 . HIS B 1 43  ? -7.760  4.001   -16.713 1.00 105.32 ? 69  HIS A NE2 1 
ATOM   978  N N   . SER B 1 44  ? -3.375  4.331   -22.108 1.00 102.85 ? 70  SER A N   1 
ATOM   979  C CA  . SER B 1 44  ? -1.956  4.567   -22.367 1.00 103.93 ? 70  SER A CA  1 
ATOM   980  C C   . SER B 1 44  ? -1.579  5.935   -22.941 1.00 99.66  ? 70  SER A C   1 
ATOM   981  O O   . SER B 1 44  ? -1.921  6.281   -24.074 1.00 94.95  ? 70  SER A O   1 
ATOM   982  C CB  . SER B 1 44  ? -1.376  3.453   -23.256 1.00 105.76 ? 70  SER A CB  1 
ATOM   983  O OG  . SER B 1 44  ? -2.388  2.618   -23.793 1.00 111.24 ? 70  SER A OG  1 
ATOM   984  N N   . GLY B 1 45  ? -0.868  6.704   -22.124 1.00 95.31  ? 71  GLY A N   1 
ATOM   985  C CA  . GLY B 1 45  ? -0.396  8.016   -22.515 1.00 90.61  ? 71  GLY A CA  1 
ATOM   986  C C   . GLY B 1 45  ? 1.095   7.999   -22.246 1.00 89.23  ? 71  GLY A C   1 
ATOM   987  O O   . GLY B 1 45  ? 1.799   7.112   -22.720 1.00 91.70  ? 71  GLY A O   1 
ATOM   988  N N   . ALA B 1 46  ? 1.586   8.963   -21.479 1.00 86.44  ? 72  ALA A N   1 
ATOM   989  C CA  . ALA B 1 46  ? 3.003   9.002   -21.151 1.00 79.12  ? 72  ALA A CA  1 
ATOM   990  C C   . ALA B 1 46  ? 3.128   8.694   -19.670 1.00 82.11  ? 72  ALA A C   1 
ATOM   991  O O   . ALA B 1 46  ? 2.605   9.434   -18.830 1.00 83.66  ? 72  ALA A O   1 
ATOM   992  C CB  . ALA B 1 46  ? 3.582   10.372  -21.454 1.00 75.82  ? 72  ALA A CB  1 
ATOM   993  N N   . LEU B 1 47  ? 3.809   7.595   -19.354 1.00 78.07  ? 73  LEU A N   1 
ATOM   994  C CA  . LEU B 1 47  ? 3.997   7.176   -17.966 1.00 69.31  ? 73  LEU A CA  1 
ATOM   995  C C   . LEU B 1 47  ? 5.372   7.592   -17.453 1.00 67.77  ? 73  LEU A C   1 
ATOM   996  O O   . LEU B 1 47  ? 6.333   7.663   -18.214 1.00 70.19  ? 73  LEU A O   1 
ATOM   997  C CB  . LEU B 1 47  ? 3.840   5.658   -17.856 1.00 62.86  ? 73  LEU A CB  1 
ATOM   998  C CG  . LEU B 1 47  ? 3.716   4.992   -16.480 1.00 60.02  ? 73  LEU A CG  1 
ATOM   999  C CD1 . LEU B 1 47  ? 5.022   5.068   -15.702 1.00 58.14  ? 73  LEU A CD1 1 
ATOM   1000 C CD2 . LEU B 1 47  ? 2.586   5.654   -15.728 1.00 57.12  ? 73  LEU A CD2 1 
ATOM   1001 N N   . THR B 1 48  ? 5.454   7.871   -16.157 1.00 67.73  ? 74  THR A N   1 
ATOM   1002 C CA  . THR B 1 48  ? 6.703   8.277   -15.526 1.00 63.35  ? 74  THR A CA  1 
ATOM   1003 C C   . THR B 1 48  ? 6.627   8.164   -14.009 1.00 59.27  ? 74  THR A C   1 
ATOM   1004 O O   . THR B 1 48  ? 5.612   8.486   -13.389 1.00 50.91  ? 74  THR A O   1 
ATOM   1005 C CB  . THR B 1 48  ? 7.072   9.724   -15.889 1.00 64.99  ? 74  THR A CB  1 
ATOM   1006 O OG1 . THR B 1 48  ? 5.876   10.475  -16.137 1.00 65.95  ? 74  THR A OG1 1 
ATOM   1007 C CG2 . THR B 1 48  ? 7.968   9.752   -17.114 1.00 66.34  ? 74  THR A CG2 1 
ATOM   1008 N N   . TRP B 1 49  ? 7.724   7.715   -13.417 1.00 55.33  ? 75  TRP A N   1 
ATOM   1009 C CA  . TRP B 1 49  ? 7.790   7.539   -11.981 1.00 47.49  ? 75  TRP A CA  1 
ATOM   1010 C C   . TRP B 1 49  ? 8.389   8.715   -11.235 1.00 46.15  ? 75  TRP A C   1 
ATOM   1011 O O   . TRP B 1 49  ? 9.171   9.493   -11.783 1.00 46.38  ? 75  TRP A O   1 
ATOM   1012 C CB  . TRP B 1 49  ? 8.601   6.293   -11.655 1.00 43.90  ? 75  TRP A CB  1 
ATOM   1013 C CG  . TRP B 1 49  ? 8.004   5.037   -12.188 1.00 47.48  ? 75  TRP A CG  1 
ATOM   1014 C CD1 . TRP B 1 49  ? 8.028   4.593   -13.478 1.00 42.33  ? 75  TRP A CD1 1 
ATOM   1015 C CD2 . TRP B 1 49  ? 7.310   4.041   -11.432 1.00 46.94  ? 75  TRP A CD2 1 
ATOM   1016 N NE1 . TRP B 1 49  ? 7.398   3.375   -13.573 1.00 35.23  ? 75  TRP A NE1 1 
ATOM   1017 C CE2 . TRP B 1 49  ? 6.947   3.012   -12.330 1.00 42.07  ? 75  TRP A CE2 1 
ATOM   1018 C CE3 . TRP B 1 49  ? 6.960   3.916   -10.079 1.00 46.22  ? 75  TRP A CE3 1 
ATOM   1019 C CZ2 . TRP B 1 49  ? 6.252   1.871   -11.918 1.00 48.46  ? 75  TRP A CZ2 1 
ATOM   1020 C CZ3 . TRP B 1 49  ? 6.270   2.781   -9.668  1.00 49.54  ? 75  TRP A CZ3 1 
ATOM   1021 C CH2 . TRP B 1 49  ? 5.925   1.772   -10.587 1.00 51.59  ? 75  TRP A CH2 1 
ATOM   1022 N N   . PHE B 1 50  ? 8.014   8.816   -9.965  1.00 43.62  ? 76  PHE A N   1 
ATOM   1023 C CA  . PHE B 1 50  ? 8.503   9.860   -9.083  1.00 36.72  ? 76  PHE A CA  1 
ATOM   1024 C C   . PHE B 1 50  ? 8.861   9.287   -7.721  1.00 39.02  ? 76  PHE A C   1 
ATOM   1025 O O   . PHE B 1 50  ? 8.426   8.195   -7.356  1.00 36.78  ? 76  PHE A O   1 
ATOM   1026 C CB  . PHE B 1 50  ? 7.441   10.932  -8.884  1.00 32.17  ? 76  PHE A CB  1 
ATOM   1027 C CG  . PHE B 1 50  ? 7.120   11.698  -10.118 1.00 38.49  ? 76  PHE A CG  1 
ATOM   1028 C CD1 . PHE B 1 50  ? 6.387   11.113  -11.143 1.00 42.49  ? 76  PHE A CD1 1 
ATOM   1029 C CD2 . PHE B 1 50  ? 7.564   13.008  -10.269 1.00 34.65  ? 76  PHE A CD2 1 
ATOM   1030 C CE1 . PHE B 1 50  ? 6.103   11.824  -12.307 1.00 41.14  ? 76  PHE A CE1 1 
ATOM   1031 C CE2 . PHE B 1 50  ? 7.285   13.721  -11.426 1.00 27.28  ? 76  PHE A CE2 1 
ATOM   1032 C CZ  . PHE B 1 50  ? 6.553   13.128  -12.445 1.00 27.42  ? 76  PHE A CZ  1 
ATOM   1033 N N   . ARG B 1 51  ? 9.666   10.030  -6.975  1.00 42.41  ? 77  ARG A N   1 
ATOM   1034 C CA  . ARG B 1 51  ? 10.036  9.618   -5.635  1.00 42.49  ? 77  ARG A CA  1 
ATOM   1035 C C   . ARG B 1 51  ? 9.881   10.797  -4.686  1.00 45.66  ? 77  ARG A C   1 
ATOM   1036 O O   . ARG B 1 51  ? 10.455  11.870  -4.902  1.00 41.54  ? 77  ARG A O   1 
ATOM   1037 C CB  . ARG B 1 51  ? 11.472  9.122   -5.562  1.00 39.17  ? 77  ARG A CB  1 
ATOM   1038 C CG  . ARG B 1 51  ? 11.885  8.871   -4.120  1.00 52.29  ? 77  ARG A CG  1 
ATOM   1039 C CD  . ARG B 1 51  ? 13.305  9.316   -3.838  1.00 61.22  ? 77  ARG A CD  1 
ATOM   1040 N NE  . ARG B 1 51  ? 14.277  8.311   -4.252  1.00 65.72  ? 77  ARG A NE  1 
ATOM   1041 C CZ  . ARG B 1 51  ? 15.274  8.538   -5.099  1.00 60.16  ? 77  ARG A CZ  1 
ATOM   1042 N NH1 . ARG B 1 51  ? 15.434  9.747   -5.631  1.00 52.33  ? 77  ARG A NH1 1 
ATOM   1043 N NH2 . ARG B 1 51  ? 16.111  7.555   -5.403  1.00 48.47  ? 77  ARG A NH2 1 
ATOM   1044 N N   . LYS B 1 52  ? 9.101   10.582  -3.633  1.00 46.26  ? 78  LYS A N   1 
ATOM   1045 C CA  . LYS B 1 52  ? 8.855   11.605  -2.635  1.00 35.43  ? 78  LYS A CA  1 
ATOM   1046 C C   . LYS B 1 52  ? 9.477   11.193  -1.312  1.00 36.43  ? 78  LYS A C   1 
ATOM   1047 O O   . LYS B 1 52  ? 9.286   10.075  -0.838  1.00 33.95  ? 78  LYS A O   1 
ATOM   1048 C CB  . LYS B 1 52  ? 7.349   11.819  -2.457  1.00 25.71  ? 78  LYS A CB  1 
ATOM   1049 C CG  . LYS B 1 52  ? 6.976   12.879  -1.426  1.00 30.73  ? 78  LYS A CG  1 
ATOM   1050 C CD  . LYS B 1 52  ? 5.464   13.074  -1.346  1.00 21.22  ? 78  LYS A CD  1 
ATOM   1051 C CE  . LYS B 1 52  ? 5.066   13.986  -0.195  1.00 26.62  ? 78  LYS A CE  1 
ATOM   1052 N NZ  . LYS B 1 52  ? 5.480   15.402  -0.388  1.00 37.60  ? 78  LYS A NZ  1 
ATOM   1053 N N   . ARG B 1 53  ? 10.251  12.105  -0.740  1.00 41.05  ? 79  ARG A N   1 
ATOM   1054 C CA  . ARG B 1 53  ? 10.882  11.876  0.548   1.00 45.86  ? 79  ARG A CA  1 
ATOM   1055 C C   . ARG B 1 53  ? 10.171  12.793  1.544   1.00 46.44  ? 79  ARG A C   1 
ATOM   1056 O O   . ARG B 1 53  ? 10.200  14.019  1.405   1.00 43.32  ? 79  ARG A O   1 
ATOM   1057 C CB  . ARG B 1 53  ? 12.375  12.235  0.511   1.00 54.96  ? 79  ARG A CB  1 
ATOM   1058 C CG  . ARG B 1 53  ? 13.267  11.401  -0.416  1.00 65.53  ? 79  ARG A CG  1 
ATOM   1059 C CD  . ARG B 1 53  ? 14.746  11.723  -0.136  1.00 61.65  ? 79  ARG A CD  1 
ATOM   1060 N NE  . ARG B 1 53  ? 15.695  11.093  -1.059  1.00 61.85  ? 79  ARG A NE  1 
ATOM   1061 C CZ  . ARG B 1 53  ? 15.892  11.470  -2.320  1.00 60.05  ? 79  ARG A CZ  1 
ATOM   1062 N NH1 . ARG B 1 53  ? 15.202  12.484  -2.834  1.00 68.67  ? 79  ARG A NH1 1 
ATOM   1063 N NH2 . ARG B 1 53  ? 16.795  10.845  -3.065  1.00 43.14  ? 79  ARG A NH2 1 
ATOM   1064 N N   . GLY B 1 54  ? 9.515   12.194  2.532   1.00 41.29  ? 80  GLY A N   1 
ATOM   1065 C CA  . GLY B 1 54  ? 8.819   12.972  3.539   1.00 42.32  ? 80  GLY A CA  1 
ATOM   1066 C C   . GLY B 1 54  ? 7.808   13.976  3.021   1.00 47.69  ? 80  GLY A C   1 
ATOM   1067 O O   . GLY B 1 54  ? 6.834   13.619  2.355   1.00 54.55  ? 80  GLY A O   1 
ATOM   1068 N N   . SER B 1 55  ? 8.042   15.243  3.338   1.00 47.24  ? 81  SER A N   1 
ATOM   1069 C CA  . SER B 1 55  ? 7.152   16.318  2.926   1.00 57.30  ? 81  SER A CA  1 
ATOM   1070 C C   . SER B 1 55  ? 7.742   17.210  1.830   1.00 58.65  ? 81  SER A C   1 
ATOM   1071 O O   . SER B 1 55  ? 7.243   18.312  1.568   1.00 56.12  ? 81  SER A O   1 
ATOM   1072 C CB  . SER B 1 55  ? 6.775   17.155  4.150   1.00 61.24  ? 81  SER A CB  1 
ATOM   1073 O OG  . SER B 1 55  ? 7.805   17.122  5.123   1.00 65.75  ? 81  SER A OG  1 
ATOM   1074 N N   . GLN B 1 56  ? 8.793   16.716  1.184   1.00 58.53  ? 82  GLN A N   1 
ATOM   1075 C CA  . GLN B 1 56  ? 9.462   17.448  0.115   1.00 54.86  ? 82  GLN A CA  1 
ATOM   1076 C C   . GLN B 1 56  ? 8.749   17.247  -1.216  1.00 54.42  ? 82  GLN A C   1 
ATOM   1077 O O   . GLN B 1 56  ? 7.911   16.355  -1.355  1.00 56.22  ? 82  GLN A O   1 
ATOM   1078 C CB  . GLN B 1 56  ? 10.905  16.978  0.010   1.00 50.72  ? 82  GLN A CB  1 
ATOM   1079 C CG  . GLN B 1 56  ? 11.696  17.218  1.277   1.00 55.96  ? 82  GLN A CG  1 
ATOM   1080 C CD  . GLN B 1 56  ? 12.933  16.354  1.356   1.00 63.72  ? 82  GLN A CD  1 
ATOM   1081 O OE1 . GLN B 1 56  ? 13.777  16.369  0.455   1.00 61.95  ? 82  GLN A OE1 1 
ATOM   1082 N NE2 . GLN B 1 56  ? 13.048  15.588  2.438   1.00 66.21  ? 82  GLN A NE2 1 
ATOM   1083 N N   . GLN B 1 57  ? 9.079   18.079  -2.195  1.00 47.74  ? 83  GLN A N   1 
ATOM   1084 C CA  . GLN B 1 57  ? 8.446   17.974  -3.501  1.00 49.13  ? 83  GLN A CA  1 
ATOM   1085 C C   . GLN B 1 57  ? 8.949   16.723  -4.238  1.00 50.93  ? 83  GLN A C   1 
ATOM   1086 O O   . GLN B 1 57  ? 10.139  16.411  -4.217  1.00 47.59  ? 83  GLN A O   1 
ATOM   1087 C CB  . GLN B 1 57  ? 8.742   19.236  -4.320  1.00 44.11  ? 83  GLN A CB  1 
ATOM   1088 C CG  . GLN B 1 57  ? 7.932   19.392  -5.603  1.00 48.12  ? 83  GLN A CG  1 
ATOM   1089 C CD  . GLN B 1 57  ? 6.528   19.918  -5.360  1.00 57.28  ? 83  GLN A CD  1 
ATOM   1090 O OE1 . GLN B 1 57  ? 6.347   20.966  -4.740  1.00 65.00  ? 83  GLN A OE1 1 
ATOM   1091 N NE2 . GLN B 1 57  ? 5.528   19.198  -5.858  1.00 59.28  ? 83  GLN A NE2 1 
ATOM   1092 N N   . PRO B 1 58  ? 8.037   15.972  -4.877  1.00 53.49  ? 84  PRO A N   1 
ATOM   1093 C CA  . PRO B 1 58  ? 8.419   14.762  -5.611  1.00 56.09  ? 84  PRO A CA  1 
ATOM   1094 C C   . PRO B 1 58  ? 9.370   15.005  -6.788  1.00 57.09  ? 84  PRO A C   1 
ATOM   1095 O O   . PRO B 1 58  ? 9.112   15.852  -7.647  1.00 51.57  ? 84  PRO A O   1 
ATOM   1096 C CB  . PRO B 1 58  ? 7.075   14.205  -6.072  1.00 47.61  ? 84  PRO A CB  1 
ATOM   1097 C CG  . PRO B 1 58  ? 6.170   14.594  -4.960  1.00 47.54  ? 84  PRO A CG  1 
ATOM   1098 C CD  . PRO B 1 58  ? 6.573   16.029  -4.709  1.00 50.90  ? 84  PRO A CD  1 
ATOM   1099 N N   . GLN B 1 59  ? 10.467  14.253  -6.814  1.00 58.02  ? 85  GLN A N   1 
ATOM   1100 C CA  . GLN B 1 59  ? 11.447  14.354  -7.886  1.00 53.30  ? 85  GLN A CA  1 
ATOM   1101 C C   . GLN B 1 59  ? 11.253  13.208  -8.872  1.00 54.66  ? 85  GLN A C   1 
ATOM   1102 O O   . GLN B 1 59  ? 11.208  12.040  -8.484  1.00 52.83  ? 85  GLN A O   1 
ATOM   1103 C CB  . GLN B 1 59  ? 12.863  14.327  -7.315  1.00 45.20  ? 85  GLN A CB  1 
ATOM   1104 C CG  . GLN B 1 59  ? 13.332  15.671  -6.789  1.00 61.68  ? 85  GLN A CG  1 
ATOM   1105 C CD  . GLN B 1 59  ? 14.241  15.541  -5.580  1.00 73.71  ? 85  GLN A CD  1 
ATOM   1106 O OE1 . GLN B 1 59  ? 15.218  14.787  -5.601  1.00 81.61  ? 85  GLN A OE1 1 
ATOM   1107 N NE2 . GLN B 1 59  ? 13.926  16.281  -4.520  1.00 60.89  ? 85  GLN A NE2 1 
ATOM   1108 N N   . GLU B 1 60  ? 11.126  13.560  -10.147 1.00 54.77  ? 86  GLU A N   1 
ATOM   1109 C CA  . GLU B 1 60  ? 10.938  12.591  -11.215 1.00 57.37  ? 86  GLU A CA  1 
ATOM   1110 C C   . GLU B 1 60  ? 12.157  11.685  -11.375 1.00 62.43  ? 86  GLU A C   1 
ATOM   1111 O O   . GLU B 1 60  ? 13.298  12.148  -11.386 1.00 63.60  ? 86  GLU A O   1 
ATOM   1112 C CB  . GLU B 1 60  ? 10.659  13.329  -12.519 1.00 57.81  ? 86  GLU A CB  1 
ATOM   1113 C CG  . GLU B 1 60  ? 10.662  12.451  -13.742 1.00 66.58  ? 86  GLU A CG  1 
ATOM   1114 C CD  . GLU B 1 60  ? 10.292  13.220  -14.984 1.00 74.00  ? 86  GLU A CD  1 
ATOM   1115 O OE1 . GLU B 1 60  ? 10.807  14.347  -15.153 1.00 81.74  ? 86  GLU A OE1 1 
ATOM   1116 O OE2 . GLU B 1 60  ? 9.494   12.700  -15.791 1.00 77.57  ? 86  GLU A OE2 1 
ATOM   1117 N N   . LEU B 1 61  ? 11.910  10.390  -11.512 1.00 66.81  ? 87  LEU A N   1 
ATOM   1118 C CA  . LEU B 1 61  ? 12.991  9.426   -11.651 1.00 71.07  ? 87  LEU A CA  1 
ATOM   1119 C C   . LEU B 1 61  ? 13.592  9.326   -13.049 1.00 74.56  ? 87  LEU A C   1 
ATOM   1120 O O   . LEU B 1 61  ? 12.895  9.437   -14.058 1.00 71.25  ? 87  LEU A O   1 
ATOM   1121 C CB  . LEU B 1 61  ? 12.509  8.044   -11.207 1.00 68.13  ? 87  LEU A CB  1 
ATOM   1122 C CG  . LEU B 1 61  ? 12.165  7.927   -9.721  1.00 59.74  ? 87  LEU A CG  1 
ATOM   1123 C CD1 . LEU B 1 61  ? 11.587  6.560   -9.420  1.00 53.13  ? 87  LEU A CD1 1 
ATOM   1124 C CD2 . LEU B 1 61  ? 13.416  8.166   -8.909  1.00 56.13  ? 87  LEU A CD2 1 
ATOM   1125 N N   . VAL B 1 62  ? 14.905  9.120   -13.083 1.00 81.25  ? 88  VAL A N   1 
ATOM   1126 C CA  . VAL B 1 62  ? 15.647  8.969   -14.329 1.00 84.51  ? 88  VAL A CA  1 
ATOM   1127 C C   . VAL B 1 62  ? 16.596  7.775   -14.179 1.00 84.64  ? 88  VAL A C   1 
ATOM   1128 O O   . VAL B 1 62  ? 17.274  7.632   -13.156 1.00 85.18  ? 88  VAL A O   1 
ATOM   1129 C CB  . VAL B 1 62  ? 16.449  10.261  -14.684 1.00 81.81  ? 88  VAL A CB  1 
ATOM   1130 C CG1 . VAL B 1 62  ? 15.490  11.354  -15.143 1.00 69.15  ? 88  VAL A CG1 1 
ATOM   1131 C CG2 . VAL B 1 62  ? 17.254  10.734  -13.480 1.00 72.27  ? 88  VAL A CG2 1 
ATOM   1132 N N   . SER B 1 63  ? 16.622  6.916   -15.194 1.00 77.43  ? 89  SER A N   1 
ATOM   1133 C CA  . SER B 1 63  ? 17.455  5.719   -15.181 1.00 71.85  ? 89  SER A CA  1 
ATOM   1134 C C   . SER B 1 63  ? 18.907  5.974   -14.775 1.00 70.51  ? 89  SER A C   1 
ATOM   1135 O O   . SER B 1 63  ? 19.730  6.399   -15.582 1.00 69.39  ? 89  SER A O   1 
ATOM   1136 C CB  . SER B 1 63  ? 17.396  5.039   -16.553 1.00 72.16  ? 89  SER A CB  1 
ATOM   1137 O OG  . SER B 1 63  ? 16.063  4.653   -16.861 1.00 57.90  ? 89  SER A OG  1 
ATOM   1138 N N   . GLY B 1 66  ? 22.643  1.430   -14.299 1.00 77.88  ? 92  GLY A N   1 
ATOM   1139 C CA  . GLY B 1 66  ? 22.502  0.221   -13.507 1.00 81.78  ? 92  GLY A CA  1 
ATOM   1140 C C   . GLY B 1 66  ? 22.029  0.501   -12.092 1.00 83.41  ? 92  GLY A C   1 
ATOM   1141 O O   . GLY B 1 66  ? 22.389  -0.217  -11.153 1.00 79.01  ? 92  GLY A O   1 
ATOM   1142 N N   . ARG B 1 67  ? 21.212  1.541   -11.939 1.00 83.16  ? 93  ARG A N   1 
ATOM   1143 C CA  . ARG B 1 67  ? 20.691  1.933   -10.629 1.00 74.59  ? 93  ARG A CA  1 
ATOM   1144 C C   . ARG B 1 67  ? 19.164  1.994   -10.631 1.00 68.93  ? 93  ARG A C   1 
ATOM   1145 O O   . ARG B 1 67  ? 18.504  1.487   -9.721  1.00 65.59  ? 93  ARG A O   1 
ATOM   1146 C CB  . ARG B 1 67  ? 21.254  3.299   -10.238 1.00 70.77  ? 93  ARG A CB  1 
ATOM   1147 C CG  . ARG B 1 67  ? 21.107  3.635   -8.770  1.00 67.33  ? 93  ARG A CG  1 
ATOM   1148 C CD  . ARG B 1 67  ? 21.848  2.627   -7.905  1.00 65.78  ? 93  ARG A CD  1 
ATOM   1149 N NE  . ARG B 1 67  ? 21.925  3.059   -6.513  1.00 61.93  ? 93  ARG A NE  1 
ATOM   1150 C CZ  . ARG B 1 67  ? 20.874  3.217   -5.714  1.00 65.11  ? 93  ARG A CZ  1 
ATOM   1151 N NH1 . ARG B 1 67  ? 19.650  2.977   -6.159  1.00 65.43  ? 93  ARG A NH1 1 
ATOM   1152 N NH2 . ARG B 1 67  ? 21.048  3.627   -4.468  1.00 73.21  ? 93  ARG A NH2 1 
ATOM   1153 N N   . ILE B 1 68  ? 18.607  2.624   -11.656 1.00 62.68  ? 94  ILE A N   1 
ATOM   1154 C CA  . ILE B 1 68  ? 17.164  2.743   -11.775 1.00 55.84  ? 94  ILE A CA  1 
ATOM   1155 C C   . ILE B 1 68  ? 16.708  2.377   -13.182 1.00 54.03  ? 94  ILE A C   1 
ATOM   1156 O O   . ILE B 1 68  ? 17.013  3.069   -14.149 1.00 58.08  ? 94  ILE A O   1 
ATOM   1157 C CB  . ILE B 1 68  ? 16.706  4.165   -11.415 1.00 51.02  ? 94  ILE A CB  1 
ATOM   1158 C CG1 . ILE B 1 68  ? 16.992  4.422   -9.931  1.00 44.35  ? 94  ILE A CG1 1 
ATOM   1159 C CG2 . ILE B 1 68  ? 15.225  4.337   -11.721 1.00 55.69  ? 94  ILE A CG2 1 
ATOM   1160 C CD1 . ILE B 1 68  ? 16.472  5.746   -9.414  1.00 43.82  ? 94  ILE A CD1 1 
ATOM   1161 N N   . VAL B 1 69  ? 15.969  1.279   -13.283 1.00 52.50  ? 95  VAL A N   1 
ATOM   1162 C CA  . VAL B 1 69  ? 15.493  0.798   -14.565 1.00 56.36  ? 95  VAL A CA  1 
ATOM   1163 C C   . VAL B 1 69  ? 13.987  0.856   -14.726 1.00 62.98  ? 95  VAL A C   1 
ATOM   1164 O O   . VAL B 1 69  ? 13.241  0.235   -13.965 1.00 64.65  ? 95  VAL A O   1 
ATOM   1165 C CB  . VAL B 1 69  ? 15.943  -0.647  -14.798 1.00 54.70  ? 95  VAL A CB  1 
ATOM   1166 C CG1 . VAL B 1 69  ? 15.203  -1.237  -15.987 1.00 56.45  ? 95  VAL A CG1 1 
ATOM   1167 C CG2 . VAL B 1 69  ? 17.438  -0.680  -15.034 1.00 52.91  ? 95  VAL A CG2 1 
ATOM   1168 N N   . GLN B 1 70  ? 13.552  1.588   -15.745 1.00 63.63  ? 96  GLN A N   1 
ATOM   1169 C CA  . GLN B 1 70  ? 12.135  1.733   -16.035 1.00 64.37  ? 96  GLN A CA  1 
ATOM   1170 C C   . GLN B 1 70  ? 11.810  0.983   -17.322 1.00 64.81  ? 96  GLN A C   1 
ATOM   1171 O O   . GLN B 1 70  ? 12.440  1.209   -18.353 1.00 70.53  ? 96  GLN A O   1 
ATOM   1172 C CB  . GLN B 1 70  ? 11.803  3.212   -16.179 1.00 64.80  ? 96  GLN A CB  1 
ATOM   1173 C CG  . GLN B 1 70  ? 12.335  4.041   -15.035 1.00 65.34  ? 96  GLN A CG  1 
ATOM   1174 C CD  . GLN B 1 70  ? 12.166  5.513   -15.276 1.00 71.78  ? 96  GLN A CD  1 
ATOM   1175 O OE1 . GLN B 1 70  ? 11.044  6.017   -15.359 1.00 68.29  ? 96  GLN A OE1 1 
ATOM   1176 N NE2 . GLN B 1 70  ? 13.286  6.222   -15.401 1.00 78.60  ? 96  GLN A NE2 1 
ATOM   1177 N N   . THR B 1 71  ? 10.829  0.091   -17.262 1.00 65.19  ? 97  THR A N   1 
ATOM   1178 C CA  . THR B 1 71  ? 10.451  -0.694  -18.432 1.00 64.30  ? 97  THR A CA  1 
ATOM   1179 C C   . THR B 1 71  ? 8.938   -0.715  -18.661 1.00 69.66  ? 97  THR A C   1 
ATOM   1180 O O   . THR B 1 71  ? 8.167   -0.129  -17.895 1.00 68.48  ? 97  THR A O   1 
ATOM   1181 C CB  . THR B 1 71  ? 10.945  -2.158  -18.299 1.00 59.89  ? 97  THR A CB  1 
ATOM   1182 O OG1 . THR B 1 71  ? 9.878   -2.988  -17.823 1.00 53.98  ? 97  THR A OG1 1 
ATOM   1183 C CG2 . THR B 1 71  ? 12.108  -2.240  -17.311 1.00 56.48  ? 97  THR A CG2 1 
ATOM   1184 N N   . GLN B 1 72  ? 8.524   -1.392  -19.727 1.00 71.98  ? 98  GLN A N   1 
ATOM   1185 C CA  . GLN B 1 72  ? 7.114   -1.508  -20.059 1.00 72.68  ? 98  GLN A CA  1 
ATOM   1186 C C   . GLN B 1 72  ? 6.867   -2.807  -20.808 1.00 75.04  ? 98  GLN A C   1 
ATOM   1187 O O   . GLN B 1 72  ? 7.734   -3.286  -21.537 1.00 75.86  ? 98  GLN A O   1 
ATOM   1188 C CB  . GLN B 1 72  ? 6.663   -0.343  -20.937 1.00 73.09  ? 98  GLN A CB  1 
ATOM   1189 C CG  . GLN B 1 72  ? 5.154   -0.317  -21.149 1.00 82.34  ? 98  GLN A CG  1 
ATOM   1190 C CD  . GLN B 1 72  ? 4.744   0.325   -22.460 1.00 81.98  ? 98  GLN A CD  1 
ATOM   1191 O OE1 . GLN B 1 72  ? 5.082   1.476   -22.744 1.00 82.79  ? 98  GLN A OE1 1 
ATOM   1192 N NE2 . GLN B 1 72  ? 4.007   -0.424  -23.269 1.00 86.27  ? 98  GLN A NE2 1 
ATOM   1193 N N   . ASN B 1 73  ? 5.672   -3.362  -20.627 1.00 78.21  ? 99  ASN A N   1 
ATOM   1194 C CA  . ASN B 1 73  ? 5.263   -4.604  -21.276 1.00 78.73  ? 99  ASN A CA  1 
ATOM   1195 C C   . ASN B 1 73  ? 3.740   -4.646  -21.283 1.00 76.58  ? 99  ASN A C   1 
ATOM   1196 O O   . ASN B 1 73  ? 3.133   -5.176  -20.351 1.00 81.91  ? 99  ASN A O   1 
ATOM   1197 C CB  . ASN B 1 73  ? 5.800   -5.813  -20.504 1.00 87.58  ? 99  ASN A CB  1 
ATOM   1198 C CG  . ASN B 1 73  ? 7.310   -5.967  -20.626 1.00 99.80  ? 99  ASN A CG  1 
ATOM   1199 O OD1 . ASN B 1 73  ? 7.838   -6.174  -21.721 1.00 102.22 ? 99  ASN A OD1 1 
ATOM   1200 N ND2 . ASN B 1 73  ? 8.013   -5.872  -19.497 1.00 100.77 ? 99  ASN A ND2 1 
ATOM   1201 N N   . GLY B 1 74  ? 3.125   -4.092  -22.326 1.00 66.72  ? 100 GLY A N   1 
ATOM   1202 C CA  . GLY B 1 74  ? 1.673   -4.073  -22.393 1.00 63.73  ? 100 GLY A CA  1 
ATOM   1203 C C   . GLY B 1 74  ? 1.169   -2.996  -21.457 1.00 65.90  ? 100 GLY A C   1 
ATOM   1204 O O   . GLY B 1 74  ? 1.714   -1.890  -21.447 1.00 69.02  ? 100 GLY A O   1 
ATOM   1205 N N   . SER B 1 75  ? 0.142   -3.299  -20.665 1.00 67.73  ? 101 SER A N   1 
ATOM   1206 C CA  . SER B 1 75  ? -0.397  -2.322  -19.710 1.00 72.59  ? 101 SER A CA  1 
ATOM   1207 C C   . SER B 1 75  ? 0.439   -2.269  -18.429 1.00 71.99  ? 101 SER A C   1 
ATOM   1208 O O   . SER B 1 75  ? 0.104   -1.543  -17.491 1.00 72.27  ? 101 SER A O   1 
ATOM   1209 C CB  . SER B 1 75  ? -1.846  -2.659  -19.341 1.00 67.69  ? 101 SER A CB  1 
ATOM   1210 O OG  . SER B 1 75  ? -2.721  -2.452  -20.434 1.00 77.81  ? 101 SER A OG  1 
ATOM   1211 N N   . VAL B 1 76  ? 1.526   -3.038  -18.404 1.00 69.51  ? 102 VAL A N   1 
ATOM   1212 C CA  . VAL B 1 76  ? 2.411   -3.106  -17.244 1.00 69.03  ? 102 VAL A CA  1 
ATOM   1213 C C   . VAL B 1 76  ? 3.672   -2.258  -17.387 1.00 68.74  ? 102 VAL A C   1 
ATOM   1214 O O   . VAL B 1 76  ? 4.371   -2.330  -18.400 1.00 72.32  ? 102 VAL A O   1 
ATOM   1215 C CB  . VAL B 1 76  ? 2.850   -4.557  -16.974 1.00 68.32  ? 102 VAL A CB  1 
ATOM   1216 C CG1 . VAL B 1 76  ? 3.730   -4.613  -15.731 1.00 68.37  ? 102 VAL A CG1 1 
ATOM   1217 C CG2 . VAL B 1 76  ? 1.628   -5.442  -16.814 1.00 71.52  ? 102 VAL A CG2 1 
ATOM   1218 N N   . TYR B 1 77  ? 3.959   -1.460  -16.363 1.00 58.10  ? 103 TYR A N   1 
ATOM   1219 C CA  . TYR B 1 77  ? 5.144   -0.612  -16.355 1.00 55.78  ? 103 TYR A CA  1 
ATOM   1220 C C   . TYR B 1 77  ? 5.897   -0.982  -15.086 1.00 48.88  ? 103 TYR A C   1 
ATOM   1221 O O   . TYR B 1 77  ? 5.313   -0.998  -14.007 1.00 46.82  ? 103 TYR A O   1 
ATOM   1222 C CB  . TYR B 1 77  ? 4.742   0.867   -16.348 1.00 63.44  ? 103 TYR A CB  1 
ATOM   1223 C CG  . TYR B 1 77  ? 3.899   1.278   -17.547 1.00 67.18  ? 103 TYR A CG  1 
ATOM   1224 C CD1 . TYR B 1 77  ? 2.628   0.733   -17.754 1.00 68.38  ? 103 TYR A CD1 1 
ATOM   1225 C CD2 . TYR B 1 77  ? 4.368   2.218   -18.471 1.00 62.08  ? 103 TYR A CD2 1 
ATOM   1226 C CE1 . TYR B 1 77  ? 1.844   1.113   -18.848 1.00 65.74  ? 103 TYR A CE1 1 
ATOM   1227 C CE2 . TYR B 1 77  ? 3.590   2.606   -19.569 1.00 58.82  ? 103 TYR A CE2 1 
ATOM   1228 C CZ  . TYR B 1 77  ? 2.329   2.049   -19.747 1.00 66.76  ? 103 TYR A CZ  1 
ATOM   1229 O OH  . TYR B 1 77  ? 1.544   2.443   -20.809 1.00 72.80  ? 103 TYR A OH  1 
ATOM   1230 N N   . THR B 1 78  ? 7.186   -1.279  -15.208 1.00 46.39  ? 104 THR A N   1 
ATOM   1231 C CA  . THR B 1 78  ? 7.961   -1.707  -14.047 1.00 49.39  ? 104 THR A CA  1 
ATOM   1232 C C   . THR B 1 78  ? 9.156   -0.863  -13.639 1.00 48.37  ? 104 THR A C   1 
ATOM   1233 O O   . THR B 1 78  ? 10.076  -0.639  -14.427 1.00 54.71  ? 104 THR A O   1 
ATOM   1234 C CB  . THR B 1 78  ? 8.481   -3.169  -14.231 1.00 53.63  ? 104 THR A CB  1 
ATOM   1235 O OG1 . THR B 1 78  ? 7.374   -4.063  -14.422 1.00 58.72  ? 104 THR A OG1 1 
ATOM   1236 C CG2 . THR B 1 78  ? 9.286   -3.614  -13.007 1.00 46.07  ? 104 THR A CG2 1 
ATOM   1237 N N   . LEU B 1 79  ? 9.148   -0.410  -12.390 1.00 47.20  ? 105 LEU A N   1 
ATOM   1238 C CA  . LEU B 1 79  ? 10.272  0.354   -11.864 1.00 46.39  ? 105 LEU A CA  1 
ATOM   1239 C C   . LEU B 1 79  ? 11.165  -0.653  -11.137 1.00 44.54  ? 105 LEU A C   1 
ATOM   1240 O O   . LEU B 1 79  ? 10.682  -1.510  -10.391 1.00 44.97  ? 105 LEU A O   1 
ATOM   1241 C CB  . LEU B 1 79  ? 9.812   1.430   -10.877 1.00 46.68  ? 105 LEU A CB  1 
ATOM   1242 C CG  . LEU B 1 79  ? 10.969  2.220   -10.243 1.00 41.80  ? 105 LEU A CG  1 
ATOM   1243 C CD1 . LEU B 1 79  ? 11.615  3.084   -11.307 1.00 40.65  ? 105 LEU A CD1 1 
ATOM   1244 C CD2 . LEU B 1 79  ? 10.476  3.078   -9.091  1.00 32.90  ? 105 LEU A CD2 1 
ATOM   1245 N N   . THR B 1 80  ? 12.465  -0.557  -11.361 1.00 36.50  ? 106 THR A N   1 
ATOM   1246 C CA  . THR B 1 80  ? 13.387  -1.469  -10.724 1.00 34.99  ? 106 THR A CA  1 
ATOM   1247 C C   . THR B 1 80  ? 14.444  -0.665  -9.997  1.00 44.26  ? 106 THR A C   1 
ATOM   1248 O O   . THR B 1 80  ? 14.989  0.294   -10.544 1.00 42.91  ? 106 THR A O   1 
ATOM   1249 C CB  . THR B 1 80  ? 14.061  -2.365  -11.757 1.00 33.26  ? 106 THR A CB  1 
ATOM   1250 O OG1 . THR B 1 80  ? 13.068  -2.882  -12.655 1.00 39.02  ? 106 THR A OG1 1 
ATOM   1251 C CG2 . THR B 1 80  ? 14.765  -3.510  -11.071 1.00 16.30  ? 106 THR A CG2 1 
ATOM   1252 N N   . ILE B 1 81  ? 14.717  -1.048  -8.753  1.00 48.96  ? 107 ILE A N   1 
ATOM   1253 C CA  . ILE B 1 81  ? 15.718  -0.366  -7.945  1.00 50.08  ? 107 ILE A CA  1 
ATOM   1254 C C   . ILE B 1 81  ? 16.767  -1.378  -7.522  1.00 51.89  ? 107 ILE A C   1 
ATOM   1255 O O   . ILE B 1 81  ? 16.470  -2.319  -6.792  1.00 51.96  ? 107 ILE A O   1 
ATOM   1256 C CB  . ILE B 1 81  ? 15.094  0.275   -6.685  1.00 48.94  ? 107 ILE A CB  1 
ATOM   1257 C CG1 . ILE B 1 81  ? 14.005  1.271   -7.091  1.00 44.30  ? 107 ILE A CG1 1 
ATOM   1258 C CG2 . ILE B 1 81  ? 16.170  0.993   -5.879  1.00 49.35  ? 107 ILE A CG2 1 
ATOM   1259 C CD1 . ILE B 1 81  ? 13.263  1.890   -5.930  1.00 40.26  ? 107 ILE A CD1 1 
ATOM   1260 N N   . GLN B 1 82  ? 17.991  -1.179  -7.998  1.00 56.52  ? 108 GLN A N   1 
ATOM   1261 C CA  . GLN B 1 82  ? 19.102  -2.067  -7.685  1.00 57.25  ? 108 GLN A CA  1 
ATOM   1262 C C   . GLN B 1 82  ? 20.023  -1.474  -6.618  1.00 54.88  ? 108 GLN A C   1 
ATOM   1263 O O   . GLN B 1 82  ? 20.096  -0.256  -6.459  1.00 54.68  ? 108 GLN A O   1 
ATOM   1264 C CB  . GLN B 1 82  ? 19.886  -2.358  -8.963  1.00 57.72  ? 108 GLN A CB  1 
ATOM   1265 C CG  . GLN B 1 82  ? 19.135  -3.239  -9.945  1.00 60.70  ? 108 GLN A CG  1 
ATOM   1266 C CD  . GLN B 1 82  ? 19.754  -3.227  -11.329 1.00 71.99  ? 108 GLN A CD  1 
ATOM   1267 O OE1 . GLN B 1 82  ? 20.978  -3.250  -11.478 1.00 77.81  ? 108 GLN A OE1 1 
ATOM   1268 N NE2 . GLN B 1 82  ? 18.909  -3.202  -12.354 1.00 72.32  ? 108 GLN A NE2 1 
ATOM   1269 N N   . ASN B 1 83  ? 20.723  -2.342  -5.892  1.00 51.56  ? 109 ASN A N   1 
ATOM   1270 C CA  . ASN B 1 83  ? 21.633  -1.916  -4.831  1.00 52.72  ? 109 ASN A CA  1 
ATOM   1271 C C   . ASN B 1 83  ? 20.958  -0.847  -3.971  1.00 50.12  ? 109 ASN A C   1 
ATOM   1272 O O   . ASN B 1 83  ? 21.457  0.269   -3.826  1.00 52.71  ? 109 ASN A O   1 
ATOM   1273 C CB  . ASN B 1 83  ? 22.947  -1.389  -5.436  1.00 54.52  ? 109 ASN A CB  1 
ATOM   1274 C CG  . ASN B 1 83  ? 24.032  -1.150  -4.386  1.00 66.08  ? 109 ASN A CG  1 
ATOM   1275 O OD1 . ASN B 1 83  ? 24.139  -1.889  -3.402  1.00 73.81  ? 109 ASN A OD1 1 
ATOM   1276 N ND2 . ASN B 1 83  ? 24.853  -0.130  -4.604  1.00 62.70  ? 109 ASN A ND2 1 
ATOM   1277 N N   . ILE B 1 84  ? 19.809  -1.212  -3.411  1.00 48.54  ? 110 ILE A N   1 
ATOM   1278 C CA  . ILE B 1 84  ? 19.013  -0.333  -2.553  1.00 50.00  ? 110 ILE A CA  1 
ATOM   1279 C C   . ILE B 1 84  ? 19.873  0.343   -1.485  1.00 50.61  ? 110 ILE A C   1 
ATOM   1280 O O   . ILE B 1 84  ? 21.000  -0.071  -1.237  1.00 54.77  ? 110 ILE A O   1 
ATOM   1281 C CB  . ILE B 1 84  ? 17.926  -1.144  -1.796  1.00 47.54  ? 110 ILE A CB  1 
ATOM   1282 C CG1 . ILE B 1 84  ? 17.157  -2.055  -2.753  1.00 46.50  ? 110 ILE A CG1 1 
ATOM   1283 C CG2 . ILE B 1 84  ? 16.975  -0.206  -1.100  1.00 39.78  ? 110 ILE A CG2 1 
ATOM   1284 C CD1 . ILE B 1 84  ? 16.268  -1.327  -3.717  1.00 57.54  ? 110 ILE A CD1 1 
ATOM   1285 N N   . GLN B 1 85  ? 19.338  1.391   -0.865  1.00 54.71  ? 111 GLN A N   1 
ATOM   1286 C CA  . GLN B 1 85  ? 20.024  2.064   0.234   1.00 59.72  ? 111 GLN A CA  1 
ATOM   1287 C C   . GLN B 1 85  ? 19.259  3.166   0.954   1.00 56.14  ? 111 GLN A C   1 
ATOM   1288 O O   . GLN B 1 85  ? 18.513  3.927   0.352   1.00 52.24  ? 111 GLN A O   1 
ATOM   1289 C CB  . GLN B 1 85  ? 21.401  2.562   -0.185  1.00 69.99  ? 111 GLN A CB  1 
ATOM   1290 C CG  . GLN B 1 85  ? 21.492  3.260   -1.494  1.00 71.79  ? 111 GLN A CG  1 
ATOM   1291 C CD  . GLN B 1 85  ? 22.939  3.408   -1.888  1.00 82.70  ? 111 GLN A CD  1 
ATOM   1292 O OE1 . GLN B 1 85  ? 23.600  2.425   -2.235  1.00 82.14  ? 111 GLN A OE1 1 
ATOM   1293 N NE2 . GLN B 1 85  ? 23.454  4.631   -1.807  1.00 85.23  ? 111 GLN A NE2 1 
ATOM   1294 N N   . TYR B 1 86  ? 19.463  3.209   2.267   1.00 59.19  ? 112 TYR A N   1 
ATOM   1295 C CA  . TYR B 1 86  ? 18.821  4.143   3.181   1.00 57.47  ? 112 TYR A CA  1 
ATOM   1296 C C   . TYR B 1 86  ? 18.304  5.435   2.585   1.00 56.89  ? 112 TYR A C   1 
ATOM   1297 O O   . TYR B 1 86  ? 17.265  5.936   3.007   1.00 58.46  ? 112 TYR A O   1 
ATOM   1298 C CB  . TYR B 1 86  ? 19.758  4.428   4.363   1.00 56.08  ? 112 TYR A CB  1 
ATOM   1299 C CG  . TYR B 1 86  ? 19.927  3.223   5.270   1.00 65.81  ? 112 TYR A CG  1 
ATOM   1300 C CD1 . TYR B 1 86  ? 20.799  3.246   6.356   1.00 64.32  ? 112 TYR A CD1 1 
ATOM   1301 C CD2 . TYR B 1 86  ? 19.186  2.059   5.050   1.00 72.06  ? 112 TYR A CD2 1 
ATOM   1302 C CE1 . TYR B 1 86  ? 20.923  2.135   7.206   1.00 69.11  ? 112 TYR A CE1 1 
ATOM   1303 C CE2 . TYR B 1 86  ? 19.304  0.950   5.886   1.00 72.02  ? 112 TYR A CE2 1 
ATOM   1304 C CZ  . TYR B 1 86  ? 20.168  0.993   6.960   1.00 66.52  ? 112 TYR A CZ  1 
ATOM   1305 O OH  . TYR B 1 86  ? 20.252  -0.104  7.788   1.00 61.86  ? 112 TYR A OH  1 
ATOM   1306 N N   . GLU B 1 87  ? 19.015  5.983   1.606   1.00 59.67  ? 113 GLU A N   1 
ATOM   1307 C CA  . GLU B 1 87  ? 18.563  7.216   0.977   1.00 55.11  ? 113 GLU A CA  1 
ATOM   1308 C C   . GLU B 1 87  ? 17.592  6.901   -0.169  1.00 48.61  ? 113 GLU A C   1 
ATOM   1309 O O   . GLU B 1 87  ? 17.467  7.655   -1.136  1.00 41.93  ? 113 GLU A O   1 
ATOM   1310 C CB  . GLU B 1 87  ? 19.776  8.050   0.515   1.00 57.30  ? 113 GLU A CB  1 
ATOM   1311 C CG  . GLU B 1 87  ? 20.883  7.257   -0.148  1.00 64.84  ? 113 GLU A CG  1 
ATOM   1312 C CD  . GLU B 1 87  ? 20.623  7.024   -1.625  1.00 76.56  ? 113 GLU A CD  1 
ATOM   1313 O OE1 . GLU B 1 87  ? 21.315  6.173   -2.224  1.00 77.89  ? 113 GLU A OE1 1 
ATOM   1314 O OE2 . GLU B 1 87  ? 19.733  7.698   -2.191  1.00 79.95  ? 113 GLU A OE2 1 
ATOM   1315 N N   . ASP B 1 88  ? 16.902  5.768   -0.033  1.00 49.73  ? 114 ASP A N   1 
ATOM   1316 C CA  . ASP B 1 88  ? 15.914  5.318   -1.011  1.00 46.36  ? 114 ASP A CA  1 
ATOM   1317 C C   . ASP B 1 88  ? 14.554  5.157   -0.360  1.00 45.75  ? 114 ASP A C   1 
ATOM   1318 O O   . ASP B 1 88  ? 13.577  4.831   -1.026  1.00 45.30  ? 114 ASP A O   1 
ATOM   1319 C CB  . ASP B 1 88  ? 16.310  3.988   -1.645  1.00 43.62  ? 114 ASP A CB  1 
ATOM   1320 C CG  . ASP B 1 88  ? 17.210  4.163   -2.846  1.00 53.79  ? 114 ASP A CG  1 
ATOM   1321 O OD1 . ASP B 1 88  ? 17.038  5.167   -3.573  1.00 52.49  ? 114 ASP A OD1 1 
ATOM   1322 O OD2 . ASP B 1 88  ? 18.076  3.288   -3.072  1.00 61.88  ? 114 ASP A OD2 1 
ATOM   1323 N N   . ASN B 1 89  ? 14.498  5.356   0.951   1.00 44.25  ? 115 ASN A N   1 
ATOM   1324 C CA  . ASN B 1 89  ? 13.232  5.261   1.647   1.00 46.14  ? 115 ASN A CA  1 
ATOM   1325 C C   . ASN B 1 89  ? 12.383  6.394   1.074   1.00 50.73  ? 115 ASN A C   1 
ATOM   1326 O O   . ASN B 1 89  ? 12.903  7.471   0.753   1.00 50.66  ? 115 ASN A O   1 
ATOM   1327 C CB  . ASN B 1 89  ? 13.420  5.455   3.161   1.00 51.13  ? 115 ASN A CB  1 
ATOM   1328 C CG  . ASN B 1 89  ? 14.085  4.262   3.835   1.00 59.16  ? 115 ASN A CG  1 
ATOM   1329 O OD1 . ASN B 1 89  ? 13.603  3.127   3.749   1.00 66.83  ? 115 ASN A OD1 1 
ATOM   1330 N ND2 . ASN B 1 89  ? 15.191  4.517   4.522   1.00 63.43  ? 115 ASN A ND2 1 
ATOM   1331 N N   . GLY B 1 90  ? 11.084  6.146   0.935   1.00 50.15  ? 116 GLY A N   1 
ATOM   1332 C CA  . GLY B 1 90  ? 10.192  7.158   0.400   1.00 45.00  ? 116 GLY A CA  1 
ATOM   1333 C C   . GLY B 1 90  ? 9.046   6.515   -0.350  1.00 45.97  ? 116 GLY A C   1 
ATOM   1334 O O   . GLY B 1 90  ? 8.905   5.289   -0.349  1.00 40.38  ? 116 GLY A O   1 
ATOM   1335 N N   . ILE B 1 91  ? 8.222   7.330   -0.996  1.00 43.10  ? 117 ILE A N   1 
ATOM   1336 C CA  . ILE B 1 91  ? 7.100   6.786   -1.738  1.00 42.56  ? 117 ILE A CA  1 
ATOM   1337 C C   . ILE B 1 91  ? 7.408   6.831   -3.218  1.00 35.45  ? 117 ILE A C   1 
ATOM   1338 O O   . ILE B 1 91  ? 7.971   7.805   -3.705  1.00 37.36  ? 117 ILE A O   1 
ATOM   1339 C CB  . ILE B 1 91  ? 5.795   7.581   -1.480  1.00 42.89  ? 117 ILE A CB  1 
ATOM   1340 C CG1 . ILE B 1 91  ? 5.767   8.091   -0.046  1.00 43.01  ? 117 ILE A CG1 1 
ATOM   1341 C CG2 . ILE B 1 91  ? 4.579   6.667   -1.681  1.00 41.24  ? 117 ILE A CG2 1 
ATOM   1342 C CD1 . ILE B 1 91  ? 5.813   6.992   0.992   1.00 51.88  ? 117 ILE A CD1 1 
ATOM   1343 N N   . TYR B 1 92  ? 7.048   5.764   -3.924  1.00 28.23  ? 118 TYR A N   1 
ATOM   1344 C CA  . TYR B 1 92  ? 7.253   5.690   -5.361  1.00 34.35  ? 118 TYR A CA  1 
ATOM   1345 C C   . TYR B 1 92  ? 5.898   5.504   -6.020  1.00 41.83  ? 118 TYR A C   1 
ATOM   1346 O O   . TYR B 1 92  ? 5.163   4.565   -5.703  1.00 43.92  ? 118 TYR A O   1 
ATOM   1347 C CB  . TYR B 1 92  ? 8.180   4.529   -5.729  1.00 18.03  ? 118 TYR A CB  1 
ATOM   1348 C CG  . TYR B 1 92  ? 9.540   4.659   -5.099  1.00 27.23  ? 118 TYR A CG  1 
ATOM   1349 C CD1 . TYR B 1 92  ? 9.695   4.578   -3.713  1.00 28.78  ? 118 TYR A CD1 1 
ATOM   1350 C CD2 . TYR B 1 92  ? 10.670  4.937   -5.874  1.00 29.77  ? 118 TYR A CD2 1 
ATOM   1351 C CE1 . TYR B 1 92  ? 10.931  4.773   -3.110  1.00 27.08  ? 118 TYR A CE1 1 
ATOM   1352 C CE2 . TYR B 1 92  ? 11.920  5.140   -5.281  1.00 29.69  ? 118 TYR A CE2 1 
ATOM   1353 C CZ  . TYR B 1 92  ? 12.038  5.058   -3.894  1.00 34.49  ? 118 TYR A CZ  1 
ATOM   1354 O OH  . TYR B 1 92  ? 13.253  5.272   -3.286  1.00 29.65  ? 118 TYR A OH  1 
ATOM   1355 N N   . PHE B 1 93  ? 5.562   6.420   -6.919  1.00 45.15  ? 119 PHE A N   1 
ATOM   1356 C CA  . PHE B 1 93  ? 4.301   6.358   -7.632  1.00 42.62  ? 119 PHE A CA  1 
ATOM   1357 C C   . PHE B 1 93  ? 4.525   6.776   -9.066  1.00 51.32  ? 119 PHE A C   1 
ATOM   1358 O O   . PHE B 1 93  ? 5.527   7.414   -9.392  1.00 51.13  ? 119 PHE A O   1 
ATOM   1359 C CB  . PHE B 1 93  ? 3.278   7.274   -6.977  1.00 41.15  ? 119 PHE A CB  1 
ATOM   1360 C CG  . PHE B 1 93  ? 3.668   8.722   -6.982  1.00 43.19  ? 119 PHE A CG  1 
ATOM   1361 C CD1 . PHE B 1 93  ? 3.205   9.579   -7.972  1.00 46.41  ? 119 PHE A CD1 1 
ATOM   1362 C CD2 . PHE B 1 93  ? 4.474   9.240   -5.975  1.00 46.77  ? 119 PHE A CD2 1 
ATOM   1363 C CE1 . PHE B 1 93  ? 3.533   10.935  -7.958  1.00 40.66  ? 119 PHE A CE1 1 
ATOM   1364 C CE2 . PHE B 1 93  ? 4.807   10.595  -5.953  1.00 49.80  ? 119 PHE A CE2 1 
ATOM   1365 C CZ  . PHE B 1 93  ? 4.333   11.444  -6.945  1.00 38.91  ? 119 PHE A CZ  1 
ATOM   1366 N N   . CYS B 1 94  ? 3.582   6.406   -9.919  1.00 58.49  ? 120 CYS A N   1 
ATOM   1367 C CA  . CYS B 1 94  ? 3.648   6.727   -11.335 1.00 64.69  ? 120 CYS A CA  1 
ATOM   1368 C C   . CYS B 1 94  ? 2.543   7.730   -11.694 1.00 65.75  ? 120 CYS A C   1 
ATOM   1369 O O   . CYS B 1 94  ? 1.497   7.764   -11.046 1.00 56.93  ? 120 CYS A O   1 
ATOM   1370 C CB  . CYS B 1 94  ? 3.481   5.434   -12.146 1.00 61.41  ? 120 CYS A CB  1 
ATOM   1371 S SG  . CYS B 1 94  ? 2.030   4.480   -11.602 1.00 77.66  ? 120 CYS A SG  1 
ATOM   1372 N N   . LYS B 1 95  ? 2.798   8.556   -12.710 1.00 71.66  ? 121 LYS A N   1 
ATOM   1373 C CA  . LYS B 1 95  ? 1.832   9.550   -13.200 1.00 74.41  ? 121 LYS A CA  1 
ATOM   1374 C C   . LYS B 1 95  ? 1.633   9.290   -14.690 1.00 78.90  ? 121 LYS A C   1 
ATOM   1375 O O   . LYS B 1 95  ? 2.508   8.709   -15.335 1.00 79.51  ? 121 LYS A O   1 
ATOM   1376 C CB  . LYS B 1 95  ? 2.365   10.980  -13.036 1.00 68.61  ? 121 LYS A CB  1 
ATOM   1377 C CG  . LYS B 1 95  ? 2.181   11.624  -11.672 1.00 69.29  ? 121 LYS A CG  1 
ATOM   1378 C CD  . LYS B 1 95  ? 2.822   13.017  -11.667 1.00 70.22  ? 121 LYS A CD  1 
ATOM   1379 C CE  . LYS B 1 95  ? 2.773   13.699  -10.296 1.00 70.58  ? 121 LYS A CE  1 
ATOM   1380 N NZ  . LYS B 1 95  ? 3.610   14.946  -10.240 1.00 48.64  ? 121 LYS A NZ  1 
ATOM   1381 N N   . GLN B 1 96  ? 0.498   9.719   -15.238 1.00 84.57  ? 122 GLN A N   1 
ATOM   1382 C CA  . GLN B 1 96  ? 0.228   9.526   -16.662 1.00 91.65  ? 122 GLN A CA  1 
ATOM   1383 C C   . GLN B 1 96  ? -0.736  10.560  -17.226 1.00 94.91  ? 122 GLN A C   1 
ATOM   1384 O O   . GLN B 1 96  ? -1.847  10.724  -16.728 1.00 101.80 ? 122 GLN A O   1 
ATOM   1385 C CB  . GLN B 1 96  ? -0.334  8.129   -16.912 1.00 90.44  ? 122 GLN A CB  1 
ATOM   1386 C CG  . GLN B 1 96  ? -0.379  7.771   -18.381 1.00 93.55  ? 122 GLN A CG  1 
ATOM   1387 C CD  . GLN B 1 96  ? -0.818  6.344   -18.614 1.00 97.02  ? 122 GLN A CD  1 
ATOM   1388 O OE1 . GLN B 1 96  ? -0.690  5.818   -19.722 1.00 98.54  ? 122 GLN A OE1 1 
ATOM   1389 N NE2 . GLN B 1 96  ? -1.341  5.707   -17.572 1.00 93.77  ? 122 GLN A NE2 1 
ATOM   1390 N N   . LYS B 1 97  ? -0.309  11.244  -18.283 1.00 96.51  ? 123 LYS A N   1 
ATOM   1391 C CA  . LYS B 1 97  ? -1.121  12.275  -18.920 1.00 91.64  ? 123 LYS A CA  1 
ATOM   1392 C C   . LYS B 1 97  ? -2.381  11.699  -19.566 1.00 87.55  ? 123 LYS A C   1 
ATOM   1393 O O   . LYS B 1 97  ? -3.506  12.071  -19.211 1.00 77.78  ? 123 LYS A O   1 
ATOM   1394 C CB  . LYS B 1 97  ? -0.267  13.011  -19.959 1.00 91.76  ? 123 LYS A CB  1 
ATOM   1395 C CG  . LYS B 1 97  ? 1.053   13.518  -19.382 1.00 94.36  ? 123 LYS A CG  1 
ATOM   1396 C CD  . LYS B 1 97  ? 1.979   14.089  -20.442 1.00 96.72  ? 123 LYS A CD  1 
ATOM   1397 C CE  . LYS B 1 97  ? 3.257   14.643  -19.814 1.00 94.29  ? 123 LYS A CE  1 
ATOM   1398 N NZ  . LYS B 1 97  ? 4.150   15.297  -20.819 1.00 89.96  ? 123 LYS A NZ  1 
ATOM   1399 N N   . ASP B 1 107 ? -2.525  9.343   -11.883 1.00 47.41  ? 133 ASP A N   1 
ATOM   1400 C CA  . ASP B 1 107 ? -1.682  9.275   -10.692 1.00 55.86  ? 133 ASP A CA  1 
ATOM   1401 C C   . ASP B 1 107 ? -2.103  8.139   -9.721  1.00 56.88  ? 133 ASP A C   1 
ATOM   1402 O O   . ASP B 1 107 ? -3.297  7.845   -9.580  1.00 52.36  ? 133 ASP A O   1 
ATOM   1403 C CB  . ASP B 1 107 ? -1.706  10.638  -9.999  1.00 53.22  ? 133 ASP A CB  1 
ATOM   1404 C CG  . ASP B 1 107 ? -0.644  10.768  -8.935  1.00 64.08  ? 133 ASP A CG  1 
ATOM   1405 O OD1 . ASP B 1 107 ? -0.190  11.904  -8.675  1.00 66.93  ? 133 ASP A OD1 1 
ATOM   1406 O OD2 . ASP B 1 107 ? -0.267  9.735   -8.348  1.00 75.86  ? 133 ASP A OD2 1 
ATOM   1407 N N   . SER B 1 108 ? -1.121  7.502   -9.066  1.00 52.95  ? 134 SER A N   1 
ATOM   1408 C CA  . SER B 1 108 ? -1.380  6.388   -8.139  1.00 55.47  ? 134 SER A CA  1 
ATOM   1409 C C   . SER B 1 108 ? -0.990  6.643   -6.674  1.00 59.63  ? 134 SER A C   1 
ATOM   1410 O O   . SER B 1 108 ? -0.258  7.588   -6.376  1.00 58.79  ? 134 SER A O   1 
ATOM   1411 C CB  . SER B 1 108 ? -0.665  5.121   -8.633  1.00 46.98  ? 134 SER A CB  1 
ATOM   1412 O OG  . SER B 1 108 ? 0.705   5.109   -8.270  1.00 40.17  ? 134 SER A OG  1 
ATOM   1413 N N   . CYS B 1 109 ? -1.475  5.792   -5.763  1.00 62.37  ? 135 CYS A N   1 
ATOM   1414 C CA  . CYS B 1 109 ? -1.163  5.953   -4.341  1.00 69.96  ? 135 CYS A CA  1 
ATOM   1415 C C   . CYS B 1 109 ? 0.269   5.522   -4.038  1.00 70.10  ? 135 CYS A C   1 
ATOM   1416 O O   . CYS B 1 109 ? 0.808   5.796   -2.956  1.00 68.23  ? 135 CYS A O   1 
ATOM   1417 C CB  . CYS B 1 109 ? -2.166  5.191   -3.447  1.00 76.07  ? 135 CYS A CB  1 
ATOM   1418 S SG  . CYS B 1 109 ? -2.307  3.373   -3.592  1.00 95.99  ? 135 CYS A SG  1 
ATOM   1419 N N   . GLY B 1 110 ? 0.875   4.846   -5.012  1.00 63.71  ? 136 GLY A N   1 
ATOM   1420 C CA  . GLY B 1 110 ? 2.256   4.416   -4.896  1.00 52.11  ? 136 GLY A CA  1 
ATOM   1421 C C   . GLY B 1 110 ? 2.680   3.422   -3.834  1.00 42.24  ? 136 GLY A C   1 
ATOM   1422 O O   . GLY B 1 110 ? 1.875   2.858   -3.092  1.00 30.16  ? 136 GLY A O   1 
ATOM   1423 N N   . THR B 1 111 ? 3.988   3.218   -3.774  1.00 40.42  ? 137 THR A N   1 
ATOM   1424 C CA  . THR B 1 111 ? 4.582   2.291   -2.833  1.00 42.75  ? 137 THR A CA  1 
ATOM   1425 C C   . THR B 1 111 ? 5.532   2.997   -1.890  1.00 36.68  ? 137 THR A C   1 
ATOM   1426 O O   . THR B 1 111 ? 6.245   3.911   -2.280  1.00 41.85  ? 137 THR A O   1 
ATOM   1427 C CB  . THR B 1 111 ? 5.375   1.204   -3.565  1.00 43.86  ? 137 THR A CB  1 
ATOM   1428 O OG1 . THR B 1 111 ? 4.581   0.675   -4.633  1.00 53.98  ? 137 THR A OG1 1 
ATOM   1429 C CG2 . THR B 1 111 ? 5.746   0.085   -2.604  1.00 39.85  ? 137 THR A CG2 1 
ATOM   1430 N N   . GLU B 1 112 ? 5.532   2.565   -0.639  1.00 36.83  ? 138 GLU A N   1 
ATOM   1431 C CA  . GLU B 1 112 ? 6.419   3.133   0.355   1.00 32.87  ? 138 GLU A CA  1 
ATOM   1432 C C   . GLU B 1 112 ? 7.541   2.122   0.530   1.00 35.80  ? 138 GLU A C   1 
ATOM   1433 O O   . GLU B 1 112 ? 7.298   0.938   0.767   1.00 32.45  ? 138 GLU A O   1 
ATOM   1434 C CB  . GLU B 1 112 ? 5.687   3.321   1.677   1.00 32.83  ? 138 GLU A CB  1 
ATOM   1435 C CG  . GLU B 1 112 ? 6.454   4.154   2.678   1.00 39.46  ? 138 GLU A CG  1 
ATOM   1436 C CD  . GLU B 1 112 ? 5.829   4.117   4.052   1.00 51.22  ? 138 GLU A CD  1 
ATOM   1437 O OE1 . GLU B 1 112 ? 5.823   3.030   4.665   1.00 69.47  ? 138 GLU A OE1 1 
ATOM   1438 O OE2 . GLU B 1 112 ? 5.341   5.167   4.520   1.00 52.42  ? 138 GLU A OE2 1 
ATOM   1439 N N   . LEU B 1 113 ? 8.775   2.582   0.395   1.00 36.36  ? 139 LEU A N   1 
ATOM   1440 C CA  . LEU B 1 113 ? 9.907   1.691   0.546   1.00 34.51  ? 139 LEU A CA  1 
ATOM   1441 C C   . LEU B 1 113 ? 10.666  1.964   1.835   1.00 37.65  ? 139 LEU A C   1 
ATOM   1442 O O   . LEU B 1 113 ? 11.023  3.107   2.134   1.00 26.25  ? 139 LEU A O   1 
ATOM   1443 C CB  . LEU B 1 113 ? 10.854  1.831   -0.640  1.00 32.06  ? 139 LEU A CB  1 
ATOM   1444 C CG  . LEU B 1 113 ? 12.130  0.996   -0.529  1.00 32.31  ? 139 LEU A CG  1 
ATOM   1445 C CD1 . LEU B 1 113 ? 11.798  -0.489  -0.725  1.00 29.17  ? 139 LEU A CD1 1 
ATOM   1446 C CD2 . LEU B 1 113 ? 13.133  1.477   -1.569  1.00 34.31  ? 139 LEU A CD2 1 
ATOM   1447 N N   . LEU B 1 114 ? 10.903  0.892   2.589   1.00 42.51  ? 140 LEU A N   1 
ATOM   1448 C CA  . LEU B 1 114 ? 11.627  0.946   3.852   1.00 40.11  ? 140 LEU A CA  1 
ATOM   1449 C C   . LEU B 1 114 ? 12.828  0.022   3.750   1.00 43.57  ? 140 LEU A C   1 
ATOM   1450 O O   . LEU B 1 114 ? 12.671  -1.191  3.555   1.00 39.12  ? 140 LEU A O   1 
ATOM   1451 C CB  . LEU B 1 114 ? 10.727  0.476   4.987   1.00 42.87  ? 140 LEU A CB  1 
ATOM   1452 C CG  . LEU B 1 114 ? 11.413  0.284   6.335   1.00 41.24  ? 140 LEU A CG  1 
ATOM   1453 C CD1 . LEU B 1 114 ? 11.839  1.630   6.919   1.00 35.61  ? 140 LEU A CD1 1 
ATOM   1454 C CD2 . LEU B 1 114 ? 10.454  -0.439  7.255   1.00 44.95  ? 140 LEU A CD2 1 
ATOM   1455 N N   . VAL B 1 115 ? 14.022  0.598   3.889   1.00 40.06  ? 141 VAL A N   1 
ATOM   1456 C CA  . VAL B 1 115 ? 15.270  -0.164  3.799   1.00 44.08  ? 141 VAL A CA  1 
ATOM   1457 C C   . VAL B 1 115 ? 15.664  -0.810  5.134   1.00 49.13  ? 141 VAL A C   1 
ATOM   1458 O O   . VAL B 1 115 ? 15.288  -0.308  6.197   1.00 54.15  ? 141 VAL A O   1 
ATOM   1459 C CB  . VAL B 1 115 ? 16.403  0.745   3.297   1.00 36.65  ? 141 VAL A CB  1 
ATOM   1460 C CG1 . VAL B 1 115 ? 17.690  -0.051  3.143   1.00 38.12  ? 141 VAL A CG1 1 
ATOM   1461 C CG2 . VAL B 1 115 ? 15.991  1.370   1.968   1.00 17.62  ? 141 VAL A CG2 1 
ATOM   1462 N N   . LEU B 1 116 ? 16.424  -1.910  5.080   1.00 48.13  ? 142 LEU A N   1 
ATOM   1463 C CA  . LEU B 1 116 ? 16.823  -2.624  6.301   1.00 53.38  ? 142 LEU A CA  1 
ATOM   1464 C C   . LEU B 1 116 ? 18.336  -2.843  6.554   1.00 56.47  ? 142 LEU A C   1 
ATOM   1465 O O   . LEU B 1 116 ? 18.917  -2.222  7.447   1.00 42.20  ? 142 LEU A O   1 
ATOM   1466 C CB  . LEU B 1 116 ? 16.080  -3.966  6.355   1.00 43.41  ? 142 LEU A CB  1 
ATOM   1467 C CG  . LEU B 1 116 ? 14.567  -3.860  6.123   1.00 32.86  ? 142 LEU A CG  1 
ATOM   1468 C CD1 . LEU B 1 116 ? 13.962  -5.231  5.898   1.00 17.92  ? 142 LEU A CD1 1 
ATOM   1469 C CD2 . LEU B 1 116 ? 13.922  -3.175  7.307   1.00 28.14  ? 142 LEU A CD2 1 
ATOM   1470 N N   . GLY B 1 117 ? 18.969  -3.742  5.800   1.00 66.25  ? 143 GLY A N   1 
ATOM   1471 C CA  . GLY B 1 117 ? 20.398  -3.978  5.990   1.00 69.01  ? 143 GLY A CA  1 
ATOM   1472 C C   . GLY B 1 117 ? 20.825  -5.399  6.315   1.00 66.91  ? 143 GLY A C   1 
ATOM   1473 O O   . GLY B 1 117 ? 20.316  -6.362  5.749   1.00 65.78  ? 143 GLY A O   1 
ATOM   1474 N N   . PHE B 1 118 ? 21.792  -5.527  7.214   1.00 72.17  ? 144 PHE A N   1 
ATOM   1475 C CA  . PHE B 1 118 ? 22.289  -6.832  7.636   1.00 69.99  ? 144 PHE A CA  1 
ATOM   1476 C C   . PHE B 1 118 ? 22.480  -6.791  9.153   1.00 70.20  ? 144 PHE A C   1 
ATOM   1477 O O   . PHE B 1 118 ? 21.824  -7.520  9.898   1.00 69.94  ? 144 PHE A O   1 
ATOM   1478 C CB  . PHE B 1 118 ? 23.637  -7.149  6.978   1.00 72.11  ? 144 PHE A CB  1 
ATOM   1479 C CG  . PHE B 1 118 ? 23.597  -7.237  5.471   1.00 71.34  ? 144 PHE A CG  1 
ATOM   1480 C CD1 . PHE B 1 118 ? 23.373  -6.104  4.691   1.00 62.33  ? 144 PHE A CD1 1 
ATOM   1481 C CD2 . PHE B 1 118 ? 23.830  -8.459  4.832   1.00 69.60  ? 144 PHE A CD2 1 
ATOM   1482 C CE1 . PHE B 1 118 ? 23.390  -6.193  3.300   1.00 62.61  ? 144 PHE A CE1 1 
ATOM   1483 C CE2 . PHE B 1 118 ? 23.849  -8.558  3.440   1.00 51.33  ? 144 PHE A CE2 1 
ATOM   1484 C CZ  . PHE B 1 118 ? 23.629  -7.431  2.673   1.00 56.42  ? 144 PHE A CZ  1 
HETATM 1485 S S   . SO4 C 2 .   ? -12.939 9.254   1.413   1.00 101.65 ? 900 SO4 B S   1 
HETATM 1486 O O1  . SO4 C 2 .   ? -14.133 9.420   2.267   1.00 97.66  ? 900 SO4 B O1  1 
HETATM 1487 O O2  . SO4 C 2 .   ? -11.721 9.381   2.238   1.00 100.00 ? 900 SO4 B O2  1 
HETATM 1488 O O3  . SO4 C 2 .   ? -12.962 7.924   0.763   1.00 94.66  ? 900 SO4 B O3  1 
HETATM 1489 O O4  . SO4 C 2 .   ? -12.940 10.305  0.377   1.00 103.45 ? 900 SO4 B O4  1 
HETATM 1490 S S   . SO4 D 2 .   ? 23.408  -1.745  7.841   1.00 59.47  ? 800 SO4 A S   1 
HETATM 1491 O O1  . SO4 D 2 .   ? 22.757  -1.723  9.164   1.00 64.67  ? 800 SO4 A O1  1 
HETATM 1492 O O2  . SO4 D 2 .   ? 24.870  -1.581  8.004   1.00 49.73  ? 800 SO4 A O2  1 
HETATM 1493 O O3  . SO4 D 2 .   ? 23.086  -3.025  7.172   1.00 55.01  ? 800 SO4 A O3  1 
HETATM 1494 O O4  . SO4 D 2 .   ? 22.896  -0.630  7.032   1.00 57.32  ? 800 SO4 A O4  1 
HETATM 1495 O O   . HOH E 3 .   ? 0.787   -3.956  13.430  1.00 55.62  ? 1   HOH B O   1 
HETATM 1496 O O   . HOH E 3 .   ? -7.039  -11.699 20.737  1.00 24.50  ? 3   HOH B O   1 
HETATM 1497 O O   . HOH E 3 .   ? -13.045 -11.339 13.361  1.00 16.32  ? 6   HOH B O   1 
HETATM 1498 O O   . HOH E 3 .   ? -9.553  -9.573  13.635  1.00 44.25  ? 9   HOH B O   1 
HETATM 1499 O O   . HOH E 3 .   ? -10.150 2.088   -12.557 1.00 34.26  ? 14  HOH B O   1 
HETATM 1500 O O   . HOH E 3 .   ? -6.324  -12.171 12.830  1.00 20.69  ? 16  HOH B O   1 
HETATM 1501 O O   . HOH E 3 .   ? 2.312   4.484   8.636   1.00 37.56  ? 22  HOH B O   1 
HETATM 1502 O O   . HOH E 3 .   ? -10.131 0.946   27.396  1.00 47.25  ? 24  HOH B O   1 
HETATM 1503 O O   . HOH E 3 .   ? -0.111  -18.701 2.644   1.00 41.56  ? 26  HOH B O   1 
HETATM 1504 O O   . HOH E 3 .   ? -6.950  -4.451  23.096  1.00 42.05  ? 160 HOH B O   1 
HETATM 1505 O O   . HOH F 3 .   ? 21.503  -10.109 5.848   1.00 34.85  ? 4   HOH A O   1 
HETATM 1506 O O   . HOH F 3 .   ? -2.386  2.655   -6.816  1.00 24.53  ? 11  HOH A O   1 
HETATM 1507 O O   . HOH F 3 .   ? -7.378  6.145   -11.417 1.00 43.26  ? 12  HOH A O   1 
HETATM 1508 O O   . HOH F 3 .   ? 11.002  20.822  -1.283  1.00 23.81  ? 15  HOH A O   1 
HETATM 1509 O O   . HOH F 3 .   ? 0.766   9.673   -3.911  1.00 27.99  ? 160 HOH A O   1 
HETATM 1510 O O   . HOH F 3 .   ? -9.008  7.938   -18.375 1.00 46.40  ? 161 HOH A O   1 
# 
